data_9C21
#
_entry.id   9C21
#
_cell.length_a   1.00
_cell.length_b   1.00
_cell.length_c   1.00
_cell.angle_alpha   90.00
_cell.angle_beta   90.00
_cell.angle_gamma   90.00
#
_symmetry.space_group_name_H-M   'P 1'
#
_entity_poly.entity_id   1
_entity_poly.type   'polypeptide(L)'
_entity_poly.pdbx_seq_one_letter_code
;MDDDIAALVVDNGSGMCKAGFAGDDAPRAVFPSIVGRPRHQGVMVGMGQKDSYVGDEAQSKRGILTLKYPIE(HIC)GIV
TNWDDMEKIWHHTFYNELRVAPEEHPVLLTEAPLNPKANREKMTQIMFETFNTPAMYVAIQAVLSLYASGRTTGIVMDSG
DGVTHTVPIYEGYALPHAILRLDLAGRDLTDYLMKILTERGYSFTTTAEREIVRDIKEKLCYVALDFEQEMATAASSSSL
EKSYELPDGQVITIGNERFRCPEALFQPSFLGMESCGIHETTFNSIMKCDVDIRKDLYANTVLSGGTTMYPGIADRMQKE
ITALAPSTMKIKIIAPPERKYSVWIGGSILASLSTFQQMWISKQEYDESGPSIVHRKCF
;
_entity_poly.pdbx_strand_id   A,B,C,D,E,F
#
# COMPACT_ATOMS: atom_id res chain seq x y z
N ILE A 5 26.93 -5.26 68.36
CA ILE A 5 26.22 -5.71 69.56
C ILE A 5 24.81 -6.12 69.21
N ALA A 6 24.08 -6.63 70.20
CA ALA A 6 22.71 -7.09 69.99
C ALA A 6 21.77 -5.90 69.93
N ALA A 7 21.02 -5.80 68.84
CA ALA A 7 20.07 -4.70 68.67
C ALA A 7 18.87 -4.90 69.59
N LEU A 8 18.22 -3.79 69.92
CA LEU A 8 17.06 -3.78 70.81
C LEU A 8 15.81 -3.47 70.00
N VAL A 9 14.77 -4.28 70.19
CA VAL A 9 13.49 -4.09 69.52
C VAL A 9 12.46 -3.71 70.57
N VAL A 10 11.80 -2.57 70.36
CA VAL A 10 10.83 -2.09 71.32
C VAL A 10 9.52 -1.78 70.64
N ASP A 11 8.45 -2.45 71.04
CA ASP A 11 7.13 -2.15 70.49
C ASP A 11 6.28 -1.47 71.53
N ASN A 12 5.96 -0.20 71.32
CA ASN A 12 5.18 0.59 72.26
C ASN A 12 3.69 0.54 71.98
N GLY A 13 3.26 -0.20 70.95
CA GLY A 13 1.86 -0.34 70.63
C GLY A 13 1.19 -1.40 71.49
N SER A 14 -0.04 -1.75 71.09
CA SER A 14 -0.83 -2.79 71.75
C SER A 14 -1.12 -2.44 73.22
N GLY A 15 -0.94 -1.18 73.59
CA GLY A 15 -1.24 -0.73 74.94
C GLY A 15 -0.17 -1.04 75.95
N MET A 16 0.60 -2.11 75.72
CA MET A 16 1.66 -2.53 76.62
C MET A 16 2.99 -2.49 75.90
N CYS A 17 3.97 -1.80 76.48
CA CYS A 17 5.29 -1.69 75.86
C CYS A 17 6.04 -3.01 76.02
N LYS A 18 6.36 -3.64 74.90
CA LYS A 18 7.10 -4.90 74.88
C LYS A 18 8.46 -4.67 74.24
N ALA A 19 9.52 -4.98 74.98
CA ALA A 19 10.87 -4.73 74.51
C ALA A 19 11.78 -5.87 74.90
N GLY A 20 12.85 -6.05 74.14
CA GLY A 20 13.80 -7.11 74.42
C GLY A 20 14.84 -7.17 73.32
N PHE A 21 15.84 -8.01 73.57
CA PHE A 21 16.95 -8.15 72.64
C PHE A 21 16.49 -8.84 71.36
N ALA A 22 17.16 -8.52 70.26
CA ALA A 22 16.84 -9.11 68.97
C ALA A 22 17.34 -10.55 68.90
N GLY A 23 16.54 -11.42 68.27
CA GLY A 23 16.86 -12.82 68.10
C GLY A 23 16.02 -13.74 68.96
N ASP A 24 15.60 -13.29 70.13
CA ASP A 24 14.81 -14.13 71.02
C ASP A 24 13.41 -14.36 70.45
N ASP A 25 12.83 -15.51 70.79
CA ASP A 25 11.49 -15.86 70.34
C ASP A 25 10.40 -15.20 71.19
N ALA A 26 10.74 -14.62 72.33
CA ALA A 26 9.80 -13.93 73.19
C ALA A 26 10.45 -12.66 73.72
N PRO A 27 9.66 -11.61 73.96
CA PRO A 27 10.23 -10.38 74.51
C PRO A 27 10.73 -10.59 75.93
N ARG A 28 11.83 -9.91 76.27
CA ARG A 28 12.41 -10.05 77.60
C ARG A 28 11.57 -9.35 78.65
N ALA A 29 11.12 -8.14 78.36
CA ALA A 29 10.35 -7.34 79.30
C ALA A 29 9.03 -6.91 78.66
N VAL A 30 7.94 -7.09 79.38
CA VAL A 30 6.62 -6.64 78.94
C VAL A 30 5.89 -6.05 80.13
N PHE A 31 5.20 -4.94 79.89
CA PHE A 31 4.46 -4.23 80.93
C PHE A 31 3.56 -3.20 80.25
N PRO A 32 2.47 -2.80 80.90
CA PRO A 32 1.60 -1.78 80.31
C PRO A 32 2.35 -0.47 80.11
N SER A 33 2.07 0.19 78.98
CA SER A 33 2.64 1.50 78.69
C SER A 33 1.82 2.54 79.44
N ILE A 34 2.09 2.64 80.75
CA ILE A 34 1.26 3.39 81.67
C ILE A 34 2.15 4.21 82.59
N VAL A 35 1.74 5.44 82.87
CA VAL A 35 2.47 6.34 83.77
C VAL A 35 1.51 6.79 84.85
N GLY A 36 1.93 6.66 86.10
CA GLY A 36 1.09 6.99 87.24
C GLY A 36 1.66 8.16 88.03
N ARG A 37 0.77 9.00 88.53
CA ARG A 37 1.13 10.13 89.37
C ARG A 37 0.19 10.20 90.57
N PRO A 38 0.68 10.62 91.73
CA PRO A 38 -0.15 10.61 92.93
C PRO A 38 -1.34 11.55 92.80
N ARG A 39 -2.46 11.14 93.41
CA ARG A 39 -3.67 11.95 93.39
C ARG A 39 -3.92 12.68 94.71
N HIS A 40 -3.29 12.24 95.80
CA HIS A 40 -3.48 12.86 97.11
C HIS A 40 -2.13 13.14 97.74
N GLN A 41 -2.05 14.25 98.48
CA GLN A 41 -0.82 14.58 99.20
C GLN A 41 -0.60 13.59 100.33
N GLY A 42 0.62 13.06 100.42
CA GLY A 42 0.91 12.03 101.39
C GLY A 42 1.20 12.60 102.77
N VAL A 43 1.03 11.73 103.78
CA VAL A 43 1.35 12.06 105.16
C VAL A 43 2.60 11.33 105.63
N MET A 44 2.82 10.12 105.13
CA MET A 44 4.06 9.40 105.40
C MET A 44 5.26 10.23 104.96
N VAL A 45 6.25 10.37 105.84
CA VAL A 45 7.46 11.09 105.49
C VAL A 45 8.66 10.14 105.40
N GLY A 46 8.69 9.12 106.25
CA GLY A 46 9.77 8.16 106.20
C GLY A 46 9.72 7.30 104.95
N MET A 47 8.53 6.91 104.53
CA MET A 47 8.37 6.08 103.34
C MET A 47 8.86 6.81 102.11
N GLY A 48 9.62 6.11 101.27
CA GLY A 48 10.14 6.71 100.05
C GLY A 48 9.01 6.93 99.05
N GLN A 49 8.70 8.20 98.78
CA GLN A 49 7.64 8.56 97.83
C GLN A 49 8.29 9.16 96.59
N LYS A 50 8.03 8.56 95.44
CA LYS A 50 8.54 9.06 94.18
C LYS A 50 7.44 9.80 93.43
N ASP A 51 7.85 10.84 92.68
CA ASP A 51 6.89 11.73 92.04
C ASP A 51 6.09 11.03 90.96
N SER A 52 6.70 10.09 90.24
CA SER A 52 6.03 9.42 89.12
C SER A 52 6.25 7.92 89.21
N TYR A 53 5.22 7.17 88.82
CA TYR A 53 5.28 5.72 88.73
C TYR A 53 5.04 5.30 87.29
N VAL A 54 5.83 4.34 86.82
CA VAL A 54 5.81 3.91 85.43
C VAL A 54 5.73 2.39 85.37
N GLY A 55 4.77 1.88 84.61
CA GLY A 55 4.74 0.46 84.30
C GLY A 55 4.22 -0.37 85.46
N ASP A 56 5.00 -1.40 85.82
CA ASP A 56 4.53 -2.38 86.80
C ASP A 56 4.31 -1.76 88.17
N GLU A 57 5.15 -0.80 88.56
CA GLU A 57 4.94 -0.13 89.84
C GLU A 57 3.62 0.63 89.86
N ALA A 58 3.32 1.34 88.77
CA ALA A 58 2.05 2.04 88.66
C ALA A 58 0.89 1.05 88.68
N GLN A 59 1.06 -0.11 88.06
CA GLN A 59 0.03 -1.13 88.10
C GLN A 59 -0.19 -1.62 89.53
N SER A 60 0.89 -1.81 90.28
CA SER A 60 0.79 -2.26 91.66
C SER A 60 0.07 -1.23 92.52
N LYS A 61 0.39 0.05 92.35
CA LYS A 61 -0.24 1.13 93.10
C LYS A 61 -1.36 1.79 92.30
N ARG A 62 -2.10 0.98 91.52
CA ARG A 62 -3.10 1.50 90.60
C ARG A 62 -4.22 2.25 91.32
N GLY A 63 -4.55 1.84 92.55
CA GLY A 63 -5.71 2.39 93.23
C GLY A 63 -5.56 3.82 93.69
N ILE A 64 -4.33 4.30 93.89
CA ILE A 64 -4.12 5.63 94.43
C ILE A 64 -3.30 6.48 93.46
N LEU A 65 -3.36 6.16 92.18
CA LEU A 65 -2.63 6.91 91.16
C LEU A 65 -3.57 7.28 90.02
N THR A 66 -3.21 8.35 89.32
CA THR A 66 -3.86 8.70 88.07
C THR A 66 -3.04 8.13 86.92
N LEU A 67 -3.71 7.47 85.99
CA LEU A 67 -3.05 6.73 84.92
C LEU A 67 -3.33 7.40 83.58
N LYS A 68 -2.28 7.77 82.87
CA LYS A 68 -2.38 8.39 81.56
C LYS A 68 -1.55 7.58 80.58
N TYR A 69 -2.20 7.05 79.55
CA TYR A 69 -1.48 6.34 78.50
C TYR A 69 -0.80 7.35 77.59
N PRO A 70 0.53 7.34 77.47
CA PRO A 70 1.18 8.27 76.54
C PRO A 70 0.75 8.07 75.10
N ILE A 71 0.60 6.83 74.68
CA ILE A 71 0.28 6.59 73.29
C ILE A 71 -1.21 6.56 73.19
N GLU A 72 -1.76 7.48 72.41
CA GLU A 72 -3.19 7.54 72.23
C GLU A 72 -3.45 7.22 70.78
N HIS A 73 -4.44 6.39 70.51
CA HIS A 73 -4.67 5.94 69.12
C HIS A 73 -3.35 5.44 68.66
N GLY A 74 -2.73 6.12 67.72
CA GLY A 74 -1.38 5.74 67.31
C GLY A 74 -0.45 6.92 67.39
N ILE A 75 -0.80 7.91 68.20
CA ILE A 75 0.00 9.13 68.26
C ILE A 75 0.39 9.36 69.72
N VAL A 76 1.43 10.15 69.93
CA VAL A 76 1.92 10.42 71.28
C VAL A 76 1.19 11.63 71.83
N THR A 77 0.65 11.49 73.04
CA THR A 77 -0.02 12.61 73.70
C THR A 77 0.82 13.24 74.80
N ASN A 78 1.91 12.59 75.22
CA ASN A 78 2.78 13.17 76.25
C ASN A 78 4.19 12.63 76.02
N TRP A 79 5.01 13.44 75.34
CA TRP A 79 6.37 13.01 75.05
C TRP A 79 7.20 12.88 76.31
N ASP A 80 6.93 13.68 77.34
CA ASP A 80 7.62 13.50 78.61
C ASP A 80 7.30 12.15 79.22
N ASP A 81 6.03 11.75 79.20
CA ASP A 81 5.66 10.45 79.74
C ASP A 81 6.26 9.31 78.93
N MET A 82 6.28 9.44 77.60
CA MET A 82 6.88 8.37 76.80
C MET A 82 8.40 8.32 76.99
N GLU A 83 9.04 9.47 77.21
CA GLU A 83 10.45 9.46 77.54
C GLU A 83 10.69 8.75 78.88
N LYS A 84 9.81 8.99 79.85
CA LYS A 84 9.92 8.29 81.13
C LYS A 84 9.76 6.78 80.94
N ILE A 85 8.79 6.37 80.13
CA ILE A 85 8.58 4.94 79.88
C ILE A 85 9.80 4.34 79.20
N TRP A 86 10.37 5.05 78.23
CA TRP A 86 11.55 4.53 77.55
C TRP A 86 12.74 4.44 78.49
N HIS A 87 12.91 5.43 79.38
CA HIS A 87 13.97 5.35 80.37
C HIS A 87 13.76 4.15 81.29
N HIS A 88 12.52 3.89 81.70
CA HIS A 88 12.23 2.71 82.50
C HIS A 88 12.58 1.44 81.75
N THR A 89 12.21 1.36 80.47
CA THR A 89 12.52 0.18 79.69
C THR A 89 14.03 -0.04 79.57
N PHE A 90 14.77 1.03 79.32
CA PHE A 90 16.19 0.92 79.07
C PHE A 90 17.02 0.70 80.33
N TYR A 91 16.57 1.18 81.48
CA TYR A 91 17.41 1.12 82.68
C TYR A 91 16.87 0.22 83.78
N ASN A 92 15.56 0.04 83.89
CA ASN A 92 14.98 -0.74 84.98
C ASN A 92 14.36 -2.05 84.53
N GLU A 93 14.20 -2.27 83.23
CA GLU A 93 13.61 -3.50 82.72
C GLU A 93 14.61 -4.33 81.93
N LEU A 94 15.23 -3.75 80.90
CA LEU A 94 16.20 -4.49 80.11
C LEU A 94 17.61 -4.44 80.70
N ARG A 95 17.89 -3.43 81.53
CA ARG A 95 19.18 -3.28 82.21
C ARG A 95 20.33 -3.25 81.21
N VAL A 96 20.22 -2.34 80.25
CA VAL A 96 21.25 -2.17 79.22
C VAL A 96 21.36 -0.70 78.88
N ALA A 97 22.59 -0.20 78.87
CA ALA A 97 22.82 1.20 78.52
C ALA A 97 22.62 1.40 77.02
N PRO A 98 21.71 2.26 76.59
CA PRO A 98 21.50 2.45 75.15
C PRO A 98 22.65 3.14 74.44
N GLU A 99 23.67 3.58 75.18
CA GLU A 99 24.81 4.27 74.58
C GLU A 99 25.62 3.37 73.66
N GLU A 100 25.43 2.05 73.72
CA GLU A 100 26.19 1.15 72.87
C GLU A 100 25.33 0.02 72.28
N HIS A 101 24.03 0.24 72.16
CA HIS A 101 23.13 -0.78 71.62
C HIS A 101 22.17 -0.14 70.62
N PRO A 102 22.20 -0.57 69.36
CA PRO A 102 21.24 -0.03 68.38
C PRO A 102 19.81 -0.41 68.74
N VAL A 103 18.87 0.46 68.38
CA VAL A 103 17.49 0.33 68.81
C VAL A 103 16.58 0.33 67.58
N LEU A 104 15.53 -0.48 67.65
CA LEU A 104 14.50 -0.55 66.62
C LEU A 104 13.14 -0.35 67.28
N LEU A 105 12.28 0.42 66.62
CA LEU A 105 10.96 0.74 67.15
C LEU A 105 9.89 0.41 66.13
N THR A 106 8.64 0.55 66.56
CA THR A 106 7.48 0.28 65.71
C THR A 106 6.55 1.48 65.73
N GLU A 107 5.85 1.67 64.61
CA GLU A 107 4.88 2.76 64.49
C GLU A 107 3.79 2.34 63.52
N ALA A 108 2.56 2.71 63.84
CA ALA A 108 1.43 2.35 62.98
C ALA A 108 1.50 3.13 61.67
N PRO A 109 0.99 2.55 60.58
CA PRO A 109 0.97 3.27 59.31
C PRO A 109 0.00 4.43 59.35
N LEU A 110 0.24 5.40 58.46
CA LEU A 110 -0.53 6.63 58.40
C LEU A 110 -0.49 7.37 59.75
N ASN A 111 0.74 7.70 60.15
CA ASN A 111 0.98 8.39 61.41
C ASN A 111 1.77 9.66 61.15
N PRO A 112 1.53 10.71 61.93
CA PRO A 112 2.21 11.99 61.70
C PRO A 112 3.73 11.89 61.74
N LYS A 113 4.39 12.39 60.68
CA LYS A 113 5.84 12.47 60.77
C LYS A 113 6.28 13.51 61.78
N ALA A 114 5.38 14.36 62.27
CA ALA A 114 5.70 15.12 63.46
C ALA A 114 5.96 14.20 64.64
N ASN A 115 5.10 13.19 64.81
CA ASN A 115 5.32 12.18 65.84
C ASN A 115 6.59 11.40 65.58
N ARG A 116 6.82 11.01 64.33
CA ARG A 116 8.03 10.25 64.02
C ARG A 116 9.30 11.07 64.28
N GLU A 117 9.27 12.35 63.92
CA GLU A 117 10.41 13.22 64.16
C GLU A 117 10.66 13.43 65.65
N LYS A 118 9.61 13.63 66.44
CA LYS A 118 9.83 13.75 67.87
C LYS A 118 10.37 12.45 68.46
N MET A 119 9.89 11.31 67.96
CA MET A 119 10.44 10.02 68.37
C MET A 119 11.95 9.96 68.12
N THR A 120 12.35 10.25 66.88
CA THR A 120 13.76 10.16 66.53
C THR A 120 14.60 11.16 67.31
N GLN A 121 14.10 12.39 67.47
CA GLN A 121 14.84 13.42 68.20
C GLN A 121 15.03 13.02 69.66
N ILE A 122 13.97 12.50 70.29
CA ILE A 122 14.09 12.05 71.67
C ILE A 122 15.13 10.95 71.78
N MET A 123 15.03 9.94 70.93
CA MET A 123 15.93 8.80 71.04
C MET A 123 17.36 9.13 70.67
N PHE A 124 17.59 10.18 69.89
CA PHE A 124 18.95 10.52 69.47
C PHE A 124 19.60 11.58 70.35
N GLU A 125 18.82 12.46 70.97
CA GLU A 125 19.40 13.50 71.82
C GLU A 125 19.32 13.17 73.30
N THR A 126 18.50 12.19 73.69
CA THR A 126 18.40 11.79 75.09
C THR A 126 19.17 10.51 75.38
N PHE A 127 18.93 9.45 74.61
CA PHE A 127 19.59 8.17 74.82
C PHE A 127 20.84 8.00 73.97
N ASN A 128 21.12 8.95 73.07
CA ASN A 128 22.27 8.94 72.16
C ASN A 128 22.61 7.55 71.65
N THR A 129 21.61 6.83 71.14
CA THR A 129 21.84 5.49 70.63
C THR A 129 22.63 5.53 69.33
N PRO A 130 23.68 4.71 69.18
CA PRO A 130 24.47 4.71 67.94
C PRO A 130 23.64 4.59 66.67
N ALA A 131 22.55 3.85 66.66
CA ALA A 131 21.75 3.68 65.46
C ALA A 131 20.29 3.52 65.86
N MET A 132 19.41 3.75 64.89
CA MET A 132 17.97 3.70 65.16
C MET A 132 17.25 3.40 63.86
N TYR A 133 16.02 2.91 63.98
CA TYR A 133 15.17 2.65 62.83
C TYR A 133 13.72 2.57 63.30
N VAL A 134 12.80 2.96 62.42
CA VAL A 134 11.38 2.90 62.70
C VAL A 134 10.71 2.07 61.61
N ALA A 135 9.93 1.08 62.01
CA ALA A 135 9.26 0.19 61.08
C ALA A 135 7.77 0.13 61.37
N ILE A 136 7.02 -0.37 60.40
CA ILE A 136 5.58 -0.52 60.52
C ILE A 136 5.28 -1.79 61.32
N GLN A 137 4.29 -1.70 62.21
CA GLN A 137 3.99 -2.82 63.10
C GLN A 137 3.51 -4.03 62.32
N ALA A 138 2.58 -3.83 61.39
CA ALA A 138 1.98 -4.98 60.72
C ALA A 138 2.95 -5.63 59.73
N VAL A 139 3.88 -4.85 59.19
CA VAL A 139 4.97 -5.45 58.41
C VAL A 139 5.80 -6.37 59.29
N LEU A 140 6.04 -5.96 60.54
CA LEU A 140 6.72 -6.84 61.48
C LEU A 140 5.88 -8.08 61.78
N SER A 141 4.57 -7.93 61.86
CA SER A 141 3.71 -9.11 62.05
C SER A 141 3.85 -10.08 60.89
N LEU A 142 3.87 -9.55 59.67
CA LEU A 142 4.08 -10.40 58.49
C LEU A 142 5.47 -11.05 58.54
N TYR A 143 6.46 -10.33 59.06
CA TYR A 143 7.77 -10.93 59.26
C TYR A 143 7.68 -12.13 60.20
N ALA A 144 6.96 -11.97 61.30
CA ALA A 144 6.83 -13.04 62.28
C ALA A 144 6.10 -14.23 61.70
N SER A 145 5.06 -13.99 60.89
CA SER A 145 4.34 -15.08 60.24
C SER A 145 5.18 -15.82 59.22
N GLY A 146 6.33 -15.29 58.82
CA GLY A 146 7.20 -15.96 57.87
C GLY A 146 6.87 -15.75 56.41
N ARG A 147 5.59 -15.81 56.05
CA ARG A 147 5.18 -15.65 54.66
C ARG A 147 5.53 -14.26 54.15
N THR A 148 5.97 -14.19 52.89
CA THR A 148 6.31 -12.93 52.24
C THR A 148 5.18 -12.38 51.40
N THR A 149 3.96 -12.89 51.61
CA THR A 149 2.79 -12.41 50.90
C THR A 149 1.53 -12.65 51.71
N GLY A 150 0.69 -11.63 51.83
CA GLY A 150 -0.56 -11.76 52.55
C GLY A 150 -0.90 -10.56 53.40
N ILE A 151 -2.17 -10.16 53.38
CA ILE A 151 -2.61 -9.01 54.16
C ILE A 151 -2.49 -9.32 55.65
N VAL A 152 -1.98 -8.36 56.40
CA VAL A 152 -1.87 -8.46 57.85
C VAL A 152 -2.82 -7.44 58.45
N MET A 153 -3.80 -7.92 59.23
CA MET A 153 -4.75 -7.04 59.89
C MET A 153 -4.29 -6.91 61.33
N ASP A 154 -3.55 -5.83 61.60
CA ASP A 154 -3.10 -5.55 62.95
C ASP A 154 -4.12 -4.69 63.67
N SER A 155 -4.36 -5.01 64.94
CA SER A 155 -5.30 -4.23 65.74
C SER A 155 -4.79 -4.23 67.18
N GLY A 156 -4.00 -3.20 67.50
CA GLY A 156 -3.51 -3.00 68.85
C GLY A 156 -4.52 -2.27 69.71
N ASP A 157 -4.08 -1.89 70.91
CA ASP A 157 -4.95 -1.16 71.81
C ASP A 157 -5.23 0.26 71.30
N GLY A 158 -4.46 0.76 70.35
CA GLY A 158 -4.66 2.10 69.85
C GLY A 158 -5.09 2.19 68.40
N VAL A 159 -4.61 1.26 67.56
CA VAL A 159 -4.82 1.34 66.12
C VAL A 159 -5.37 0.02 65.61
N THR A 160 -6.03 0.07 64.47
CA THR A 160 -6.46 -1.11 63.72
C THR A 160 -6.21 -0.84 62.25
N HIS A 161 -5.19 -1.47 61.68
CA HIS A 161 -4.75 -1.18 60.33
C HIS A 161 -4.42 -2.47 59.58
N THR A 162 -4.50 -2.40 58.25
CA THR A 162 -4.14 -3.49 57.37
C THR A 162 -3.21 -2.97 56.28
N VAL A 163 -2.12 -3.69 56.04
CA VAL A 163 -1.19 -3.32 54.97
C VAL A 163 -0.94 -4.53 54.06
N PRO A 164 -1.73 -4.70 53.00
CA PRO A 164 -1.51 -5.84 52.10
C PRO A 164 -0.12 -5.78 51.48
N ILE A 165 0.55 -6.93 51.47
CA ILE A 165 1.89 -7.06 50.92
C ILE A 165 1.91 -8.29 50.01
N TYR A 166 2.44 -8.13 48.80
CA TYR A 166 2.50 -9.21 47.83
C TYR A 166 3.91 -9.39 47.30
N GLU A 167 4.43 -10.61 47.43
CA GLU A 167 5.66 -11.04 46.77
C GLU A 167 6.82 -10.07 47.00
N GLY A 168 6.94 -9.58 48.23
CA GLY A 168 8.07 -8.76 48.60
C GLY A 168 7.87 -7.26 48.51
N TYR A 169 6.75 -6.80 47.98
CA TYR A 169 6.49 -5.37 47.86
C TYR A 169 5.18 -5.03 48.54
N ALA A 170 5.18 -3.97 49.34
CA ALA A 170 3.98 -3.52 50.02
C ALA A 170 3.07 -2.77 49.05
N LEU A 171 1.88 -2.44 49.52
CA LEU A 171 0.88 -1.72 48.73
C LEU A 171 0.46 -0.48 49.51
N PRO A 172 1.25 0.59 49.45
CA PRO A 172 0.93 1.79 50.24
C PRO A 172 -0.39 2.45 49.85
N HIS A 173 -0.91 2.18 48.67
CA HIS A 173 -2.16 2.78 48.24
C HIS A 173 -3.39 2.04 48.75
N ALA A 174 -3.21 0.88 49.38
CA ALA A 174 -4.32 0.09 49.90
C ALA A 174 -4.30 -0.01 51.42
N ILE A 175 -3.61 0.91 52.09
CA ILE A 175 -3.51 0.88 53.54
C ILE A 175 -4.75 1.54 54.12
N LEU A 176 -5.49 0.81 54.94
CA LEU A 176 -6.67 1.31 55.62
C LEU A 176 -6.42 1.29 57.12
N ARG A 177 -6.56 2.44 57.76
CA ARG A 177 -6.38 2.57 59.20
C ARG A 177 -7.72 2.86 59.85
N LEU A 178 -8.02 2.18 60.95
CA LEU A 178 -9.30 2.29 61.61
C LEU A 178 -9.09 2.53 63.10
N ASP A 179 -10.02 3.26 63.72
CA ASP A 179 -9.78 3.79 65.05
C ASP A 179 -10.23 2.82 66.15
N LEU A 180 -11.17 1.92 65.86
CA LEU A 180 -11.63 0.98 66.87
C LEU A 180 -10.48 0.09 67.33
N ALA A 181 -10.34 -0.04 68.64
CA ALA A 181 -9.18 -0.70 69.22
C ALA A 181 -9.50 -1.10 70.65
N GLY A 182 -8.45 -1.44 71.40
CA GLY A 182 -8.63 -1.88 72.77
C GLY A 182 -9.24 -0.81 73.66
N ARG A 183 -8.81 0.44 73.48
CA ARG A 183 -9.36 1.52 74.30
C ARG A 183 -10.85 1.72 74.02
N ASP A 184 -11.25 1.70 72.74
CA ASP A 184 -12.65 1.87 72.42
C ASP A 184 -13.48 0.69 72.92
N LEU A 185 -12.95 -0.53 72.81
CA LEU A 185 -13.65 -1.69 73.33
C LEU A 185 -13.80 -1.61 74.84
N THR A 186 -12.77 -1.12 75.53
CA THR A 186 -12.86 -0.94 76.98
C THR A 186 -13.90 0.12 77.33
N ASP A 187 -13.97 1.20 76.55
CA ASP A 187 -14.99 2.21 76.79
C ASP A 187 -16.39 1.66 76.60
N TYR A 188 -16.59 0.87 75.55
CA TYR A 188 -17.89 0.25 75.34
C TYR A 188 -18.22 -0.73 76.46
N LEU A 189 -17.22 -1.44 76.97
CA LEU A 189 -17.46 -2.32 78.11
C LEU A 189 -17.85 -1.52 79.34
N MET A 190 -17.21 -0.35 79.54
CA MET A 190 -17.64 0.55 80.61
C MET A 190 -19.11 0.91 80.46
N LYS A 191 -19.50 1.35 79.26
CA LYS A 191 -20.87 1.79 79.06
C LYS A 191 -21.86 0.66 79.29
N ILE A 192 -21.54 -0.55 78.81
CA ILE A 192 -22.47 -1.66 78.99
C ILE A 192 -22.45 -2.16 80.43
N LEU A 193 -21.36 -1.98 81.16
CA LEU A 193 -21.34 -2.38 82.56
C LEU A 193 -22.18 -1.44 83.40
N THR A 194 -22.08 -0.12 83.17
CA THR A 194 -22.99 0.79 83.87
C THR A 194 -24.42 0.63 83.36
N GLU A 195 -24.58 0.08 82.16
CA GLU A 195 -25.91 -0.33 81.70
C GLU A 195 -26.46 -1.46 82.58
N ARG A 196 -25.61 -2.44 82.90
CA ARG A 196 -26.07 -3.51 83.78
C ARG A 196 -26.28 -3.04 85.21
N GLY A 197 -25.43 -2.14 85.70
CA GLY A 197 -25.56 -1.62 87.04
C GLY A 197 -24.25 -1.37 87.74
N TYR A 198 -23.16 -1.92 87.21
CA TYR A 198 -21.82 -1.73 87.78
C TYR A 198 -21.19 -0.51 87.12
N SER A 199 -21.19 0.61 87.84
CA SER A 199 -20.66 1.86 87.30
C SER A 199 -19.16 1.92 87.52
N PHE A 200 -18.40 2.15 86.45
CA PHE A 200 -16.96 2.32 86.51
C PHE A 200 -16.57 3.67 85.92
N THR A 201 -15.97 4.51 86.75
CA THR A 201 -15.43 5.78 86.27
C THR A 201 -14.18 6.17 87.05
N THR A 202 -13.02 5.73 86.57
CA THR A 202 -11.72 5.95 87.18
C THR A 202 -10.71 5.26 86.26
N THR A 203 -9.45 5.67 86.35
CA THR A 203 -8.41 4.96 85.61
C THR A 203 -8.22 3.55 86.15
N ALA A 204 -8.29 3.39 87.47
CA ALA A 204 -8.22 2.06 88.08
C ALA A 204 -9.39 1.21 87.62
N GLU A 205 -10.58 1.81 87.60
CA GLU A 205 -11.77 1.12 87.11
C GLU A 205 -11.58 0.74 85.65
N ARG A 206 -10.95 1.62 84.88
CA ARG A 206 -10.70 1.33 83.46
C ARG A 206 -9.77 0.14 83.31
N GLU A 207 -8.74 0.06 84.14
CA GLU A 207 -7.82 -1.07 84.06
C GLU A 207 -8.51 -2.36 84.47
N ILE A 208 -9.37 -2.30 85.50
CA ILE A 208 -10.13 -3.48 85.89
C ILE A 208 -11.06 -3.92 84.76
N VAL A 209 -11.69 -2.97 84.10
CA VAL A 209 -12.57 -3.29 82.97
C VAL A 209 -11.77 -3.90 81.83
N ARG A 210 -10.55 -3.41 81.61
CA ARG A 210 -9.69 -4.00 80.59
C ARG A 210 -9.35 -5.44 80.94
N ASP A 211 -9.05 -5.71 82.21
CA ASP A 211 -8.79 -7.09 82.63
C ASP A 211 -10.01 -7.97 82.41
N ILE A 212 -11.20 -7.46 82.75
CA ILE A 212 -12.43 -8.21 82.52
C ILE A 212 -12.62 -8.49 81.04
N LYS A 213 -12.34 -7.50 80.19
CA LYS A 213 -12.43 -7.70 78.76
C LYS A 213 -11.48 -8.79 78.29
N GLU A 214 -10.26 -8.79 78.81
CA GLU A 214 -9.30 -9.81 78.42
C GLU A 214 -9.75 -11.20 78.84
N LYS A 215 -10.30 -11.33 80.04
CA LYS A 215 -10.55 -12.64 80.62
C LYS A 215 -11.98 -13.15 80.47
N LEU A 216 -12.89 -12.36 79.89
CA LEU A 216 -14.29 -12.80 79.80
C LEU A 216 -14.94 -12.59 78.44
N CYS A 217 -14.48 -11.65 77.62
CA CYS A 217 -15.16 -11.32 76.38
C CYS A 217 -14.79 -12.30 75.27
N TYR A 218 -15.74 -12.52 74.37
CA TYR A 218 -15.52 -13.38 73.21
C TYR A 218 -16.45 -12.94 72.10
N VAL A 219 -16.12 -13.36 70.87
CA VAL A 219 -16.88 -12.98 69.69
C VAL A 219 -17.70 -14.16 69.23
N ALA A 220 -18.99 -13.93 69.00
CA ALA A 220 -19.88 -15.00 68.57
C ALA A 220 -19.76 -15.23 67.06
N LEU A 221 -20.50 -16.22 66.57
CA LEU A 221 -20.57 -16.49 65.14
C LEU A 221 -21.80 -15.92 64.48
N ASP A 222 -22.88 -15.72 65.24
CA ASP A 222 -24.09 -15.07 64.71
C ASP A 222 -24.68 -14.23 65.85
N PHE A 223 -24.57 -12.91 65.71
CA PHE A 223 -24.87 -12.01 66.82
C PHE A 223 -26.32 -12.11 67.27
N GLU A 224 -27.25 -12.15 66.31
CA GLU A 224 -28.67 -12.18 66.67
C GLU A 224 -29.01 -13.44 67.47
N GLN A 225 -28.57 -14.60 66.98
CA GLN A 225 -28.87 -15.84 67.67
C GLN A 225 -28.17 -15.91 69.01
N GLU A 226 -26.94 -15.40 69.11
CA GLU A 226 -26.25 -15.38 70.39
C GLU A 226 -26.98 -14.49 71.39
N MET A 227 -27.45 -13.32 70.94
CA MET A 227 -28.19 -12.42 71.82
C MET A 227 -29.48 -13.09 72.30
N ALA A 228 -30.20 -13.74 71.38
CA ALA A 228 -31.43 -14.42 71.77
C ALA A 228 -31.15 -15.53 72.77
N THR A 229 -30.11 -16.32 72.53
CA THR A 229 -29.77 -17.41 73.44
C THR A 229 -29.41 -16.88 74.82
N ALA A 230 -28.60 -15.82 74.87
CA ALA A 230 -28.19 -15.28 76.16
C ALA A 230 -29.35 -14.63 76.90
N ALA A 231 -30.28 -14.01 76.17
CA ALA A 231 -31.42 -13.38 76.82
C ALA A 231 -32.50 -14.38 77.23
N SER A 232 -32.55 -15.55 76.60
CA SER A 232 -33.58 -16.55 76.91
C SER A 232 -33.08 -17.63 77.85
N SER A 233 -32.04 -18.36 77.45
CA SER A 233 -31.59 -19.51 78.25
C SER A 233 -30.83 -19.06 79.49
N SER A 234 -30.13 -17.93 79.42
CA SER A 234 -29.31 -17.42 80.53
C SER A 234 -28.29 -18.45 80.99
N SER A 235 -27.72 -19.18 80.03
CA SER A 235 -26.67 -20.14 80.32
C SER A 235 -25.27 -19.61 80.01
N LEU A 236 -25.16 -18.49 79.31
CA LEU A 236 -23.87 -17.88 78.98
C LEU A 236 -23.35 -16.98 80.09
N GLU A 237 -24.09 -16.83 81.18
CA GLU A 237 -23.69 -15.93 82.25
C GLU A 237 -22.41 -16.42 82.91
N LYS A 238 -21.49 -15.50 83.19
CA LYS A 238 -20.25 -15.81 83.87
C LYS A 238 -20.00 -14.77 84.95
N SER A 239 -19.22 -15.17 85.96
CA SER A 239 -18.94 -14.32 87.10
C SER A 239 -17.48 -13.90 87.10
N TYR A 240 -17.21 -12.78 87.75
CA TYR A 240 -15.85 -12.27 87.89
C TYR A 240 -15.71 -11.68 89.29
N GLU A 241 -14.48 -11.73 89.81
CA GLU A 241 -14.19 -11.26 91.16
C GLU A 241 -13.36 -9.99 91.09
N LEU A 242 -13.93 -8.88 91.57
CA LEU A 242 -13.19 -7.63 91.65
C LEU A 242 -12.23 -7.66 92.84
N PRO A 243 -11.19 -6.82 92.81
CA PRO A 243 -10.29 -6.74 93.97
C PRO A 243 -10.99 -6.30 95.25
N ASP A 244 -12.11 -5.60 95.15
CA ASP A 244 -12.86 -5.20 96.34
C ASP A 244 -13.65 -6.34 96.95
N GLY A 245 -13.85 -7.44 96.22
CA GLY A 245 -14.56 -8.59 96.74
C GLY A 245 -15.99 -8.76 96.26
N GLN A 246 -16.50 -7.83 95.45
CA GLN A 246 -17.87 -7.92 94.94
C GLN A 246 -17.87 -8.64 93.59
N VAL A 247 -18.68 -9.67 93.47
CA VAL A 247 -18.74 -10.44 92.24
C VAL A 247 -19.54 -9.69 91.18
N ILE A 248 -19.19 -9.91 89.92
CA ILE A 248 -19.88 -9.31 88.79
C ILE A 248 -20.37 -10.42 87.88
N THR A 249 -21.67 -10.46 87.63
CA THR A 249 -22.26 -11.41 86.70
C THR A 249 -22.45 -10.73 85.35
N ILE A 250 -21.90 -11.32 84.30
CA ILE A 250 -21.87 -10.70 82.98
C ILE A 250 -22.58 -11.63 82.01
N GLY A 251 -23.54 -11.08 81.26
CA GLY A 251 -24.31 -11.86 80.31
C GLY A 251 -24.05 -11.49 78.87
N ASN A 252 -24.94 -10.69 78.28
CA ASN A 252 -24.78 -10.29 76.88
C ASN A 252 -23.49 -9.50 76.66
N GLU A 253 -22.96 -8.89 77.72
CA GLU A 253 -21.77 -8.06 77.59
C GLU A 253 -20.60 -8.85 77.02
N ARG A 254 -20.54 -10.15 77.30
CA ARG A 254 -19.42 -10.97 76.85
C ARG A 254 -19.22 -10.87 75.34
N PHE A 255 -20.30 -10.98 74.57
CA PHE A 255 -20.21 -10.89 73.12
C PHE A 255 -20.76 -9.58 72.57
N ARG A 256 -21.09 -8.63 73.44
CA ARG A 256 -21.42 -7.28 72.99
C ARG A 256 -20.23 -6.33 73.08
N CYS A 257 -19.30 -6.55 74.01
CA CYS A 257 -18.10 -5.73 74.09
C CYS A 257 -17.23 -5.84 72.85
N PRO A 258 -16.92 -7.03 72.34
CA PRO A 258 -16.10 -7.12 71.12
C PRO A 258 -16.90 -7.19 69.82
N GLU A 259 -18.22 -7.06 69.87
CA GLU A 259 -19.01 -7.02 68.65
C GLU A 259 -18.88 -5.67 67.95
N ALA A 260 -18.41 -4.64 68.67
CA ALA A 260 -18.22 -3.33 68.07
C ALA A 260 -17.17 -3.36 66.97
N LEU A 261 -16.24 -4.32 67.03
CA LEU A 261 -15.23 -4.44 65.99
C LEU A 261 -15.85 -4.74 64.63
N PHE A 262 -16.99 -5.44 64.62
CA PHE A 262 -17.69 -5.75 63.39
C PHE A 262 -18.90 -4.87 63.12
N GLN A 263 -19.50 -4.29 64.16
CA GLN A 263 -20.63 -3.38 64.02
C GLN A 263 -20.30 -2.11 64.78
N PRO A 264 -19.47 -1.22 64.21
CA PRO A 264 -19.12 0.02 64.91
C PRO A 264 -20.28 0.97 65.10
N SER A 265 -21.45 0.66 64.55
CA SER A 265 -22.64 1.46 64.82
C SER A 265 -22.99 1.48 66.30
N PHE A 266 -22.54 0.47 67.05
CA PHE A 266 -22.77 0.47 68.49
C PHE A 266 -22.05 1.63 69.16
N LEU A 267 -20.79 1.87 68.78
CA LEU A 267 -20.06 3.03 69.28
C LEU A 267 -20.38 4.30 68.49
N GLY A 268 -21.12 4.20 67.40
CA GLY A 268 -21.61 5.36 66.70
C GLY A 268 -20.76 5.82 65.54
N MET A 269 -19.53 5.35 65.44
CA MET A 269 -18.69 5.73 64.31
C MET A 269 -19.26 5.16 63.01
N GLU A 270 -19.25 5.98 61.96
CA GLU A 270 -19.80 5.56 60.68
C GLU A 270 -18.89 4.57 59.97
N SER A 271 -17.62 4.48 60.37
CA SER A 271 -16.69 3.57 59.71
C SER A 271 -17.18 2.14 59.81
N CYS A 272 -16.94 1.37 58.76
CA CYS A 272 -17.37 -0.01 58.71
C CYS A 272 -16.50 -0.88 59.61
N GLY A 273 -16.97 -2.11 59.83
CA GLY A 273 -16.31 -3.00 60.77
C GLY A 273 -14.95 -3.45 60.30
N ILE A 274 -14.28 -4.22 61.17
CA ILE A 274 -12.94 -4.70 60.88
C ILE A 274 -12.95 -5.63 59.66
N HIS A 275 -13.91 -6.54 59.61
CA HIS A 275 -14.00 -7.46 58.47
C HIS A 275 -14.27 -6.71 57.17
N GLU A 276 -15.17 -5.71 57.22
CA GLU A 276 -15.46 -4.94 56.02
C GLU A 276 -14.25 -4.13 55.58
N THR A 277 -13.49 -3.58 56.52
CA THR A 277 -12.28 -2.85 56.14
C THR A 277 -11.24 -3.78 55.53
N THR A 278 -11.10 -4.99 56.09
CA THR A 278 -10.18 -5.96 55.50
C THR A 278 -10.60 -6.30 54.08
N PHE A 279 -11.89 -6.52 53.87
CA PHE A 279 -12.40 -6.84 52.53
C PHE A 279 -12.17 -5.68 51.56
N ASN A 280 -12.41 -4.45 52.03
CA ASN A 280 -12.18 -3.28 51.18
C ASN A 280 -10.71 -3.15 50.83
N SER A 281 -9.82 -3.39 51.79
CA SER A 281 -8.40 -3.34 51.50
C SER A 281 -8.01 -4.43 50.50
N ILE A 282 -8.67 -5.58 50.57
CA ILE A 282 -8.42 -6.65 49.61
C ILE A 282 -8.81 -6.19 48.20
N MET A 283 -9.99 -5.58 48.06
CA MET A 283 -10.41 -5.15 46.73
C MET A 283 -9.62 -3.94 46.23
N LYS A 284 -9.02 -3.16 47.15
CA LYS A 284 -8.25 -2.01 46.74
C LYS A 284 -6.99 -2.39 45.95
N CYS A 285 -6.50 -3.62 46.12
CA CYS A 285 -5.27 -4.03 45.47
C CYS A 285 -5.54 -4.42 44.01
N ASP A 286 -4.52 -4.98 43.38
CA ASP A 286 -4.64 -5.39 41.98
C ASP A 286 -5.57 -6.59 41.86
N VAL A 287 -6.16 -6.74 40.67
CA VAL A 287 -7.12 -7.81 40.43
C VAL A 287 -6.47 -9.18 40.36
N ASP A 288 -5.16 -9.25 40.14
CA ASP A 288 -4.47 -10.54 40.03
C ASP A 288 -3.96 -11.08 41.35
N ILE A 289 -3.55 -10.19 42.27
CA ILE A 289 -2.98 -10.62 43.54
C ILE A 289 -4.03 -10.73 44.63
N ARG A 290 -5.31 -10.73 44.27
CA ARG A 290 -6.36 -10.78 45.28
C ARG A 290 -6.42 -12.14 45.98
N LYS A 291 -6.27 -13.22 45.21
CA LYS A 291 -6.47 -14.55 45.80
C LYS A 291 -5.38 -14.89 46.80
N ASP A 292 -4.13 -14.51 46.53
CA ASP A 292 -3.06 -14.78 47.48
C ASP A 292 -3.27 -14.00 48.77
N LEU A 293 -3.76 -12.77 48.67
CA LEU A 293 -4.12 -12.01 49.87
C LEU A 293 -5.25 -12.71 50.62
N TYR A 294 -6.24 -13.22 49.89
CA TYR A 294 -7.35 -13.90 50.53
C TYR A 294 -6.87 -15.12 51.31
N ALA A 295 -5.96 -15.89 50.70
CA ALA A 295 -5.50 -17.14 51.31
C ALA A 295 -4.50 -16.93 52.43
N ASN A 296 -4.02 -15.71 52.66
CA ASN A 296 -2.96 -15.47 53.63
C ASN A 296 -3.24 -14.24 54.47
N THR A 297 -4.48 -14.09 54.94
CA THR A 297 -4.79 -13.02 55.88
C THR A 297 -4.20 -13.36 57.24
N VAL A 298 -3.51 -12.39 57.85
CA VAL A 298 -2.80 -12.59 59.11
C VAL A 298 -3.35 -11.61 60.13
N LEU A 299 -3.65 -12.10 61.32
CA LEU A 299 -4.07 -11.27 62.44
C LEU A 299 -2.93 -11.09 63.43
N SER A 300 -2.99 -10.00 64.17
CA SER A 300 -1.98 -9.68 65.18
C SER A 300 -2.59 -8.71 66.18
N GLY A 301 -1.73 -8.11 67.00
CA GLY A 301 -2.18 -7.11 67.95
C GLY A 301 -2.67 -7.72 69.25
N GLY A 302 -3.10 -6.83 70.14
CA GLY A 302 -3.58 -7.24 71.45
C GLY A 302 -5.08 -7.29 71.55
N THR A 303 -5.79 -6.89 70.49
CA THR A 303 -7.24 -6.95 70.44
C THR A 303 -7.74 -8.07 69.53
N THR A 304 -6.92 -9.08 69.31
CA THR A 304 -7.28 -10.22 68.48
C THR A 304 -7.37 -11.51 69.27
N MET A 305 -6.81 -11.56 70.48
CA MET A 305 -6.79 -12.79 71.26
C MET A 305 -8.18 -13.38 71.44
N TYR A 306 -9.24 -12.58 71.33
CA TYR A 306 -10.57 -13.00 71.75
C TYR A 306 -10.91 -14.36 71.15
N PRO A 307 -11.68 -15.17 71.88
CA PRO A 307 -12.14 -16.45 71.31
C PRO A 307 -13.11 -16.22 70.16
N GLY A 308 -13.06 -17.12 69.17
CA GLY A 308 -13.97 -17.09 68.05
C GLY A 308 -13.74 -15.98 67.04
N ILE A 309 -12.70 -15.16 67.25
CA ILE A 309 -12.45 -14.06 66.33
C ILE A 309 -12.14 -14.58 64.94
N ALA A 310 -11.32 -15.64 64.85
CA ALA A 310 -10.95 -16.21 63.56
C ALA A 310 -12.18 -16.77 62.85
N ASP A 311 -13.02 -17.49 63.58
CA ASP A 311 -14.22 -18.05 62.97
C ASP A 311 -15.16 -16.97 62.46
N ARG A 312 -15.40 -15.94 63.28
CA ARG A 312 -16.29 -14.87 62.86
C ARG A 312 -15.73 -14.11 61.67
N MET A 313 -14.43 -13.82 61.68
CA MET A 313 -13.81 -13.15 60.57
C MET A 313 -13.88 -13.98 59.30
N GLN A 314 -13.64 -15.29 59.42
CA GLN A 314 -13.74 -16.17 58.26
C GLN A 314 -15.14 -16.18 57.68
N LYS A 315 -16.15 -16.29 58.54
CA LYS A 315 -17.53 -16.31 58.06
C LYS A 315 -17.89 -15.00 57.37
N GLU A 316 -17.55 -13.87 57.99
CA GLU A 316 -17.92 -12.58 57.43
C GLU A 316 -17.19 -12.31 56.12
N ILE A 317 -15.89 -12.63 56.06
CA ILE A 317 -15.12 -12.38 54.84
C ILE A 317 -15.52 -13.37 53.74
N THR A 318 -16.03 -14.55 54.11
CA THR A 318 -16.56 -15.46 53.11
C THR A 318 -17.87 -14.94 52.54
N ALA A 319 -18.73 -14.40 53.41
CA ALA A 319 -19.97 -13.81 52.93
C ALA A 319 -19.70 -12.61 52.02
N LEU A 320 -18.73 -11.78 52.38
CA LEU A 320 -18.43 -10.60 51.59
C LEU A 320 -17.73 -10.96 50.28
N ALA A 321 -16.75 -11.84 50.34
CA ALA A 321 -15.94 -12.18 49.17
C ALA A 321 -16.73 -13.08 48.22
N PRO A 322 -16.36 -13.09 46.94
CA PRO A 322 -17.02 -13.99 45.99
C PRO A 322 -16.78 -15.45 46.34
N SER A 323 -17.68 -16.30 45.86
CA SER A 323 -17.58 -17.73 46.09
C SER A 323 -16.40 -18.34 45.34
N THR A 324 -16.22 -19.65 45.47
CA THR A 324 -15.07 -20.36 44.88
C THR A 324 -13.77 -19.70 45.31
N MET A 325 -13.72 -19.20 46.55
CA MET A 325 -12.57 -18.49 47.06
C MET A 325 -12.29 -18.98 48.48
N LYS A 326 -11.07 -19.43 48.71
CA LYS A 326 -10.66 -19.97 50.00
C LYS A 326 -9.96 -18.89 50.81
N ILE A 327 -10.58 -18.49 51.91
CA ILE A 327 -10.02 -17.46 52.78
C ILE A 327 -9.57 -18.09 54.08
N LYS A 328 -8.32 -18.51 54.16
CA LYS A 328 -7.78 -19.09 55.37
C LYS A 328 -7.32 -18.01 56.34
N ILE A 329 -8.07 -17.78 57.40
CA ILE A 329 -7.73 -16.76 58.37
C ILE A 329 -6.58 -17.27 59.23
N ILE A 330 -5.36 -16.87 58.90
CA ILE A 330 -4.18 -17.34 59.64
C ILE A 330 -4.13 -16.58 60.96
N ALA A 331 -4.43 -17.27 62.06
CA ALA A 331 -4.43 -16.69 63.40
C ALA A 331 -3.58 -17.56 64.30
N PRO A 332 -2.26 -17.46 64.19
CA PRO A 332 -1.39 -18.29 65.01
C PRO A 332 -1.43 -17.84 66.46
N PRO A 333 -1.03 -18.70 67.40
CA PRO A 333 -0.87 -18.25 68.79
C PRO A 333 0.23 -17.21 68.90
N GLU A 334 0.27 -16.56 70.05
CA GLU A 334 1.19 -15.46 70.36
C GLU A 334 0.98 -14.26 69.45
N ARG A 335 -0.25 -14.00 69.00
CA ARG A 335 -0.53 -12.80 68.23
C ARG A 335 -0.24 -11.54 69.05
N LYS A 336 -0.31 -11.66 70.37
CA LYS A 336 -0.04 -10.51 71.24
C LYS A 336 1.38 -10.03 71.08
N TYR A 337 2.33 -10.96 70.97
CA TYR A 337 3.75 -10.62 70.85
C TYR A 337 4.28 -10.84 69.44
N SER A 338 3.40 -11.12 68.46
CA SER A 338 3.86 -11.37 67.10
C SER A 338 4.59 -10.17 66.52
N VAL A 339 4.13 -8.96 66.85
CA VAL A 339 4.79 -7.76 66.35
C VAL A 339 6.23 -7.71 66.86
N TRP A 340 6.43 -7.98 68.15
CA TRP A 340 7.78 -7.97 68.70
C TRP A 340 8.63 -9.08 68.10
N ILE A 341 8.04 -10.26 67.88
CA ILE A 341 8.79 -11.36 67.27
C ILE A 341 9.26 -10.96 65.87
N GLY A 342 8.37 -10.34 65.10
CA GLY A 342 8.76 -9.88 63.78
C GLY A 342 9.84 -8.81 63.83
N GLY A 343 9.74 -7.89 64.78
CA GLY A 343 10.79 -6.90 64.95
C GLY A 343 12.13 -7.53 65.28
N SER A 344 12.12 -8.54 66.15
CA SER A 344 13.35 -9.24 66.49
C SER A 344 13.93 -9.94 65.27
N ILE A 345 13.07 -10.56 64.46
CA ILE A 345 13.54 -11.23 63.24
C ILE A 345 14.16 -10.21 62.29
N LEU A 346 13.50 -9.06 62.11
CA LEU A 346 14.01 -8.05 61.21
C LEU A 346 15.35 -7.50 61.68
N ALA A 347 15.49 -7.27 62.98
CA ALA A 347 16.76 -6.76 63.50
C ALA A 347 17.85 -7.82 63.41
N SER A 348 17.50 -9.10 63.56
CA SER A 348 18.50 -10.16 63.47
C SER A 348 18.95 -10.41 62.05
N LEU A 349 18.08 -10.15 61.06
CA LEU A 349 18.48 -10.31 59.67
C LEU A 349 19.71 -9.45 59.35
N SER A 350 20.68 -10.06 58.67
CA SER A 350 21.94 -9.37 58.39
C SER A 350 21.82 -8.36 57.27
N THR A 351 20.98 -8.64 56.26
CA THR A 351 20.83 -7.69 55.16
C THR A 351 20.24 -6.37 55.64
N PHE A 352 19.28 -6.44 56.56
CA PHE A 352 18.64 -5.23 57.08
C PHE A 352 19.59 -4.41 57.94
N GLN A 353 20.69 -4.99 58.41
CA GLN A 353 21.60 -4.29 59.31
C GLN A 353 22.27 -3.08 58.67
N GLN A 354 22.24 -2.97 57.34
CA GLN A 354 22.86 -1.84 56.67
C GLN A 354 21.90 -0.69 56.43
N MET A 355 20.59 -0.93 56.55
CA MET A 355 19.56 0.10 56.33
C MET A 355 19.21 0.85 57.59
N TRP A 356 20.13 0.98 58.55
CA TRP A 356 19.84 1.64 59.80
C TRP A 356 20.21 3.12 59.70
N ILE A 357 19.59 3.93 60.57
CA ILE A 357 19.88 5.36 60.63
C ILE A 357 20.96 5.55 61.69
N SER A 358 22.20 5.72 61.22
CA SER A 358 23.32 5.88 62.15
C SER A 358 23.30 7.28 62.77
N LYS A 359 24.04 7.42 63.88
CA LYS A 359 24.12 8.71 64.56
C LYS A 359 24.78 9.76 63.68
N GLN A 360 25.83 9.37 62.95
CA GLN A 360 26.49 10.30 62.04
C GLN A 360 25.54 10.78 60.95
N GLU A 361 24.78 9.86 60.37
CA GLU A 361 23.81 10.24 59.34
C GLU A 361 22.75 11.17 59.92
N TYR A 362 22.29 10.90 61.15
CA TYR A 362 21.33 11.78 61.78
C TYR A 362 21.90 13.18 61.95
N ASP A 363 23.08 13.29 62.57
CA ASP A 363 23.69 14.60 62.77
C ASP A 363 23.95 15.30 61.43
N GLU A 364 24.17 14.55 60.36
CA GLU A 364 24.40 15.16 59.06
C GLU A 364 23.11 15.73 58.47
N SER A 365 22.01 14.98 58.52
CA SER A 365 20.80 15.38 57.81
C SER A 365 19.62 15.64 58.72
N GLY A 366 19.25 14.69 59.55
CA GLY A 366 18.13 14.87 60.47
C GLY A 366 16.77 14.36 60.00
N PRO A 367 15.71 15.10 60.31
CA PRO A 367 14.35 14.71 59.92
C PRO A 367 14.22 14.11 58.53
N SER A 368 14.99 14.62 57.60
CA SER A 368 14.94 14.09 56.25
C SER A 368 15.47 12.67 56.26
N ILE A 369 16.66 12.50 56.83
CA ILE A 369 17.17 11.14 56.97
C ILE A 369 16.13 10.19 57.53
N VAL A 370 15.23 10.66 58.39
CA VAL A 370 14.30 9.71 59.01
C VAL A 370 13.02 9.42 58.24
N HIS A 371 12.58 10.32 57.38
CA HIS A 371 11.42 10.03 56.56
C HIS A 371 11.90 9.57 55.22
N ARG A 372 13.19 9.28 55.12
CA ARG A 372 13.76 8.79 53.88
C ARG A 372 14.18 7.34 54.04
N LYS A 373 14.17 6.85 55.27
CA LYS A 373 14.49 5.45 55.51
C LYS A 373 13.37 4.85 56.36
N CYS A 374 12.27 4.49 55.72
CA CYS A 374 11.11 3.95 56.43
C CYS A 374 10.26 3.10 55.50
N ILE B 5 27.12 -27.59 14.87
CA ILE B 5 26.22 -27.77 16.01
C ILE B 5 24.78 -27.50 15.59
N ALA B 6 23.85 -27.72 16.51
CA ALA B 6 22.44 -27.51 16.22
C ALA B 6 22.10 -26.03 16.24
N ALA B 7 21.54 -25.53 15.14
CA ALA B 7 21.16 -24.14 15.05
C ALA B 7 19.94 -23.85 15.91
N LEU B 8 19.82 -22.60 16.33
CA LEU B 8 18.73 -22.14 17.18
C LEU B 8 17.79 -21.26 16.38
N VAL B 9 16.49 -21.55 16.46
CA VAL B 9 15.46 -20.78 15.77
C VAL B 9 14.64 -20.06 16.82
N VAL B 10 14.55 -18.73 16.70
CA VAL B 10 13.82 -17.94 17.67
C VAL B 10 12.82 -17.05 16.99
N ASP B 11 11.55 -17.22 17.31
CA ASP B 11 10.52 -16.33 16.75
C ASP B 11 9.98 -15.42 17.82
N ASN B 12 10.26 -14.13 17.71
CA ASN B 12 9.83 -13.13 18.69
C ASN B 12 8.49 -12.51 18.36
N GLY B 13 7.85 -12.93 17.27
CA GLY B 13 6.55 -12.43 16.91
C GLY B 13 5.43 -13.13 17.65
N SER B 14 4.21 -12.89 17.19
CA SER B 14 3.00 -13.51 17.74
C SER B 14 2.80 -13.18 19.22
N GLY B 15 3.48 -12.15 19.71
CA GLY B 15 3.32 -11.71 21.08
C GLY B 15 4.10 -12.53 22.10
N MET B 16 4.34 -13.79 21.79
CA MET B 16 5.06 -14.70 22.68
C MET B 16 6.31 -15.20 21.99
N CYS B 17 7.45 -15.04 22.66
CA CYS B 17 8.72 -15.48 22.09
C CYS B 17 8.83 -17.00 22.15
N LYS B 18 8.91 -17.63 20.99
CA LYS B 18 9.03 -19.08 20.88
C LYS B 18 10.38 -19.41 20.29
N ALA B 19 11.17 -20.21 21.02
CA ALA B 19 12.52 -20.54 20.62
C ALA B 19 12.81 -22.00 20.93
N GLY B 20 13.75 -22.57 20.18
CA GLY B 20 14.14 -23.95 20.39
C GLY B 20 15.11 -24.39 19.33
N PHE B 21 15.65 -25.59 19.53
CA PHE B 21 16.63 -26.15 18.61
C PHE B 21 16.00 -26.48 17.27
N ALA B 22 16.82 -26.41 16.22
CA ALA B 22 16.34 -26.70 14.87
C ALA B 22 16.18 -28.20 14.69
N GLY B 23 15.12 -28.60 13.97
CA GLY B 23 14.82 -29.98 13.68
C GLY B 23 13.60 -30.51 14.43
N ASP B 24 13.35 -29.99 15.63
CA ASP B 24 12.21 -30.46 16.42
C ASP B 24 10.89 -30.02 15.80
N ASP B 25 9.86 -30.83 16.02
CA ASP B 25 8.53 -30.51 15.51
C ASP B 25 7.78 -29.51 16.38
N ALA B 26 8.27 -29.22 17.58
CA ALA B 26 7.67 -28.25 18.47
C ALA B 26 8.76 -27.43 19.12
N PRO B 27 8.49 -26.16 19.44
CA PRO B 27 9.51 -25.34 20.11
C PRO B 27 9.78 -25.85 21.52
N ARG B 28 11.04 -25.73 21.94
CA ARG B 28 11.42 -26.20 23.26
C ARG B 28 10.90 -25.28 24.36
N ALA B 29 11.03 -23.97 24.16
CA ALA B 29 10.62 -22.98 25.16
C ALA B 29 9.67 -21.98 24.51
N VAL B 30 8.57 -21.71 25.19
CA VAL B 30 7.60 -20.72 24.75
C VAL B 30 7.13 -19.94 25.97
N PHE B 31 6.99 -18.62 25.81
CA PHE B 31 6.58 -17.74 26.89
C PHE B 31 6.25 -16.38 26.28
N PRO B 32 5.41 -15.59 26.93
CA PRO B 32 5.10 -14.26 26.41
C PRO B 32 6.35 -13.39 26.35
N SER B 33 6.45 -12.60 25.27
CA SER B 33 7.56 -11.65 25.12
C SER B 33 7.22 -10.41 25.94
N ILE B 34 7.42 -10.53 27.24
CA ILE B 34 6.93 -9.55 28.21
C ILE B 34 8.05 -9.27 29.22
N VAL B 35 8.19 -8.01 29.59
CA VAL B 35 9.17 -7.57 30.59
C VAL B 35 8.43 -6.82 31.69
N GLY B 36 8.68 -7.22 32.93
CA GLY B 36 8.00 -6.62 34.08
C GLY B 36 8.97 -5.88 34.97
N ARG B 37 8.50 -4.76 35.52
CA ARG B 37 9.26 -3.97 36.47
C ARG B 37 8.37 -3.58 37.64
N PRO B 38 8.93 -3.50 38.85
CA PRO B 38 8.10 -3.23 40.02
C PRO B 38 7.44 -1.86 39.95
N ARG B 39 6.23 -1.77 40.49
CA ARG B 39 5.48 -0.52 40.51
C ARG B 39 5.48 0.16 41.88
N HIS B 40 5.80 -0.58 42.95
CA HIS B 40 5.81 -0.04 44.29
C HIS B 40 7.12 -0.41 44.98
N GLN B 41 7.61 0.49 45.82
CA GLN B 41 8.81 0.20 46.60
C GLN B 41 8.52 -0.85 47.64
N GLY B 42 9.39 -1.87 47.72
CA GLY B 42 9.14 -2.97 48.61
C GLY B 42 9.56 -2.70 50.04
N VAL B 43 8.97 -3.46 50.96
CA VAL B 43 9.32 -3.40 52.36
C VAL B 43 10.10 -4.64 52.80
N MET B 44 9.80 -5.79 52.20
CA MET B 44 10.60 -6.99 52.44
C MET B 44 12.05 -6.73 52.11
N VAL B 45 12.95 -7.11 53.02
CA VAL B 45 14.38 -6.97 52.77
C VAL B 45 15.04 -8.33 52.63
N GLY B 46 14.58 -9.31 53.39
CA GLY B 46 15.15 -10.64 53.27
C GLY B 46 14.82 -11.30 51.95
N MET B 47 13.59 -11.11 51.47
CA MET B 47 13.17 -11.71 50.21
C MET B 47 14.00 -11.17 49.06
N GLY B 48 14.44 -12.08 48.19
CA GLY B 48 15.23 -11.69 47.04
C GLY B 48 14.38 -10.93 46.04
N GLN B 49 14.65 -9.64 45.86
CA GLN B 49 13.92 -8.80 44.93
C GLN B 49 14.84 -8.44 43.76
N LYS B 50 14.41 -8.80 42.56
CA LYS B 50 15.17 -8.49 41.35
C LYS B 50 14.55 -7.28 40.64
N ASP B 51 15.41 -6.49 40.00
CA ASP B 51 14.97 -5.23 39.42
C ASP B 51 14.01 -5.43 38.26
N SER B 52 14.20 -6.49 37.47
CA SER B 52 13.38 -6.73 36.29
C SER B 52 12.92 -8.18 36.25
N TYR B 53 11.69 -8.37 35.77
CA TYR B 53 11.12 -9.70 35.56
C TYR B 53 10.82 -9.87 34.07
N VAL B 54 11.15 -11.04 33.54
CA VAL B 54 11.03 -11.32 32.12
C VAL B 54 10.30 -12.65 31.93
N GLY B 55 9.26 -12.63 31.10
CA GLY B 55 8.64 -13.88 30.67
C GLY B 55 7.75 -14.48 31.73
N ASP B 56 7.97 -15.76 32.03
CA ASP B 56 7.07 -16.51 32.90
C ASP B 56 7.06 -15.95 34.32
N GLU B 57 8.20 -15.48 34.82
CA GLU B 57 8.23 -14.87 36.13
C GLU B 57 7.37 -13.62 36.18
N ALA B 58 7.47 -12.78 35.15
CA ALA B 58 6.63 -11.59 35.08
C ALA B 58 5.16 -11.96 34.98
N GLN B 59 4.86 -13.04 34.27
CA GLN B 59 3.48 -13.52 34.19
C GLN B 59 2.98 -13.96 35.56
N SER B 60 3.84 -14.64 36.33
CA SER B 60 3.46 -15.09 37.66
C SER B 60 3.21 -13.92 38.59
N LYS B 61 4.05 -12.89 38.53
CA LYS B 61 3.90 -11.70 39.35
C LYS B 61 3.23 -10.57 38.59
N ARG B 62 2.27 -10.93 37.73
CA ARG B 62 1.65 -9.96 36.83
C ARG B 62 0.92 -8.86 37.59
N GLY B 63 0.37 -9.16 38.76
CA GLY B 63 -0.47 -8.20 39.45
C GLY B 63 0.25 -7.01 40.04
N ILE B 64 1.55 -7.13 40.31
CA ILE B 64 2.29 -6.06 40.97
C ILE B 64 3.45 -5.59 40.11
N LEU B 65 3.32 -5.76 38.80
CA LEU B 65 4.37 -5.35 37.87
C LEU B 65 3.75 -4.52 36.74
N THR B 66 4.58 -3.67 36.15
CA THR B 66 4.23 -2.99 34.91
C THR B 66 4.80 -3.78 33.74
N LEU B 67 3.96 -4.03 32.74
CA LEU B 67 4.31 -4.91 31.63
C LEU B 67 4.41 -4.09 30.35
N LYS B 68 5.58 -4.17 29.70
CA LYS B 68 5.83 -3.48 28.45
C LYS B 68 6.29 -4.49 27.42
N TYR B 69 5.54 -4.63 26.33
CA TYR B 69 5.94 -5.50 25.25
C TYR B 69 7.04 -4.82 24.45
N PRO B 70 8.25 -5.41 24.36
CA PRO B 70 9.29 -4.80 23.53
C PRO B 70 8.91 -4.70 22.07
N ILE B 71 8.26 -5.71 21.53
CA ILE B 71 7.96 -5.70 20.12
C ILE B 71 6.61 -5.06 19.99
N GLU B 72 6.56 -3.94 19.27
CA GLU B 72 5.31 -3.26 19.06
C GLU B 72 5.02 -3.33 17.59
N HIS B 73 3.79 -3.63 17.20
CA HIS B 73 3.48 -3.84 15.78
C HIS B 73 4.48 -4.83 15.33
N GLY B 74 5.39 -4.42 14.45
CA GLY B 74 6.46 -5.32 14.05
C GLY B 74 7.81 -4.68 14.26
N ILE B 75 7.87 -3.68 15.14
CA ILE B 75 9.11 -2.96 15.33
C ILE B 75 9.47 -3.00 16.81
N VAL B 76 10.73 -2.76 17.12
CA VAL B 76 11.21 -2.83 18.49
C VAL B 76 11.04 -1.46 19.14
N THR B 77 10.42 -1.43 20.31
CA THR B 77 10.26 -0.19 21.05
C THR B 77 11.22 -0.06 22.22
N ASN B 78 11.89 -1.14 22.62
CA ASN B 78 12.86 -1.07 23.71
C ASN B 78 13.91 -2.15 23.47
N TRP B 79 15.05 -1.74 22.89
CA TRP B 79 16.10 -2.70 22.59
C TRP B 79 16.72 -3.27 23.87
N ASP B 80 16.75 -2.49 24.95
CA ASP B 80 17.21 -3.03 26.22
C ASP B 80 16.31 -4.17 26.70
N ASP B 81 14.99 -3.96 26.61
CA ASP B 81 14.07 -5.00 27.02
C ASP B 81 14.17 -6.23 26.12
N MET B 82 14.32 -6.04 24.82
CA MET B 82 14.45 -7.21 23.95
C MET B 82 15.78 -7.92 24.18
N GLU B 83 16.84 -7.19 24.50
CA GLU B 83 18.09 -7.84 24.88
C GLU B 83 17.91 -8.66 26.15
N LYS B 84 17.16 -8.13 27.11
CA LYS B 84 16.87 -8.88 28.33
C LYS B 84 16.09 -10.16 28.02
N ILE B 85 15.09 -10.06 27.13
CA ILE B 85 14.31 -11.23 26.76
C ILE B 85 15.18 -12.26 26.06
N TRP B 86 16.07 -11.80 25.17
CA TRP B 86 16.95 -12.73 24.47
C TRP B 86 17.92 -13.40 25.44
N HIS B 87 18.44 -12.64 26.41
CA HIS B 87 19.29 -13.24 27.43
C HIS B 87 18.54 -14.30 28.22
N HIS B 88 17.28 -14.01 28.57
CA HIS B 88 16.47 -14.99 29.26
C HIS B 88 16.28 -16.24 28.42
N THR B 89 15.99 -16.07 27.13
CA THR B 89 15.81 -17.21 26.24
C THR B 89 17.07 -18.05 26.15
N PHE B 90 18.23 -17.40 26.02
CA PHE B 90 19.48 -18.10 25.79
C PHE B 90 20.04 -18.74 27.06
N TYR B 91 19.78 -18.19 28.24
CA TYR B 91 20.43 -18.69 29.44
C TYR B 91 19.49 -19.34 30.45
N ASN B 92 18.22 -18.94 30.51
CA ASN B 92 17.30 -19.46 31.51
C ASN B 92 16.20 -20.34 30.93
N GLU B 93 16.04 -20.37 29.61
CA GLU B 93 15.01 -21.19 28.97
C GLU B 93 15.60 -22.32 28.14
N LEU B 94 16.47 -22.00 27.19
CA LEU B 94 17.08 -23.04 26.36
C LEU B 94 18.33 -23.63 26.98
N ARG B 95 18.96 -22.91 27.92
CA ARG B 95 20.14 -23.39 28.63
C ARG B 95 21.26 -23.79 27.66
N VAL B 96 21.61 -22.86 26.79
CA VAL B 96 22.67 -23.09 25.80
C VAL B 96 23.44 -21.80 25.60
N ALA B 97 24.76 -21.87 25.66
CA ALA B 97 25.58 -20.70 25.44
C ALA B 97 25.58 -20.34 23.97
N PRO B 98 25.16 -19.13 23.59
CA PRO B 98 25.14 -18.78 22.17
C PRO B 98 26.53 -18.60 21.56
N GLU B 99 27.59 -18.70 22.35
CA GLU B 99 28.95 -18.54 21.84
C GLU B 99 29.35 -19.65 20.87
N GLU B 100 28.60 -20.75 20.82
CA GLU B 100 28.95 -21.84 19.91
C GLU B 100 27.73 -22.43 19.20
N HIS B 101 26.64 -21.65 19.05
CA HIS B 101 25.44 -22.14 18.41
C HIS B 101 24.91 -21.08 17.44
N PRO B 102 24.82 -21.39 16.16
CA PRO B 102 24.26 -20.43 15.20
C PRO B 102 22.79 -20.18 15.48
N VAL B 103 22.35 -18.95 15.19
CA VAL B 103 21.01 -18.49 15.55
C VAL B 103 20.27 -18.02 14.32
N LEU B 104 18.97 -18.30 14.29
CA LEU B 104 18.08 -17.84 13.23
C LEU B 104 16.90 -17.12 13.86
N LEU B 105 16.49 -16.00 13.24
CA LEU B 105 15.42 -15.18 13.78
C LEU B 105 14.37 -14.94 12.70
N THR B 106 13.28 -14.30 13.10
CA THR B 106 12.18 -13.98 12.22
C THR B 106 11.85 -12.49 12.31
N GLU B 107 11.38 -11.94 11.19
CA GLU B 107 10.99 -10.54 11.14
C GLU B 107 9.89 -10.37 10.11
N ALA B 108 8.91 -9.53 10.43
CA ALA B 108 7.80 -9.30 9.53
C ALA B 108 8.27 -8.54 8.28
N PRO B 109 7.63 -8.77 7.14
CA PRO B 109 8.00 -8.03 5.93
C PRO B 109 7.62 -6.56 6.04
N LEU B 110 8.31 -5.74 5.25
CA LEU B 110 8.17 -4.28 5.28
C LEU B 110 8.44 -3.74 6.67
N ASN B 111 9.65 -4.00 7.14
CA ASN B 111 10.09 -3.58 8.46
C ASN B 111 11.36 -2.76 8.34
N PRO B 112 11.56 -1.77 9.21
CA PRO B 112 12.75 -0.90 9.10
C PRO B 112 14.07 -1.65 9.17
N LYS B 113 14.94 -1.42 8.18
CA LYS B 113 16.27 -1.98 8.31
C LYS B 113 17.05 -1.31 9.43
N ALA B 114 16.58 -0.19 9.95
CA ALA B 114 17.12 0.28 11.23
C ALA B 114 16.89 -0.76 12.32
N ASN B 115 15.67 -1.29 12.38
CA ASN B 115 15.37 -2.35 13.33
C ASN B 115 16.19 -3.60 13.03
N ARG B 116 16.30 -3.97 11.75
CA ARG B 116 17.09 -5.15 11.41
C ARG B 116 18.55 -4.98 11.79
N GLU B 117 19.11 -3.79 11.53
CA GLU B 117 20.50 -3.53 11.88
C GLU B 117 20.73 -3.56 13.38
N LYS B 118 19.81 -2.97 14.16
CA LYS B 118 19.98 -3.05 15.60
C LYS B 118 19.87 -4.49 16.09
N MET B 119 18.97 -5.28 15.48
CA MET B 119 18.88 -6.70 15.79
C MET B 119 20.23 -7.39 15.57
N THR B 120 20.79 -7.23 14.38
CA THR B 120 22.05 -7.89 14.05
C THR B 120 23.19 -7.42 14.95
N GLN B 121 23.26 -6.11 15.20
CA GLN B 121 24.31 -5.57 16.03
C GLN B 121 24.22 -6.09 17.45
N ILE B 122 23.01 -6.15 18.01
CA ILE B 122 22.83 -6.70 19.35
C ILE B 122 23.30 -8.14 19.39
N MET B 123 22.81 -8.95 18.44
CA MET B 123 23.12 -10.38 18.49
C MET B 123 24.59 -10.67 18.18
N PHE B 124 25.30 -9.78 17.50
CA PHE B 124 26.69 -10.03 17.15
C PHE B 124 27.68 -9.43 18.13
N GLU B 125 27.32 -8.34 18.81
CA GLU B 125 28.23 -7.71 19.77
C GLU B 125 27.93 -8.09 21.21
N THR B 126 26.75 -8.62 21.48
CA THR B 126 26.39 -9.04 22.83
C THR B 126 26.52 -10.54 23.04
N PHE B 127 25.88 -11.34 22.18
CA PHE B 127 25.92 -12.78 22.30
C PHE B 127 27.02 -13.43 21.46
N ASN B 128 27.74 -12.63 20.65
CA ASN B 128 28.83 -13.09 19.78
C ASN B 128 28.56 -14.45 19.15
N THR B 129 27.38 -14.62 18.55
CA THR B 129 27.04 -15.89 17.94
C THR B 129 27.86 -16.10 16.67
N PRO B 130 28.45 -17.29 16.47
CA PRO B 130 29.23 -17.55 15.26
C PRO B 130 28.53 -17.21 13.96
N ALA B 131 27.22 -17.41 13.86
CA ALA B 131 26.50 -17.13 12.63
C ALA B 131 25.10 -16.66 12.97
N MET B 132 24.46 -16.00 12.01
CA MET B 132 23.13 -15.45 12.23
C MET B 132 22.43 -15.30 10.88
N TYR B 133 21.11 -15.21 10.93
CA TYR B 133 20.30 -15.00 9.74
C TYR B 133 18.93 -14.48 10.17
N VAL B 134 18.32 -13.67 9.31
CA VAL B 134 16.99 -13.12 9.54
C VAL B 134 16.12 -13.49 8.36
N ALA B 135 14.95 -14.07 8.66
CA ALA B 135 14.03 -14.53 7.63
C ALA B 135 12.64 -13.95 7.88
N ILE B 136 11.81 -14.00 6.85
CA ILE B 136 10.44 -13.52 6.92
C ILE B 136 9.57 -14.57 7.60
N GLN B 137 8.67 -14.13 8.46
CA GLN B 137 7.86 -15.05 9.25
C GLN B 137 6.95 -15.89 8.36
N ALA B 138 6.26 -15.25 7.42
CA ALA B 138 5.26 -15.96 6.63
C ALA B 138 5.92 -16.90 5.63
N VAL B 139 7.13 -16.57 5.17
CA VAL B 139 7.89 -17.53 4.37
C VAL B 139 8.19 -18.78 5.20
N LEU B 140 8.49 -18.60 6.48
CA LEU B 140 8.67 -19.75 7.36
C LEU B 140 7.37 -20.53 7.51
N SER B 141 6.25 -19.82 7.58
CA SER B 141 4.96 -20.50 7.64
C SER B 141 4.73 -21.37 6.40
N LEU B 142 5.06 -20.82 5.23
CA LEU B 142 4.95 -21.60 4.00
C LEU B 142 5.91 -22.79 4.02
N TYR B 143 7.08 -22.61 4.63
CA TYR B 143 7.99 -23.74 4.81
C TYR B 143 7.34 -24.83 5.63
N ALA B 144 6.68 -24.45 6.73
CA ALA B 144 6.05 -25.42 7.61
C ALA B 144 4.90 -26.13 6.90
N SER B 145 4.14 -25.41 6.09
CA SER B 145 3.05 -26.03 5.34
C SER B 145 3.55 -26.99 4.27
N GLY B 146 4.84 -26.98 3.96
CA GLY B 146 5.39 -27.90 2.96
C GLY B 146 5.28 -27.47 1.52
N ARG B 147 4.13 -26.94 1.13
CA ARG B 147 3.91 -26.53 -0.26
C ARG B 147 4.85 -25.39 -0.63
N THR B 148 5.36 -25.44 -1.86
CA THR B 148 6.26 -24.42 -2.39
C THR B 148 5.51 -23.37 -3.21
N THR B 149 4.19 -23.31 -3.08
CA THR B 149 3.39 -22.32 -3.78
C THR B 149 2.10 -22.04 -3.02
N GLY B 150 1.78 -20.76 -2.84
CA GLY B 150 0.55 -20.40 -2.16
C GLY B 150 0.72 -19.22 -1.23
N ILE B 151 -0.26 -18.30 -1.24
CA ILE B 151 -0.20 -17.14 -0.37
C ILE B 151 -0.31 -17.58 1.08
N VAL B 152 0.50 -16.98 1.93
CA VAL B 152 0.46 -17.23 3.37
C VAL B 152 0.02 -15.93 4.04
N MET B 153 -1.12 -15.99 4.74
CA MET B 153 -1.64 -14.82 5.46
C MET B 153 -1.24 -15.01 6.92
N ASP B 154 -0.14 -14.38 7.29
CA ASP B 154 0.31 -14.42 8.67
C ASP B 154 -0.27 -13.25 9.44
N SER B 155 -0.72 -13.52 10.67
CA SER B 155 -1.28 -12.46 11.50
C SER B 155 -0.90 -12.78 12.96
N GLY B 156 0.23 -12.22 13.39
CA GLY B 156 0.68 -12.35 14.76
C GLY B 156 0.03 -11.31 15.65
N ASP B 157 0.52 -11.25 16.89
CA ASP B 157 -0.01 -10.27 17.82
C ASP B 157 0.38 -8.84 17.45
N GLY B 158 1.37 -8.67 16.56
CA GLY B 158 1.78 -7.34 16.17
C GLY B 158 1.52 -6.97 14.73
N VAL B 159 1.60 -7.95 13.82
CA VAL B 159 1.54 -7.70 12.39
C VAL B 159 0.51 -8.61 11.75
N THR B 160 0.00 -8.19 10.59
CA THR B 160 -0.84 -9.02 9.74
C THR B 160 -0.41 -8.78 8.31
N HIS B 161 0.27 -9.76 7.71
CA HIS B 161 0.87 -9.60 6.40
C HIS B 161 0.66 -10.84 5.55
N THR B 162 0.71 -10.65 4.24
CA THR B 162 0.61 -11.74 3.27
C THR B 162 1.74 -11.61 2.26
N VAL B 163 2.42 -12.71 1.97
CA VAL B 163 3.48 -12.71 0.98
C VAL B 163 3.23 -13.84 -0.03
N PRO B 164 2.52 -13.57 -1.12
CA PRO B 164 2.29 -14.63 -2.11
C PRO B 164 3.59 -15.14 -2.70
N ILE B 165 3.70 -16.47 -2.79
CA ILE B 165 4.88 -17.14 -3.31
C ILE B 165 4.43 -18.18 -4.32
N TYR B 166 5.06 -18.19 -5.49
CA TYR B 166 4.70 -19.12 -6.56
C TYR B 166 5.93 -19.86 -7.05
N GLU B 167 5.86 -21.19 -7.03
CA GLU B 167 6.82 -22.06 -7.70
C GLU B 167 8.26 -21.72 -7.35
N GLY B 168 8.50 -21.41 -6.07
CA GLY B 168 9.85 -21.19 -5.61
C GLY B 168 10.33 -19.75 -5.56
N TYR B 169 9.55 -18.81 -6.08
CA TYR B 169 9.95 -17.41 -6.08
C TYR B 169 8.87 -16.57 -5.42
N ALA B 170 9.28 -15.68 -4.52
CA ALA B 170 8.35 -14.81 -3.85
C ALA B 170 7.93 -13.66 -4.76
N LEU B 171 6.96 -12.88 -4.30
CA LEU B 171 6.42 -11.74 -5.04
C LEU B 171 6.53 -10.51 -4.17
N PRO B 172 7.70 -9.88 -4.12
CA PRO B 172 7.89 -8.72 -3.23
C PRO B 172 7.01 -7.53 -3.59
N HIS B 173 6.50 -7.46 -4.82
CA HIS B 173 5.65 -6.34 -5.22
C HIS B 173 4.20 -6.52 -4.81
N ALA B 174 3.82 -7.68 -4.28
CA ALA B 174 2.45 -7.94 -3.86
C ALA B 174 2.33 -8.15 -2.36
N ILE B 175 3.31 -7.66 -1.60
CA ILE B 175 3.31 -7.82 -0.15
C ILE B 175 2.43 -6.73 0.47
N LEU B 176 1.39 -7.12 1.19
CA LEU B 176 0.51 -6.20 1.88
C LEU B 176 0.63 -6.44 3.38
N ARG B 177 0.97 -5.39 4.12
CA ARG B 177 1.09 -5.44 5.57
C ARG B 177 -0.03 -4.64 6.20
N LEU B 178 -0.66 -5.20 7.22
CA LEU B 178 -1.81 -4.59 7.87
C LEU B 178 -1.60 -4.56 9.38
N ASP B 179 -2.16 -3.54 10.03
CA ASP B 179 -1.80 -3.27 11.42
C ASP B 179 -2.69 -4.01 12.40
N LEU B 180 -3.91 -4.39 12.01
CA LEU B 180 -4.78 -5.11 12.92
C LEU B 180 -4.17 -6.43 13.33
N ALA B 181 -4.17 -6.70 14.64
CA ALA B 181 -3.45 -7.84 15.18
C ALA B 181 -3.99 -8.15 16.57
N GLY B 182 -3.25 -8.97 17.30
CA GLY B 182 -3.69 -9.38 18.63
C GLY B 182 -3.83 -8.21 19.59
N ARG B 183 -2.90 -7.27 19.54
CA ARG B 183 -2.97 -6.10 20.43
C ARG B 183 -4.20 -5.26 20.14
N ASP B 184 -4.49 -5.02 18.85
CA ASP B 184 -5.67 -4.23 18.50
C ASP B 184 -6.94 -4.97 18.88
N LEU B 185 -6.98 -6.29 18.67
CA LEU B 185 -8.16 -7.05 19.08
C LEU B 185 -8.35 -7.01 20.58
N THR B 186 -7.26 -7.08 21.35
CA THR B 186 -7.35 -6.98 22.80
C THR B 186 -7.85 -5.60 23.21
N ASP B 187 -7.40 -4.55 22.52
CA ASP B 187 -7.88 -3.20 22.83
C ASP B 187 -9.38 -3.08 22.55
N TYR B 188 -9.83 -3.63 21.43
CA TYR B 188 -11.26 -3.61 21.13
C TYR B 188 -12.05 -4.41 22.15
N LEU B 189 -11.49 -5.53 22.63
CA LEU B 189 -12.15 -6.30 23.67
C LEU B 189 -12.23 -5.48 24.96
N MET B 190 -11.17 -4.74 25.28
CA MET B 190 -11.23 -3.80 26.41
C MET B 190 -12.39 -2.83 26.26
N LYS B 191 -12.48 -2.19 25.09
CA LYS B 191 -13.51 -1.18 24.90
C LYS B 191 -14.91 -1.78 24.99
N ILE B 192 -15.10 -2.97 24.42
CA ILE B 192 -16.42 -3.58 24.48
C ILE B 192 -16.72 -4.12 25.88
N LEU B 193 -15.70 -4.49 26.64
CA LEU B 193 -15.95 -4.95 28.01
C LEU B 193 -16.35 -3.79 28.91
N THR B 194 -15.68 -2.65 28.78
CA THR B 194 -16.14 -1.49 29.54
C THR B 194 -17.46 -0.97 28.98
N GLU B 195 -17.78 -1.31 27.74
CA GLU B 195 -19.11 -1.07 27.22
C GLU B 195 -20.15 -1.90 27.96
N ARG B 196 -19.84 -3.17 28.23
CA ARG B 196 -20.77 -3.99 28.99
C ARG B 196 -20.83 -3.57 30.45
N GLY B 197 -19.70 -3.17 31.04
CA GLY B 197 -19.69 -2.74 32.43
C GLY B 197 -18.44 -3.13 33.18
N TYR B 198 -17.67 -4.06 32.63
CA TYR B 198 -16.42 -4.51 33.25
C TYR B 198 -15.28 -3.65 32.71
N SER B 199 -14.84 -2.69 33.52
CA SER B 199 -13.79 -1.76 33.11
C SER B 199 -12.42 -2.38 33.38
N PHE B 200 -11.58 -2.43 32.35
CA PHE B 200 -10.21 -2.92 32.46
C PHE B 200 -9.24 -1.83 32.02
N THR B 201 -8.38 -1.39 32.93
CA THR B 201 -7.32 -0.45 32.57
C THR B 201 -6.09 -0.71 33.42
N THR B 202 -5.21 -1.57 32.93
CA THR B 202 -3.97 -1.99 33.59
C THR B 202 -3.30 -2.97 32.63
N THR B 203 -1.99 -3.16 32.80
CA THR B 203 -1.32 -4.20 32.02
C THR B 203 -1.80 -5.59 32.45
N ALA B 204 -2.01 -5.80 33.75
CA ALA B 204 -2.55 -7.06 34.24
C ALA B 204 -3.94 -7.28 33.68
N GLU B 205 -4.76 -6.23 33.66
CA GLU B 205 -6.09 -6.28 33.09
C GLU B 205 -6.01 -6.62 31.60
N ARG B 206 -5.01 -6.05 30.93
CA ARG B 206 -4.83 -6.32 29.50
C ARG B 206 -4.49 -7.79 29.27
N GLU B 207 -3.64 -8.36 30.11
CA GLU B 207 -3.30 -9.77 29.96
C GLU B 207 -4.51 -10.66 30.24
N ILE B 208 -5.32 -10.29 31.24
CA ILE B 208 -6.54 -11.05 31.52
C ILE B 208 -7.50 -10.97 30.34
N VAL B 209 -7.61 -9.78 29.73
CA VAL B 209 -8.48 -9.61 28.56
C VAL B 209 -7.94 -10.43 27.40
N ARG B 210 -6.62 -10.51 27.25
CA ARG B 210 -6.04 -11.35 26.20
C ARG B 210 -6.37 -12.82 26.43
N ASP B 211 -6.30 -13.28 27.68
CA ASP B 211 -6.69 -14.65 27.99
C ASP B 211 -8.15 -14.90 27.66
N ILE B 212 -9.02 -13.94 28.01
CA ILE B 212 -10.44 -14.06 27.69
C ILE B 212 -10.63 -14.14 26.18
N LYS B 213 -9.91 -13.31 25.43
CA LYS B 213 -9.98 -13.34 23.98
C LYS B 213 -9.58 -14.70 23.44
N GLU B 214 -8.51 -15.28 24.00
CA GLU B 214 -8.05 -16.58 23.54
C GLU B 214 -9.09 -17.67 23.82
N LYS B 215 -9.72 -17.62 24.99
CA LYS B 215 -10.55 -18.74 25.46
C LYS B 215 -12.05 -18.55 25.22
N LEU B 216 -12.49 -17.42 24.69
CA LEU B 216 -13.92 -17.19 24.52
C LEU B 216 -14.34 -16.62 23.17
N CYS B 217 -13.46 -15.94 22.45
CA CYS B 217 -13.86 -15.26 21.22
C CYS B 217 -13.88 -16.22 20.05
N TYR B 218 -14.78 -15.94 19.10
CA TYR B 218 -14.89 -16.73 17.88
C TYR B 218 -15.46 -15.85 16.78
N VAL B 219 -15.27 -16.28 15.54
CA VAL B 219 -15.71 -15.53 14.36
C VAL B 219 -16.94 -16.22 13.79
N ALA B 220 -17.98 -15.44 13.55
CA ALA B 220 -19.22 -15.96 13.00
C ALA B 220 -19.11 -16.12 11.48
N LEU B 221 -20.18 -16.67 10.89
CA LEU B 221 -20.27 -16.79 9.45
C LEU B 221 -21.10 -15.68 8.80
N ASP B 222 -22.02 -15.08 9.54
CA ASP B 222 -22.79 -13.93 9.05
C ASP B 222 -23.04 -13.01 10.24
N PHE B 223 -22.36 -11.86 10.21
CA PHE B 223 -22.30 -11.00 11.40
C PHE B 223 -23.68 -10.48 11.79
N GLU B 224 -24.49 -10.05 10.82
CA GLU B 224 -25.78 -9.48 11.14
C GLU B 224 -26.69 -10.51 11.80
N GLN B 225 -26.77 -11.72 11.22
CA GLN B 225 -27.61 -12.75 11.80
C GLN B 225 -27.10 -13.20 13.15
N GLU B 226 -25.77 -13.29 13.32
CA GLU B 226 -25.23 -13.65 14.61
C GLU B 226 -25.56 -12.61 15.67
N MET B 227 -25.45 -11.32 15.31
CA MET B 227 -25.78 -10.27 16.25
C MET B 227 -27.26 -10.32 16.64
N ALA B 228 -28.13 -10.54 15.65
CA ALA B 228 -29.56 -10.64 15.93
C ALA B 228 -29.85 -11.82 16.84
N THR B 229 -29.24 -12.97 16.56
CA THR B 229 -29.46 -14.16 17.38
C THR B 229 -28.99 -13.94 18.81
N ALA B 230 -27.80 -13.34 18.98
CA ALA B 230 -27.28 -13.12 20.32
C ALA B 230 -28.10 -12.08 21.08
N ALA B 231 -28.61 -11.06 20.39
CA ALA B 231 -29.42 -10.05 21.05
C ALA B 231 -30.84 -10.50 21.35
N SER B 232 -31.35 -11.50 20.62
CA SER B 232 -32.72 -11.95 20.81
C SER B 232 -32.81 -13.22 21.67
N SER B 233 -32.16 -14.31 21.24
CA SER B 233 -32.29 -15.57 21.95
C SER B 233 -31.50 -15.58 23.25
N SER B 234 -30.37 -14.87 23.29
CA SER B 234 -29.49 -14.84 24.46
C SER B 234 -29.04 -16.25 24.85
N SER B 235 -28.78 -17.09 23.85
CA SER B 235 -28.27 -18.42 24.08
C SER B 235 -26.76 -18.55 23.85
N LEU B 236 -26.14 -17.53 23.26
CA LEU B 236 -24.70 -17.53 23.01
C LEU B 236 -23.90 -17.02 24.21
N GLU B 237 -24.57 -16.62 25.28
CA GLU B 237 -23.88 -16.07 26.44
C GLU B 237 -22.99 -17.12 27.09
N LYS B 238 -21.79 -16.71 27.48
CA LYS B 238 -20.84 -17.57 28.15
C LYS B 238 -20.23 -16.83 29.33
N SER B 239 -19.78 -17.59 30.32
CA SER B 239 -19.22 -17.02 31.54
C SER B 239 -17.72 -17.28 31.61
N TYR B 240 -17.04 -16.44 32.36
CA TYR B 240 -15.60 -16.58 32.59
C TYR B 240 -15.31 -16.21 34.03
N GLU B 241 -14.26 -16.82 34.58
CA GLU B 241 -13.88 -16.62 35.97
C GLU B 241 -12.57 -15.84 36.04
N LEU B 242 -12.64 -14.63 36.60
CA LEU B 242 -11.44 -13.83 36.81
C LEU B 242 -10.66 -14.36 38.02
N PRO B 243 -9.36 -14.06 38.08
CA PRO B 243 -8.59 -14.45 39.27
C PRO B 243 -9.11 -13.85 40.57
N ASP B 244 -9.81 -12.72 40.50
CA ASP B 244 -10.37 -12.12 41.70
C ASP B 244 -11.62 -12.84 42.19
N GLY B 245 -12.24 -13.68 41.36
CA GLY B 245 -13.41 -14.44 41.76
C GLY B 245 -14.72 -13.93 41.23
N GLN B 246 -14.74 -12.83 40.48
CA GLN B 246 -15.98 -12.28 39.94
C GLN B 246 -16.20 -12.83 38.53
N VAL B 247 -17.38 -13.40 38.30
CA VAL B 247 -17.68 -13.98 37.00
C VAL B 247 -18.02 -12.88 35.99
N ILE B 248 -17.71 -13.14 34.73
CA ILE B 248 -18.00 -12.23 33.64
C ILE B 248 -18.86 -12.96 32.61
N THR B 249 -20.04 -12.40 32.33
CA THR B 249 -20.92 -12.94 31.30
C THR B 249 -20.73 -12.15 30.02
N ILE B 250 -20.41 -12.85 28.93
CA ILE B 250 -20.03 -12.23 27.67
C ILE B 250 -21.02 -12.67 26.61
N GLY B 251 -21.60 -11.71 25.89
CA GLY B 251 -22.57 -12.01 24.86
C GLY B 251 -22.08 -11.70 23.46
N ASN B 252 -22.50 -10.55 22.92
CA ASN B 252 -22.10 -10.17 21.57
C ASN B 252 -20.59 -10.01 21.45
N GLU B 253 -19.93 -9.76 22.58
CA GLU B 253 -18.48 -9.53 22.54
C GLU B 253 -17.73 -10.71 21.94
N ARG B 254 -18.26 -11.92 22.10
CA ARG B 254 -17.58 -13.11 21.61
C ARG B 254 -17.26 -13.00 20.13
N PHE B 255 -18.23 -12.58 19.32
CA PHE B 255 -18.02 -12.45 17.89
C PHE B 255 -17.92 -10.99 17.44
N ARG B 256 -17.86 -10.05 18.38
CA ARG B 256 -17.54 -8.68 18.04
C ARG B 256 -16.07 -8.34 18.25
N CYS B 257 -15.38 -9.02 19.17
CA CYS B 257 -13.95 -8.79 19.37
C CYS B 257 -13.14 -9.18 18.14
N PRO B 258 -13.35 -10.36 17.53
CA PRO B 258 -12.58 -10.72 16.33
C PRO B 258 -13.24 -10.35 15.01
N GLU B 259 -14.38 -9.65 15.04
CA GLU B 259 -14.99 -9.19 13.80
C GLU B 259 -14.24 -7.99 13.23
N ALA B 260 -13.43 -7.32 14.05
CA ALA B 260 -12.65 -6.18 13.57
C ALA B 260 -11.66 -6.60 12.50
N LEU B 261 -11.24 -7.87 12.50
CA LEU B 261 -10.31 -8.33 11.48
C LEU B 261 -10.92 -8.25 10.09
N PHE B 262 -12.25 -8.38 9.98
CA PHE B 262 -12.94 -8.28 8.71
C PHE B 262 -13.62 -6.93 8.49
N GLN B 263 -13.98 -6.23 9.56
CA GLN B 263 -14.59 -4.90 9.47
C GLN B 263 -13.80 -3.96 10.36
N PRO B 264 -12.64 -3.49 9.88
CA PRO B 264 -11.82 -2.57 10.70
C PRO B 264 -12.47 -1.23 10.94
N SER B 265 -13.63 -0.95 10.33
CA SER B 265 -14.36 0.26 10.64
C SER B 265 -14.76 0.33 12.10
N PHE B 266 -14.84 -0.82 12.78
CA PHE B 266 -15.13 -0.82 14.21
C PHE B 266 -14.03 -0.14 14.99
N LEU B 267 -12.76 -0.45 14.67
CA LEU B 267 -11.64 0.24 15.28
C LEU B 267 -11.33 1.57 14.61
N GLY B 268 -11.97 1.88 13.49
CA GLY B 268 -11.87 3.18 12.87
C GLY B 268 -10.84 3.31 11.79
N MET B 269 -9.92 2.35 11.67
CA MET B 269 -8.93 2.41 10.60
C MET B 269 -9.61 2.24 9.26
N GLU B 270 -9.18 3.04 8.27
CA GLU B 270 -9.78 2.98 6.95
C GLU B 270 -9.35 1.74 6.18
N SER B 271 -8.27 1.08 6.61
CA SER B 271 -7.78 -0.09 5.89
C SER B 271 -8.85 -1.18 5.86
N CYS B 272 -8.90 -1.88 4.74
CA CYS B 272 -9.88 -2.93 4.56
C CYS B 272 -9.53 -4.16 5.42
N GLY B 273 -10.49 -5.07 5.50
CA GLY B 273 -10.34 -6.23 6.38
C GLY B 273 -9.28 -7.19 5.91
N ILE B 274 -9.08 -8.23 6.73
CA ILE B 274 -8.05 -9.22 6.43
C ILE B 274 -8.38 -9.97 5.13
N HIS B 275 -9.65 -10.37 4.97
CA HIS B 275 -10.04 -11.08 3.77
C HIS B 275 -9.89 -10.20 2.53
N GLU B 276 -10.26 -8.92 2.64
CA GLU B 276 -10.12 -8.02 1.50
C GLU B 276 -8.65 -7.79 1.16
N THR B 277 -7.79 -7.68 2.17
CA THR B 277 -6.37 -7.54 1.89
C THR B 277 -5.80 -8.78 1.23
N THR B 278 -6.23 -9.96 1.68
CA THR B 278 -5.78 -11.19 1.03
C THR B 278 -6.22 -11.22 -0.43
N PHE B 279 -7.47 -10.85 -0.69
CA PHE B 279 -7.97 -10.82 -2.06
C PHE B 279 -7.21 -9.81 -2.91
N ASN B 280 -6.92 -8.63 -2.36
CA ASN B 280 -6.16 -7.63 -3.09
C ASN B 280 -4.76 -8.13 -3.39
N SER B 281 -4.12 -8.79 -2.43
CA SER B 281 -2.79 -9.36 -2.68
C SER B 281 -2.86 -10.43 -3.75
N ILE B 282 -3.95 -11.18 -3.80
CA ILE B 282 -4.13 -12.18 -4.86
C ILE B 282 -4.20 -11.51 -6.22
N MET B 283 -4.99 -10.43 -6.34
CA MET B 283 -5.10 -9.78 -7.65
C MET B 283 -3.83 -9.00 -8.00
N LYS B 284 -3.02 -8.62 -7.00
CA LYS B 284 -1.79 -7.90 -7.30
C LYS B 284 -0.78 -8.74 -8.07
N CYS B 285 -0.88 -10.07 -8.00
CA CYS B 285 0.10 -10.92 -8.66
C CYS B 285 -0.23 -11.06 -10.15
N ASP B 286 0.48 -11.96 -10.81
CA ASP B 286 0.28 -12.19 -12.23
C ASP B 286 -1.06 -12.84 -12.49
N VAL B 287 -1.58 -12.64 -13.70
CA VAL B 287 -2.90 -13.17 -14.06
C VAL B 287 -2.90 -14.68 -14.23
N ASP B 288 -1.74 -15.30 -14.42
CA ASP B 288 -1.67 -16.74 -14.63
C ASP B 288 -1.52 -17.53 -13.35
N ILE B 289 -0.83 -16.99 -12.34
CA ILE B 289 -0.58 -17.71 -11.10
C ILE B 289 -1.63 -17.42 -10.04
N ARG B 290 -2.77 -16.84 -10.43
CA ARG B 290 -3.80 -16.49 -9.47
C ARG B 290 -4.48 -17.73 -8.89
N LYS B 291 -4.77 -18.72 -9.74
CA LYS B 291 -5.55 -19.87 -9.29
C LYS B 291 -4.78 -20.72 -8.29
N ASP B 292 -3.48 -20.89 -8.50
CA ASP B 292 -2.69 -21.67 -7.54
C ASP B 292 -2.62 -20.97 -6.20
N LEU B 293 -2.52 -19.64 -6.21
CA LEU B 293 -2.59 -18.89 -4.95
C LEU B 293 -3.96 -19.07 -4.29
N TYR B 294 -5.03 -19.05 -5.08
CA TYR B 294 -6.36 -19.22 -4.54
C TYR B 294 -6.50 -20.58 -3.86
N ALA B 295 -5.98 -21.62 -4.50
CA ALA B 295 -6.15 -22.98 -3.99
C ALA B 295 -5.22 -23.31 -2.84
N ASN B 296 -4.27 -22.43 -2.50
CA ASN B 296 -3.28 -22.76 -1.48
C ASN B 296 -3.06 -21.58 -0.54
N THR B 297 -4.14 -20.94 -0.08
CA THR B 297 -3.99 -19.91 0.93
C THR B 297 -3.70 -20.56 2.28
N VAL B 298 -2.69 -20.03 2.97
CA VAL B 298 -2.23 -20.60 4.23
C VAL B 298 -2.36 -19.55 5.33
N LEU B 299 -2.92 -19.95 6.46
CA LEU B 299 -3.01 -19.09 7.64
C LEU B 299 -1.96 -19.49 8.66
N SER B 300 -1.59 -18.54 9.50
CA SER B 300 -0.60 -18.76 10.55
C SER B 300 -0.80 -17.70 11.63
N GLY B 301 0.18 -17.59 12.52
CA GLY B 301 0.16 -16.57 13.54
C GLY B 301 -0.63 -16.98 14.78
N GLY B 302 -0.69 -16.05 15.73
CA GLY B 302 -1.37 -16.30 16.98
C GLY B 302 -2.77 -15.70 17.04
N THR B 303 -3.15 -14.97 15.99
CA THR B 303 -4.48 -14.37 15.90
C THR B 303 -5.36 -15.10 14.89
N THR B 304 -5.05 -16.36 14.59
CA THR B 304 -5.82 -17.16 13.65
C THR B 304 -6.50 -18.34 14.33
N MET B 305 -6.09 -18.71 15.54
CA MET B 305 -6.65 -19.88 16.22
C MET B 305 -8.17 -19.81 16.31
N TYR B 306 -8.77 -18.62 16.24
CA TYR B 306 -10.17 -18.44 16.58
C TYR B 306 -11.03 -19.47 15.86
N PRO B 307 -12.13 -19.93 16.49
CA PRO B 307 -13.05 -20.83 15.80
C PRO B 307 -13.75 -20.13 14.65
N GLY B 308 -14.03 -20.89 13.59
CA GLY B 308 -14.78 -20.38 12.46
C GLY B 308 -14.02 -19.43 11.56
N ILE B 309 -12.74 -19.15 11.86
CA ILE B 309 -11.98 -18.21 11.04
C ILE B 309 -11.85 -18.73 9.62
N ALA B 310 -11.56 -20.02 9.47
CA ALA B 310 -11.39 -20.60 8.14
C ALA B 310 -12.69 -20.53 7.35
N ASP B 311 -13.82 -20.84 7.99
CA ASP B 311 -15.10 -20.80 7.30
C ASP B 311 -15.45 -19.38 6.87
N ARG B 312 -15.26 -18.41 7.77
CA ARG B 312 -15.59 -17.03 7.42
C ARG B 312 -14.68 -16.51 6.32
N MET B 313 -13.38 -16.82 6.39
CA MET B 313 -12.46 -16.41 5.35
C MET B 313 -12.81 -17.04 4.02
N GLN B 314 -13.17 -18.32 4.03
CA GLN B 314 -13.55 -18.99 2.79
C GLN B 314 -14.78 -18.35 2.18
N LYS B 315 -15.80 -18.07 3.01
CA LYS B 315 -17.02 -17.46 2.49
C LYS B 315 -16.74 -16.08 1.91
N GLU B 316 -15.98 -15.25 2.64
CA GLU B 316 -15.72 -13.90 2.17
C GLU B 316 -14.86 -13.90 0.91
N ILE B 317 -13.84 -14.74 0.86
CA ILE B 317 -12.97 -14.76 -0.31
C ILE B 317 -13.68 -15.40 -1.50
N THR B 318 -14.66 -16.27 -1.26
CA THR B 318 -15.47 -16.78 -2.35
C THR B 318 -16.39 -15.70 -2.91
N ALA B 319 -16.99 -14.91 -2.02
CA ALA B 319 -17.83 -13.81 -2.47
C ALA B 319 -17.01 -12.79 -3.27
N LEU B 320 -15.79 -12.49 -2.81
CA LEU B 320 -14.96 -11.50 -3.48
C LEU B 320 -14.42 -12.03 -4.80
N ALA B 321 -13.91 -13.26 -4.79
CA ALA B 321 -13.26 -13.84 -5.96
C ALA B 321 -14.29 -14.24 -7.01
N PRO B 322 -13.89 -14.33 -8.27
CA PRO B 322 -14.82 -14.78 -9.31
C PRO B 322 -15.25 -16.22 -9.09
N SER B 323 -16.40 -16.56 -9.68
CA SER B 323 -16.95 -17.90 -9.56
C SER B 323 -16.10 -18.91 -10.34
N THR B 324 -16.51 -20.18 -10.32
CA THR B 324 -15.74 -21.27 -10.93
C THR B 324 -14.31 -21.26 -10.41
N MET B 325 -14.14 -20.93 -9.14
CA MET B 325 -12.82 -20.83 -8.53
C MET B 325 -12.87 -21.50 -7.16
N LYS B 326 -11.98 -22.45 -6.93
CA LYS B 326 -11.93 -23.19 -5.69
C LYS B 326 -10.88 -22.57 -4.77
N ILE B 327 -11.34 -22.02 -3.65
CA ILE B 327 -10.43 -21.40 -2.68
C ILE B 327 -10.39 -22.26 -1.43
N LYS B 328 -9.44 -23.18 -1.36
CA LYS B 328 -9.29 -24.02 -0.19
C LYS B 328 -8.46 -23.31 0.88
N ILE B 329 -9.10 -22.86 1.95
CA ILE B 329 -8.41 -22.15 3.01
C ILE B 329 -7.66 -23.17 3.85
N ILE B 330 -6.36 -23.32 3.58
CA ILE B 330 -5.56 -24.30 4.31
C ILE B 330 -5.26 -23.73 5.69
N ALA B 331 -5.89 -24.30 6.72
CA ALA B 331 -5.73 -23.87 8.11
C ALA B 331 -5.39 -25.08 8.96
N PRO B 332 -4.15 -25.56 8.88
CA PRO B 332 -3.78 -26.74 9.65
C PRO B 332 -3.72 -26.42 11.13
N PRO B 333 -3.78 -27.43 12.00
CA PRO B 333 -3.54 -27.18 13.42
C PRO B 333 -2.10 -26.74 13.65
N GLU B 334 -1.85 -26.25 14.87
CA GLU B 334 -0.58 -25.69 15.29
C GLU B 334 -0.18 -24.45 14.49
N ARG B 335 -1.15 -23.65 14.03
CA ARG B 335 -0.83 -22.40 13.37
C ARG B 335 -0.08 -21.45 14.30
N LYS B 336 -0.28 -21.61 15.61
CA LYS B 336 0.40 -20.75 16.56
C LYS B 336 1.91 -20.93 16.49
N TYR B 337 2.37 -22.17 16.34
CA TYR B 337 3.80 -22.48 16.27
C TYR B 337 4.27 -22.81 14.87
N SER B 338 3.42 -22.62 13.85
CA SER B 338 3.81 -22.96 12.48
C SER B 338 5.01 -22.15 12.02
N VAL B 339 5.10 -20.89 12.45
CA VAL B 339 6.25 -20.06 12.08
C VAL B 339 7.54 -20.68 12.62
N TRP B 340 7.51 -21.10 13.88
CA TRP B 340 8.70 -21.72 14.46
C TRP B 340 9.02 -23.05 13.80
N ILE B 341 7.99 -23.83 13.46
CA ILE B 341 8.24 -25.10 12.77
C ILE B 341 8.91 -24.86 11.43
N GLY B 342 8.43 -23.86 10.69
CA GLY B 342 9.06 -23.52 9.42
C GLY B 342 10.49 -23.04 9.60
N GLY B 343 10.73 -22.24 10.63
CA GLY B 343 12.10 -21.81 10.91
C GLY B 343 13.01 -22.98 11.22
N SER B 344 12.52 -23.94 12.00
CA SER B 344 13.30 -25.13 12.30
C SER B 344 13.60 -25.93 11.03
N ILE B 345 12.60 -26.06 10.16
CA ILE B 345 12.81 -26.78 8.89
C ILE B 345 13.87 -26.07 8.05
N LEU B 346 13.78 -24.75 7.96
CA LEU B 346 14.73 -23.99 7.16
C LEU B 346 16.15 -24.12 7.72
N ALA B 347 16.29 -24.05 9.04
CA ALA B 347 17.62 -24.19 9.63
C ALA B 347 18.16 -25.61 9.47
N SER B 348 17.27 -26.61 9.51
CA SER B 348 17.71 -27.99 9.35
C SER B 348 18.10 -28.32 7.93
N LEU B 349 17.50 -27.64 6.95
CA LEU B 349 17.88 -27.87 5.55
C LEU B 349 19.36 -27.61 5.34
N SER B 350 20.03 -28.53 4.64
CA SER B 350 21.47 -28.44 4.45
C SER B 350 21.87 -27.40 3.42
N THR B 351 21.06 -27.22 2.37
CA THR B 351 21.39 -26.23 1.35
C THR B 351 21.40 -24.83 1.92
N PHE B 352 20.45 -24.53 2.82
CA PHE B 352 20.37 -23.20 3.42
C PHE B 352 21.52 -22.93 4.38
N GLN B 353 22.24 -23.97 4.82
CA GLN B 353 23.30 -23.79 5.80
C GLN B 353 24.47 -22.96 5.28
N GLN B 354 24.58 -22.75 3.97
CA GLN B 354 25.66 -21.96 3.42
C GLN B 354 25.30 -20.48 3.27
N MET B 355 24.01 -20.15 3.32
CA MET B 355 23.55 -18.77 3.16
C MET B 355 23.46 -18.03 4.48
N TRP B 356 24.29 -18.38 5.46
CA TRP B 356 24.26 -17.73 6.77
C TRP B 356 25.23 -16.57 6.80
N ILE B 357 24.97 -15.63 7.72
CA ILE B 357 25.83 -14.47 7.93
C ILE B 357 26.83 -14.85 9.02
N SER B 358 28.05 -15.21 8.61
CA SER B 358 29.07 -15.60 9.57
C SER B 358 29.62 -14.39 10.30
N LYS B 359 30.27 -14.65 11.44
CA LYS B 359 30.85 -13.58 12.23
C LYS B 359 31.96 -12.86 11.47
N GLN B 360 32.78 -13.62 10.73
CA GLN B 360 33.84 -13.00 9.94
C GLN B 360 33.26 -12.09 8.87
N GLU B 361 32.21 -12.55 8.18
CA GLU B 361 31.56 -11.71 7.16
C GLU B 361 30.97 -10.45 7.80
N TYR B 362 30.38 -10.58 8.98
CA TYR B 362 29.85 -9.41 9.67
C TYR B 362 30.95 -8.43 9.97
N ASP B 363 32.03 -8.88 10.62
CA ASP B 363 33.12 -7.99 10.95
C ASP B 363 33.74 -7.37 9.70
N GLU B 364 33.69 -8.08 8.57
CA GLU B 364 34.23 -7.53 7.33
C GLU B 364 33.35 -6.42 6.76
N SER B 365 32.04 -6.63 6.72
CA SER B 365 31.17 -5.69 6.01
C SER B 365 30.16 -5.00 6.91
N GLY B 366 29.36 -5.75 7.65
CA GLY B 366 28.38 -5.17 8.55
C GLY B 366 26.97 -5.00 8.01
N PRO B 367 26.31 -3.89 8.35
CA PRO B 367 24.95 -3.62 7.88
C PRO B 367 24.66 -4.01 6.46
N SER B 368 25.63 -3.82 5.59
CA SER B 368 25.43 -4.19 4.20
C SER B 368 25.30 -5.69 4.09
N ILE B 369 26.25 -6.41 4.67
CA ILE B 369 26.13 -7.85 4.71
C ILE B 369 24.75 -8.30 5.16
N VAL B 370 24.08 -7.54 6.03
CA VAL B 370 22.80 -8.03 6.55
C VAL B 370 21.57 -7.68 5.72
N HIS B 371 21.62 -6.62 4.93
CA HIS B 371 20.50 -6.32 4.06
C HIS B 371 20.82 -6.85 2.68
N ARG B 372 21.86 -7.66 2.60
CA ARG B 372 22.22 -8.27 1.33
C ARG B 372 21.97 -9.76 1.38
N LYS B 373 21.67 -10.29 2.56
CA LYS B 373 21.34 -11.69 2.69
C LYS B 373 20.03 -11.81 3.45
N CYS B 374 18.92 -11.60 2.76
CA CYS B 374 17.61 -11.64 3.38
C CYS B 374 16.53 -11.97 2.36
N ILE C 5 21.17 -44.18 -40.13
CA ILE C 5 20.21 -44.03 -39.05
C ILE C 5 19.06 -43.13 -39.49
N ALA C 6 18.07 -42.98 -38.61
CA ALA C 6 16.91 -42.17 -38.93
C ALA C 6 17.24 -40.69 -38.78
N ALA C 7 17.02 -39.94 -39.85
CA ALA C 7 17.29 -38.51 -39.82
C ALA C 7 16.25 -37.77 -38.98
N LEU C 8 16.66 -36.62 -38.46
CA LEU C 8 15.81 -35.81 -37.60
C LEU C 8 15.39 -34.55 -38.36
N VAL C 9 14.10 -34.25 -38.33
CA VAL C 9 13.55 -33.07 -38.98
C VAL C 9 13.05 -32.13 -37.90
N VAL C 10 13.55 -30.90 -37.90
CA VAL C 10 13.17 -29.94 -36.89
C VAL C 10 12.69 -28.65 -37.52
N ASP C 11 11.45 -28.26 -37.27
CA ASP C 11 10.95 -26.99 -37.77
C ASP C 11 10.78 -26.00 -36.64
N ASN C 12 11.59 -24.96 -36.62
CA ASN C 12 11.58 -23.95 -35.57
C ASN C 12 10.65 -22.79 -35.88
N GLY C 13 9.98 -22.80 -37.03
CA GLY C 13 9.04 -21.77 -37.38
C GLY C 13 7.68 -21.97 -36.74
N SER C 14 6.71 -21.19 -37.22
CA SER C 14 5.33 -21.26 -36.76
C SER C 14 5.19 -20.98 -35.26
N GLY C 15 6.21 -20.38 -34.67
CA GLY C 15 6.17 -20.00 -33.26
C GLY C 15 6.45 -21.14 -32.30
N MET C 16 6.15 -22.37 -32.71
CA MET C 16 6.34 -23.55 -31.88
C MET C 16 7.30 -24.49 -32.58
N CYS C 17 8.35 -24.90 -31.86
CA CYS C 17 9.35 -25.80 -32.43
C CYS C 17 8.79 -27.22 -32.50
N LYS C 18 8.66 -27.74 -33.71
CA LYS C 18 8.15 -29.09 -33.94
C LYS C 18 9.27 -29.94 -34.51
N ALA C 19 9.58 -31.05 -33.83
CA ALA C 19 10.69 -31.90 -34.23
C ALA C 19 10.31 -33.35 -34.03
N GLY C 20 10.95 -34.22 -34.80
CA GLY C 20 10.69 -35.65 -34.70
C GLY C 20 11.45 -36.39 -35.77
N PHE C 21 11.39 -37.72 -35.66
CA PHE C 21 12.10 -38.58 -36.59
C PHE C 21 11.48 -38.51 -37.98
N ALA C 22 12.31 -38.74 -38.99
CA ALA C 22 11.85 -38.71 -40.38
C ALA C 22 11.07 -39.98 -40.69
N GLY C 23 9.99 -39.82 -41.47
CA GLY C 23 9.15 -40.91 -41.89
C GLY C 23 7.78 -40.91 -41.23
N ASP C 24 7.69 -40.41 -40.00
CA ASP C 24 6.41 -40.40 -39.29
C ASP C 24 5.46 -39.39 -39.91
N ASP C 25 4.17 -39.67 -39.79
CA ASP C 25 3.13 -38.78 -40.31
C ASP C 25 2.83 -37.63 -39.38
N ALA C 26 3.32 -37.65 -38.14
CA ALA C 26 3.15 -36.58 -37.19
C ALA C 26 4.45 -36.35 -36.43
N PRO C 27 4.72 -35.12 -36.02
CA PRO C 27 5.94 -34.87 -35.24
C PRO C 27 5.87 -35.53 -33.88
N ARG C 28 7.03 -36.01 -33.41
CA ARG C 28 7.08 -36.68 -32.12
C ARG C 28 6.93 -35.70 -30.97
N ALA C 29 7.65 -34.57 -31.04
CA ALA C 29 7.64 -33.58 -29.99
C ALA C 29 7.25 -32.22 -30.56
N VAL C 30 6.32 -31.54 -29.90
CA VAL C 30 5.91 -30.20 -30.27
C VAL C 30 5.74 -29.37 -29.00
N PHE C 31 6.20 -28.12 -29.05
CA PHE C 31 6.14 -27.21 -27.91
C PHE C 31 6.46 -25.81 -28.41
N PRO C 32 5.99 -24.78 -27.71
CA PRO C 32 6.33 -23.41 -28.13
C PRO C 32 7.83 -23.17 -28.08
N SER C 33 8.33 -22.44 -29.07
CA SER C 33 9.74 -22.05 -29.11
C SER C 33 9.92 -20.84 -28.20
N ILE C 34 9.95 -21.13 -26.90
CA ILE C 34 9.89 -20.10 -25.87
C ILE C 34 10.94 -20.40 -24.81
N VAL C 35 11.59 -19.35 -24.31
CA VAL C 35 12.59 -19.45 -23.26
C VAL C 35 12.18 -18.54 -22.12
N GLY C 36 12.15 -19.08 -20.91
CA GLY C 36 11.72 -18.33 -19.74
C GLY C 36 12.85 -18.14 -18.75
N ARG C 37 12.87 -16.97 -18.12
CA ARG C 37 13.83 -16.64 -17.08
C ARG C 37 13.13 -15.99 -15.91
N PRO C 38 13.59 -16.24 -14.69
CA PRO C 38 12.88 -15.70 -13.51
C PRO C 38 12.88 -14.18 -13.49
N ARG C 39 11.80 -13.62 -12.98
CA ARG C 39 11.66 -12.17 -12.87
C ARG C 39 11.86 -11.66 -11.45
N HIS C 40 11.75 -12.53 -10.44
CA HIS C 40 11.92 -12.13 -9.05
C HIS C 40 12.88 -13.09 -8.36
N GLN C 41 13.66 -12.55 -7.43
CA GLN C 41 14.58 -13.37 -6.65
C GLN C 41 13.78 -14.27 -5.70
N GLY C 42 14.12 -15.56 -5.70
CA GLY C 42 13.37 -16.51 -4.92
C GLY C 42 13.77 -16.54 -3.45
N VAL C 43 12.85 -17.03 -2.62
CA VAL C 43 13.10 -17.22 -1.21
C VAL C 43 13.24 -18.70 -0.86
N MET C 44 12.53 -19.56 -1.56
CA MET C 44 12.70 -21.00 -1.40
C MET C 44 14.15 -21.38 -1.67
N VAL C 45 14.74 -22.16 -0.77
CA VAL C 45 16.09 -22.64 -0.96
C VAL C 45 16.13 -24.14 -1.20
N GLY C 46 15.23 -24.88 -0.54
CA GLY C 46 15.17 -26.31 -0.76
C GLY C 46 14.68 -26.67 -2.15
N MET C 47 13.69 -25.94 -2.65
CA MET C 47 13.13 -26.21 -3.97
C MET C 47 14.18 -26.01 -5.05
N GLY C 48 14.26 -26.96 -5.97
CA GLY C 48 15.21 -26.86 -7.06
C GLY C 48 14.83 -25.76 -8.02
N GLN C 49 15.65 -24.71 -8.07
CA GLN C 49 15.41 -23.57 -8.95
C GLN C 49 16.46 -23.58 -10.05
N LYS C 50 16.01 -23.63 -11.29
CA LYS C 50 16.90 -23.59 -12.44
C LYS C 50 16.90 -22.20 -13.06
N ASP C 51 18.06 -21.81 -13.61
CA ASP C 51 18.24 -20.45 -14.08
C ASP C 51 17.38 -20.14 -15.29
N SER C 52 17.13 -21.12 -16.16
CA SER C 52 16.38 -20.90 -17.38
C SER C 52 15.35 -22.00 -17.56
N TYR C 53 14.19 -21.61 -18.09
CA TYR C 53 13.12 -22.54 -18.45
C TYR C 53 12.87 -22.46 -19.94
N VAL C 54 12.69 -23.63 -20.56
CA VAL C 54 12.55 -23.74 -22.00
C VAL C 54 11.34 -24.59 -22.34
N GLY C 55 10.46 -24.08 -23.20
CA GLY C 55 9.40 -24.90 -23.75
C GLY C 55 8.27 -25.12 -22.77
N ASP C 56 7.90 -26.39 -22.58
CA ASP C 56 6.72 -26.72 -21.81
C ASP C 56 6.84 -26.31 -20.35
N GLU C 57 8.05 -26.42 -19.78
CA GLU C 57 8.24 -25.98 -18.41
C GLU C 57 8.00 -24.47 -18.28
N ALA C 58 8.53 -23.70 -19.22
CA ALA C 58 8.29 -22.26 -19.22
C ALA C 58 6.81 -21.95 -19.40
N GLN C 59 6.13 -22.74 -20.22
CA GLN C 59 4.68 -22.56 -20.37
C GLN C 59 3.95 -22.84 -19.06
N SER C 60 4.38 -23.87 -18.33
CA SER C 60 3.75 -24.20 -17.06
C SER C 60 3.97 -23.10 -16.03
N LYS C 61 5.18 -22.55 -15.97
CA LYS C 61 5.51 -21.47 -15.05
C LYS C 61 5.43 -20.11 -15.74
N ARG C 62 4.47 -19.95 -16.65
CA ARG C 62 4.39 -18.75 -17.48
C ARG C 62 4.15 -17.49 -16.65
N GLY C 63 3.46 -17.61 -15.53
CA GLY C 63 3.05 -16.42 -14.78
C GLY C 63 4.19 -15.71 -14.07
N ILE C 64 5.28 -16.40 -13.77
CA ILE C 64 6.36 -15.80 -12.99
C ILE C 64 7.67 -15.82 -13.78
N LEU C 65 7.57 -15.83 -15.10
CA LEU C 65 8.76 -15.85 -15.95
C LEU C 65 8.63 -14.77 -17.02
N THR C 66 9.78 -14.33 -17.51
CA THR C 66 9.83 -13.49 -18.70
C THR C 66 10.08 -14.36 -19.92
N LEU C 67 9.29 -14.15 -20.96
CA LEU C 67 9.29 -15.01 -22.13
C LEU C 67 9.83 -14.24 -23.33
N LYS C 68 10.88 -14.77 -23.95
CA LYS C 68 11.48 -14.19 -25.12
C LYS C 68 11.53 -15.23 -26.22
N TYR C 69 10.87 -14.95 -27.34
CA TYR C 69 10.93 -15.84 -28.49
C TYR C 69 12.27 -15.65 -29.19
N PRO C 70 13.09 -16.70 -29.30
CA PRO C 70 14.36 -16.54 -30.04
C PRO C 70 14.15 -16.19 -31.49
N ILE C 71 13.18 -16.79 -32.13
CA ILE C 71 13.00 -16.55 -33.55
C ILE C 71 12.06 -15.38 -33.66
N GLU C 72 12.55 -14.31 -34.29
CA GLU C 72 11.72 -13.13 -34.47
C GLU C 72 11.53 -12.98 -35.96
N HIS C 73 10.32 -12.69 -36.40
CA HIS C 73 10.05 -12.64 -37.84
C HIS C 73 10.55 -13.94 -38.36
N GLY C 74 11.61 -13.92 -39.16
CA GLY C 74 12.20 -15.16 -39.61
C GLY C 74 13.68 -15.18 -39.30
N ILE C 75 14.10 -14.37 -38.34
CA ILE C 75 15.53 -14.27 -38.04
C ILE C 75 15.73 -14.56 -36.56
N VAL C 76 16.95 -14.92 -36.20
CA VAL C 76 17.25 -15.28 -34.82
C VAL C 76 17.66 -14.01 -34.06
N THR C 77 17.03 -13.79 -32.91
CA THR C 77 17.37 -12.66 -32.07
C THR C 77 18.21 -13.04 -30.86
N ASN C 78 18.34 -14.33 -30.54
CA ASN C 78 19.16 -14.76 -29.42
C ASN C 78 19.66 -16.17 -29.72
N TRP C 79 20.90 -16.25 -30.23
CA TRP C 79 21.46 -17.55 -30.58
C TRP C 79 21.69 -18.41 -29.35
N ASP C 80 21.97 -17.80 -28.19
CA ASP C 80 22.08 -18.58 -26.96
C ASP C 80 20.74 -19.24 -26.62
N ASP C 81 19.65 -18.48 -26.72
CA ASP C 81 18.33 -19.04 -26.44
C ASP C 81 17.95 -20.13 -27.44
N MET C 82 18.27 -19.93 -28.72
CA MET C 82 17.94 -20.97 -29.67
C MET C 82 18.82 -22.21 -29.47
N GLU C 83 20.07 -22.03 -29.05
CA GLU C 83 20.89 -23.19 -28.70
C GLU C 83 20.29 -23.93 -27.52
N LYS C 84 19.77 -23.19 -26.53
CA LYS C 84 19.12 -23.83 -25.40
C LYS C 84 17.88 -24.61 -25.84
N ILE C 85 17.09 -24.03 -26.74
CA ILE C 85 15.90 -24.71 -27.23
C ILE C 85 16.29 -25.98 -28.00
N TRP C 86 17.33 -25.89 -28.82
CA TRP C 86 17.79 -27.06 -29.57
C TRP C 86 18.30 -28.14 -28.63
N HIS C 87 19.03 -27.76 -27.58
CA HIS C 87 19.48 -28.73 -26.60
C HIS C 87 18.29 -29.40 -25.93
N HIS C 88 17.26 -28.63 -25.59
CA HIS C 88 16.06 -29.21 -25.01
C HIS C 88 15.40 -30.18 -25.97
N THR C 89 15.31 -29.82 -27.24
CA THR C 89 14.71 -30.70 -28.23
C THR C 89 15.49 -32.00 -28.36
N PHE C 90 16.82 -31.90 -28.40
CA PHE C 90 17.66 -33.07 -28.65
C PHE C 90 17.81 -33.97 -27.44
N TYR C 91 17.72 -33.44 -26.22
CA TYR C 91 18.02 -34.25 -25.04
C TYR C 91 16.83 -34.50 -24.13
N ASN C 92 15.86 -33.59 -24.07
CA ASN C 92 14.75 -33.73 -23.14
C ASN C 92 13.41 -33.99 -23.83
N GLU C 93 13.33 -33.88 -25.15
CA GLU C 93 12.10 -34.12 -25.89
C GLU C 93 12.21 -35.33 -26.80
N LEU C 94 13.18 -35.36 -27.70
CA LEU C 94 13.34 -36.50 -28.59
C LEU C 94 14.17 -37.62 -27.98
N ARG C 95 14.99 -37.30 -26.98
CA ARG C 95 15.80 -38.29 -26.27
C ARG C 95 16.70 -39.07 -27.24
N VAL C 96 17.47 -38.34 -28.02
CA VAL C 96 18.39 -38.94 -28.98
C VAL C 96 19.65 -38.09 -29.05
N ALA C 97 20.80 -38.74 -28.95
CA ALA C 97 22.06 -38.03 -29.04
C ALA C 97 22.31 -37.60 -30.48
N PRO C 98 22.48 -36.31 -30.76
CA PRO C 98 22.71 -35.88 -32.16
C PRO C 98 24.06 -36.29 -32.70
N GLU C 99 24.93 -36.90 -31.88
CA GLU C 99 26.25 -37.31 -32.34
C GLU C 99 26.21 -38.41 -33.39
N GLU C 100 25.06 -39.08 -33.57
CA GLU C 100 24.97 -40.14 -34.56
C GLU C 100 23.66 -40.09 -35.34
N HIS C 101 23.02 -38.92 -35.45
CA HIS C 101 21.77 -38.80 -36.17
C HIS C 101 21.82 -37.55 -37.06
N PRO C 102 21.69 -37.71 -38.38
CA PRO C 102 21.65 -36.54 -39.25
C PRO C 102 20.42 -35.69 -39.00
N VAL C 103 20.57 -34.38 -39.20
CA VAL C 103 19.54 -33.41 -38.83
C VAL C 103 19.16 -32.58 -40.04
N LEU C 104 17.87 -32.27 -40.15
CA LEU C 104 17.34 -31.39 -41.18
C LEU C 104 16.54 -30.27 -40.52
N LEU C 105 16.70 -29.06 -41.05
CA LEU C 105 16.04 -27.88 -40.48
C LEU C 105 15.28 -27.14 -41.56
N THR C 106 14.54 -26.12 -41.14
CA THR C 106 13.75 -25.29 -42.02
C THR C 106 14.08 -23.82 -41.81
N GLU C 107 13.97 -23.05 -42.89
CA GLU C 107 14.22 -21.61 -42.83
C GLU C 107 13.37 -20.91 -43.87
N ALA C 108 12.83 -19.76 -43.51
CA ALA C 108 11.99 -19.00 -44.42
C ALA C 108 12.82 -18.45 -45.58
N PRO C 109 12.22 -18.30 -46.76
CA PRO C 109 12.96 -17.72 -47.89
C PRO C 109 13.24 -16.24 -47.65
N LEU C 110 14.27 -15.75 -48.35
CA LEU C 110 14.76 -14.38 -48.20
C LEU C 110 15.14 -14.11 -46.75
N ASN C 111 16.10 -14.90 -46.27
CA ASN C 111 16.59 -14.79 -44.91
C ASN C 111 18.09 -14.61 -44.92
N PRO C 112 18.64 -13.86 -43.96
CA PRO C 112 20.08 -13.58 -43.96
C PRO C 112 20.95 -14.83 -43.92
N LYS C 113 21.90 -14.94 -44.85
CA LYS C 113 22.84 -16.03 -44.73
C LYS C 113 23.78 -15.85 -43.55
N ALA C 114 23.78 -14.66 -42.93
CA ALA C 114 24.39 -14.56 -41.61
C ALA C 114 23.67 -15.47 -40.61
N ASN C 115 22.34 -15.42 -40.63
CA ASN C 115 21.55 -16.31 -39.80
C ASN C 115 21.77 -17.77 -40.18
N ARG C 116 21.79 -18.06 -41.48
CA ARG C 116 22.01 -19.45 -41.90
C ARG C 116 23.39 -19.95 -41.46
N GLU C 117 24.42 -19.11 -41.60
CA GLU C 117 25.76 -19.49 -41.18
C GLU C 117 25.84 -19.72 -39.69
N LYS C 118 25.23 -18.85 -38.89
CA LYS C 118 25.25 -19.09 -37.46
C LYS C 118 24.49 -20.37 -37.10
N MET C 119 23.39 -20.64 -37.80
CA MET C 119 22.68 -21.90 -37.62
C MET C 119 23.60 -23.09 -37.86
N THR C 120 24.27 -23.11 -39.01
CA THR C 120 25.13 -24.24 -39.36
C THR C 120 26.30 -24.36 -38.39
N GLN C 121 26.92 -23.23 -38.03
CA GLN C 121 28.05 -23.25 -37.12
C GLN C 121 27.64 -23.79 -35.75
N ILE C 122 26.49 -23.34 -35.24
CA ILE C 122 26.01 -23.85 -33.96
C ILE C 122 25.80 -25.35 -34.04
N MET C 123 25.07 -25.81 -35.06
CA MET C 123 24.74 -27.22 -35.13
C MET C 123 25.95 -28.11 -35.42
N PHE C 124 27.02 -27.56 -36.00
CA PHE C 124 28.18 -28.37 -36.32
C PHE C 124 29.28 -28.33 -35.26
N GLU C 125 29.38 -27.23 -34.51
CA GLU C 125 30.40 -27.14 -33.48
C GLU C 125 29.88 -27.43 -32.08
N THR C 126 28.56 -27.43 -31.88
CA THR C 126 27.98 -27.73 -30.59
C THR C 126 27.43 -29.15 -30.52
N PHE C 127 26.58 -29.53 -31.45
CA PHE C 127 25.98 -30.86 -31.47
C PHE C 127 26.75 -31.85 -32.32
N ASN C 128 27.79 -31.40 -33.03
CA ASN C 128 28.63 -32.22 -33.92
C ASN C 128 27.84 -33.29 -34.67
N THR C 129 26.75 -32.89 -35.31
CA THR C 129 25.93 -33.84 -36.05
C THR C 129 26.66 -34.30 -37.31
N PRO C 130 26.70 -35.61 -37.59
CA PRO C 130 27.37 -36.11 -38.79
C PRO C 130 26.96 -35.41 -40.08
N ALA C 131 25.71 -35.01 -40.23
CA ALA C 131 25.26 -34.36 -41.46
C ALA C 131 24.18 -33.36 -41.12
N MET C 132 23.95 -32.43 -42.04
CA MET C 132 22.98 -31.37 -41.82
C MET C 132 22.50 -30.85 -43.15
N TYR C 133 21.33 -30.19 -43.14
CA TYR C 133 20.79 -29.57 -44.33
C TYR C 133 19.75 -28.54 -43.90
N VAL C 134 19.61 -27.49 -44.71
CA VAL C 134 18.63 -26.43 -44.47
C VAL C 134 17.75 -26.31 -45.70
N ALA C 135 16.44 -26.35 -45.49
CA ALA C 135 15.48 -26.28 -46.58
C ALA C 135 14.46 -25.18 -46.32
N ILE C 136 13.75 -24.80 -47.38
CA ILE C 136 12.72 -23.77 -47.31
C ILE C 136 11.45 -24.39 -46.75
N GLN C 137 10.76 -23.65 -45.89
CA GLN C 137 9.59 -24.19 -45.21
C GLN C 137 8.46 -24.49 -46.19
N ALA C 138 8.18 -23.54 -47.09
CA ALA C 138 7.03 -23.70 -47.97
C ALA C 138 7.28 -24.77 -49.03
N VAL C 139 8.55 -24.97 -49.42
CA VAL C 139 8.87 -26.10 -50.28
C VAL C 139 8.55 -27.41 -49.55
N LEU C 140 8.82 -27.47 -48.25
CA LEU C 140 8.43 -28.63 -47.48
C LEU C 140 6.91 -28.77 -47.43
N SER C 141 6.19 -27.66 -47.33
CA SER C 141 4.73 -27.73 -47.37
C SER C 141 4.25 -28.31 -48.69
N LEU C 142 4.85 -27.88 -49.80
CA LEU C 142 4.50 -28.46 -51.09
C LEU C 142 4.85 -29.94 -51.15
N TYR C 143 5.94 -30.34 -50.48
CA TYR C 143 6.27 -31.75 -50.38
C TYR C 143 5.15 -32.51 -49.68
N ALA C 144 4.66 -31.95 -48.58
CA ALA C 144 3.60 -32.61 -47.81
C ALA C 144 2.31 -32.71 -48.61
N SER C 145 2.00 -31.67 -49.38
CA SER C 145 0.80 -31.71 -50.21
C SER C 145 0.90 -32.71 -51.35
N GLY C 146 2.08 -33.25 -51.62
CA GLY C 146 2.25 -34.25 -52.67
C GLY C 146 2.42 -33.71 -54.07
N ARG C 147 1.64 -32.71 -54.45
CA ARG C 147 1.73 -32.16 -55.80
C ARG C 147 3.09 -31.52 -56.04
N THR C 148 3.60 -31.70 -57.26
CA THR C 148 4.87 -31.14 -57.67
C THR C 148 4.71 -29.82 -58.41
N THR C 149 3.54 -29.20 -58.31
CA THR C 149 3.28 -27.91 -58.95
C THR C 149 2.20 -27.15 -58.21
N GLY C 150 2.44 -25.88 -57.92
CA GLY C 150 1.46 -25.06 -57.25
C GLY C 150 2.05 -24.14 -56.22
N ILE C 151 1.57 -22.89 -56.18
CA ILE C 151 2.06 -21.92 -55.21
C ILE C 151 1.68 -22.37 -53.80
N VAL C 152 2.62 -22.25 -52.88
CA VAL C 152 2.38 -22.54 -51.47
C VAL C 152 2.50 -21.23 -50.71
N MET C 153 1.41 -20.84 -50.05
CA MET C 153 1.40 -19.61 -49.24
C MET C 153 1.56 -20.05 -47.80
N ASP C 154 2.80 -19.98 -47.34
CA ASP C 154 3.10 -20.30 -45.95
C ASP C 154 3.03 -19.05 -45.10
N SER C 155 2.44 -19.19 -43.91
CA SER C 155 2.33 -18.05 -43.00
C SER C 155 2.45 -18.60 -41.58
N GLY C 156 3.66 -18.62 -41.06
CA GLY C 156 3.92 -19.01 -39.69
C GLY C 156 3.74 -17.85 -38.74
N ASP C 157 4.12 -18.09 -37.48
CA ASP C 157 4.01 -17.04 -36.47
C ASP C 157 5.00 -15.91 -36.72
N GLY C 158 6.01 -16.12 -37.56
CA GLY C 158 6.98 -15.08 -37.81
C GLY C 158 7.00 -14.54 -39.23
N VAL C 159 6.71 -15.40 -40.21
CA VAL C 159 6.86 -15.05 -41.62
C VAL C 159 5.58 -15.38 -42.36
N THR C 160 5.38 -14.70 -43.50
CA THR C 160 4.32 -15.02 -44.44
C THR C 160 4.90 -14.90 -45.84
N HIS C 161 5.13 -16.04 -46.50
CA HIS C 161 5.83 -16.06 -47.77
C HIS C 161 5.16 -17.03 -48.72
N THR C 162 5.37 -16.80 -50.02
CA THR C 162 4.87 -17.66 -51.09
C THR C 162 6.01 -17.97 -52.04
N VAL C 163 6.17 -19.24 -52.41
CA VAL C 163 7.19 -19.64 -53.37
C VAL C 163 6.56 -20.46 -54.47
N PRO C 164 6.09 -19.86 -55.56
CA PRO C 164 5.49 -20.64 -56.64
C PRO C 164 6.49 -21.62 -57.24
N ILE C 165 6.03 -22.86 -57.44
CA ILE C 165 6.83 -23.94 -57.98
C ILE C 165 6.04 -24.61 -59.09
N TYR C 166 6.68 -24.81 -60.24
CA TYR C 166 6.03 -25.42 -61.39
C TYR C 166 6.84 -26.58 -61.92
N GLU C 167 6.21 -27.75 -62.00
CA GLU C 167 6.75 -28.91 -62.73
C GLU C 167 8.17 -29.25 -62.30
N GLY C 168 8.43 -29.16 -61.00
CA GLY C 168 9.72 -29.58 -60.48
C GLY C 168 10.76 -28.51 -60.29
N TYR C 169 10.50 -27.27 -60.75
CA TYR C 169 11.46 -26.19 -60.61
C TYR C 169 10.80 -25.02 -59.91
N ALA C 170 11.50 -24.46 -58.93
CA ALA C 170 10.99 -23.31 -58.21
C ALA C 170 11.16 -22.04 -59.03
N LEU C 171 10.60 -20.95 -58.53
CA LEU C 171 10.64 -19.64 -59.19
C LEU C 171 11.22 -18.64 -58.20
N PRO C 172 12.55 -18.59 -58.06
CA PRO C 172 13.15 -17.69 -57.07
C PRO C 172 12.90 -16.22 -57.35
N HIS C 173 12.54 -15.85 -58.58
CA HIS C 173 12.29 -14.45 -58.90
C HIS C 173 10.88 -14.00 -58.55
N ALA C 174 10.01 -14.91 -58.15
CA ALA C 174 8.64 -14.58 -57.80
C ALA C 174 8.35 -14.81 -56.32
N ILE C 175 9.38 -14.85 -55.49
CA ILE C 175 9.21 -15.09 -54.06
C ILE C 175 8.86 -13.77 -53.38
N LEU C 176 7.71 -13.73 -52.72
CA LEU C 176 7.27 -12.57 -51.98
C LEU C 176 7.17 -12.92 -50.51
N ARG C 177 7.88 -12.17 -49.67
CA ARG C 177 7.87 -12.38 -48.22
C ARG C 177 7.17 -11.21 -47.56
N LEU C 178 6.29 -11.50 -46.61
CA LEU C 178 5.47 -10.50 -45.95
C LEU C 178 5.58 -10.67 -44.44
N ASP C 179 5.47 -9.55 -43.71
CA ASP C 179 5.82 -9.56 -42.30
C ASP C 179 4.63 -9.91 -41.41
N LEU C 180 3.41 -9.69 -41.86
CA LEU C 180 2.25 -10.00 -41.04
C LEU C 180 2.20 -11.50 -40.74
N ALA C 181 2.00 -11.82 -39.46
CA ALA C 181 2.13 -13.20 -39.00
C ALA C 181 1.41 -13.33 -37.66
N GLY C 182 1.68 -14.45 -36.98
CA GLY C 182 1.03 -14.70 -35.71
C GLY C 182 1.34 -13.66 -34.66
N ARG C 183 2.58 -13.20 -34.60
CA ARG C 183 2.96 -12.19 -33.61
C ARG C 183 2.24 -10.88 -33.86
N ASP C 184 2.16 -10.45 -35.12
CA ASP C 184 1.46 -9.21 -35.45
C ASP C 184 -0.04 -9.34 -35.18
N LEU C 185 -0.62 -10.50 -35.49
CA LEU C 185 -2.03 -10.70 -35.20
C LEU C 185 -2.28 -10.69 -33.70
N THR C 186 -1.38 -11.27 -32.91
CA THR C 186 -1.52 -11.23 -31.46
C THR C 186 -1.39 -9.81 -30.94
N ASP C 187 -0.49 -9.01 -31.52
CA ASP C 187 -0.37 -7.62 -31.11
C ASP C 187 -1.64 -6.83 -31.42
N TYR C 188 -2.22 -7.06 -32.60
CA TYR C 188 -3.48 -6.40 -32.94
C TYR C 188 -4.60 -6.85 -32.02
N LEU C 189 -4.60 -8.13 -31.63
CA LEU C 189 -5.60 -8.60 -30.67
C LEU C 189 -5.40 -7.92 -29.32
N MET C 190 -4.15 -7.72 -28.91
CA MET C 190 -3.88 -6.93 -27.70
C MET C 190 -4.50 -5.55 -27.80
N LYS C 191 -4.23 -4.85 -28.90
CA LYS C 191 -4.70 -3.48 -29.05
C LYS C 191 -6.22 -3.43 -29.04
N ILE C 192 -6.87 -4.37 -29.72
CA ILE C 192 -8.33 -4.35 -29.76
C ILE C 192 -8.92 -4.80 -28.43
N LEU C 193 -8.21 -5.63 -27.67
CA LEU C 193 -8.73 -6.02 -26.36
C LEU C 193 -8.65 -4.87 -25.37
N THR C 194 -7.55 -4.13 -25.37
CA THR C 194 -7.51 -2.93 -24.53
C THR C 194 -8.44 -1.86 -25.07
N GLU C 195 -8.78 -1.94 -26.36
CA GLU C 195 -9.86 -1.11 -26.90
C GLU C 195 -11.19 -1.45 -26.25
N ARG C 196 -11.48 -2.75 -26.10
CA ARG C 196 -12.72 -3.13 -25.43
C ARG C 196 -12.70 -2.82 -23.94
N GLY C 197 -11.54 -3.00 -23.29
CA GLY C 197 -11.44 -2.71 -21.87
C GLY C 197 -10.52 -3.66 -21.12
N TYR C 198 -10.19 -4.78 -21.73
CA TYR C 198 -9.30 -5.77 -21.11
C TYR C 198 -7.87 -5.46 -21.53
N SER C 199 -7.11 -4.84 -20.62
CA SER C 199 -5.74 -4.44 -20.92
C SER C 199 -4.80 -5.60 -20.67
N PHE C 200 -3.99 -5.94 -21.68
CA PHE C 200 -2.99 -6.98 -21.56
C PHE C 200 -1.62 -6.40 -21.89
N THR C 201 -0.71 -6.44 -20.91
CA THR C 201 0.68 -6.03 -21.16
C THR C 201 1.62 -6.86 -20.30
N THR C 202 2.08 -7.98 -20.83
CA THR C 202 2.97 -8.93 -20.17
C THR C 202 3.21 -10.04 -21.18
N THR C 203 4.30 -10.79 -21.01
CA THR C 203 4.50 -11.96 -21.84
C THR C 203 3.45 -13.04 -21.56
N ALA C 204 3.08 -13.21 -20.29
CA ALA C 204 2.03 -14.14 -19.93
C ALA C 204 0.71 -13.71 -20.55
N GLU C 205 0.43 -12.40 -20.50
CA GLU C 205 -0.76 -11.84 -21.11
C GLU C 205 -0.72 -12.08 -22.62
N ARG C 206 0.46 -11.96 -23.21
CA ARG C 206 0.60 -12.19 -24.65
C ARG C 206 0.28 -13.63 -25.00
N GLU C 207 0.75 -14.58 -24.19
CA GLU C 207 0.45 -15.97 -24.45
C GLU C 207 -1.03 -16.27 -24.29
N ILE C 208 -1.67 -15.66 -23.28
CA ILE C 208 -3.11 -15.83 -23.11
C ILE C 208 -3.86 -15.25 -24.31
N VAL C 209 -3.41 -14.09 -24.81
CA VAL C 209 -4.03 -13.50 -25.98
C VAL C 209 -3.84 -14.39 -27.20
N ARG C 210 -2.67 -15.02 -27.31
CA ARG C 210 -2.44 -15.96 -28.42
C ARG C 210 -3.39 -17.14 -28.33
N ASP C 211 -3.59 -17.67 -27.12
CA ASP C 211 -4.56 -18.76 -26.95
C ASP C 211 -5.96 -18.32 -27.34
N ILE C 212 -6.35 -17.12 -26.93
CA ILE C 212 -7.66 -16.58 -27.31
C ILE C 212 -7.77 -16.47 -28.82
N LYS C 213 -6.72 -15.99 -29.47
CA LYS C 213 -6.70 -15.89 -30.92
C LYS C 213 -6.88 -17.25 -31.57
N GLU C 214 -6.21 -18.27 -31.03
CA GLU C 214 -6.33 -19.61 -31.59
C GLU C 214 -7.75 -20.15 -31.43
N LYS C 215 -8.38 -19.91 -30.28
CA LYS C 215 -9.62 -20.58 -29.94
C LYS C 215 -10.88 -19.76 -30.21
N LEU C 216 -10.76 -18.50 -30.65
CA LEU C 216 -11.94 -17.66 -30.84
C LEU C 216 -11.98 -16.90 -32.15
N CYS C 217 -10.85 -16.60 -32.78
CA CYS C 217 -10.83 -15.74 -33.95
C CYS C 217 -11.20 -16.52 -35.21
N TYR C 218 -11.82 -15.82 -36.16
CA TYR C 218 -12.18 -16.40 -37.44
C TYR C 218 -12.24 -15.29 -38.48
N VAL C 219 -12.18 -15.67 -39.74
CA VAL C 219 -12.17 -14.74 -40.86
C VAL C 219 -13.54 -14.78 -41.53
N ALA C 220 -14.13 -13.60 -41.74
CA ALA C 220 -15.43 -13.50 -42.37
C ALA C 220 -15.30 -13.60 -43.88
N LEU C 221 -16.46 -13.58 -44.56
CA LEU C 221 -16.50 -13.55 -46.01
C LEU C 221 -16.72 -12.16 -46.58
N ASP C 222 -17.34 -11.26 -45.81
CA ASP C 222 -17.52 -9.86 -46.22
C ASP C 222 -17.41 -9.00 -44.97
N PHE C 223 -16.30 -8.27 -44.86
CA PHE C 223 -15.97 -7.60 -43.61
C PHE C 223 -17.00 -6.56 -43.22
N GLU C 224 -17.48 -5.76 -44.18
CA GLU C 224 -18.43 -4.71 -43.85
C GLU C 224 -19.74 -5.29 -43.31
N GLN C 225 -20.28 -6.30 -43.99
CA GLN C 225 -21.53 -6.90 -43.54
C GLN C 225 -21.34 -7.62 -42.21
N GLU C 226 -20.20 -8.28 -42.02
CA GLU C 226 -19.95 -8.94 -40.73
C GLU C 226 -19.87 -7.91 -39.61
N MET C 227 -19.20 -6.79 -39.84
CA MET C 227 -19.10 -5.74 -38.82
C MET C 227 -20.48 -5.19 -38.49
N ALA C 228 -21.29 -4.93 -39.52
CA ALA C 228 -22.63 -4.42 -39.28
C ALA C 228 -23.48 -5.42 -38.49
N THR C 229 -23.39 -6.71 -38.86
CA THR C 229 -24.17 -7.73 -38.16
C THR C 229 -23.73 -7.84 -36.70
N ALA C 230 -22.42 -7.82 -36.44
CA ALA C 230 -21.94 -7.94 -35.07
C ALA C 230 -22.28 -6.71 -34.24
N ALA C 231 -22.27 -5.52 -34.86
CA ALA C 231 -22.59 -4.30 -34.12
C ALA C 231 -24.08 -4.11 -33.92
N SER C 232 -24.92 -4.74 -34.75
CA SER C 232 -26.37 -4.56 -34.64
C SER C 232 -27.04 -5.71 -33.90
N SER C 233 -26.90 -6.94 -34.40
CA SER C 233 -27.61 -8.07 -33.82
C SER C 233 -26.99 -8.52 -32.50
N SER C 234 -25.67 -8.37 -32.36
CA SER C 234 -24.94 -8.80 -31.16
C SER C 234 -25.17 -10.28 -30.89
N SER C 235 -25.23 -11.08 -31.94
CA SER C 235 -25.36 -12.53 -31.83
C SER C 235 -24.04 -13.27 -32.02
N LEU C 236 -23.00 -12.58 -32.50
CA LEU C 236 -21.69 -13.20 -32.69
C LEU C 236 -20.83 -13.16 -31.44
N GLU C 237 -21.34 -12.59 -30.35
CA GLU C 237 -20.55 -12.47 -29.13
C GLU C 237 -20.24 -13.85 -28.55
N LYS C 238 -19.01 -14.02 -28.09
CA LYS C 238 -18.57 -15.25 -27.46
C LYS C 238 -17.77 -14.93 -26.21
N SER C 239 -17.76 -15.87 -25.28
CA SER C 239 -17.10 -15.68 -23.99
C SER C 239 -15.87 -16.59 -23.90
N TYR C 240 -14.93 -16.16 -23.06
CA TYR C 240 -13.72 -16.92 -22.80
C TYR C 240 -13.38 -16.82 -21.32
N GLU C 241 -12.73 -17.86 -20.81
CA GLU C 241 -12.40 -17.94 -19.39
C GLU C 241 -10.89 -17.81 -19.22
N LEU C 242 -10.47 -16.73 -18.55
CA LEU C 242 -9.06 -16.55 -18.23
C LEU C 242 -8.66 -17.43 -17.06
N PRO C 243 -7.37 -17.73 -16.92
CA PRO C 243 -6.92 -18.50 -15.75
C PRO C 243 -7.21 -17.82 -14.43
N ASP C 244 -7.36 -16.50 -14.41
CA ASP C 244 -7.68 -15.79 -13.18
C ASP C 244 -9.15 -15.93 -12.80
N GLY C 245 -10.01 -16.37 -13.72
CA GLY C 245 -11.41 -16.57 -13.42
C GLY C 245 -12.36 -15.51 -13.94
N GLN C 246 -11.84 -14.46 -14.60
CA GLN C 246 -12.69 -13.39 -15.12
C GLN C 246 -13.03 -13.69 -16.58
N VAL C 247 -14.32 -13.68 -16.89
CA VAL C 247 -14.77 -13.98 -18.25
C VAL C 247 -14.52 -12.79 -19.15
N ILE C 248 -14.28 -13.07 -20.44
CA ILE C 248 -14.07 -12.05 -21.45
C ILE C 248 -15.10 -12.26 -22.56
N THR C 249 -15.89 -11.23 -22.83
CA THR C 249 -16.86 -11.27 -23.92
C THR C 249 -16.26 -10.56 -25.13
N ILE C 250 -16.20 -11.25 -26.26
CA ILE C 250 -15.51 -10.76 -27.45
C ILE C 250 -16.52 -10.67 -28.58
N GLY C 251 -16.58 -9.51 -29.22
CA GLY C 251 -17.53 -9.28 -30.31
C GLY C 251 -16.86 -9.13 -31.67
N ASN C 252 -16.71 -7.88 -32.12
CA ASN C 252 -16.09 -7.62 -33.41
C ASN C 252 -14.66 -8.12 -33.47
N GLU C 253 -14.01 -8.27 -32.31
CA GLU C 253 -12.61 -8.68 -32.28
C GLU C 253 -12.41 -10.03 -32.95
N ARG C 254 -13.42 -10.90 -32.91
CA ARG C 254 -13.29 -12.23 -33.50
C ARG C 254 -12.86 -12.17 -34.95
N PHE C 255 -13.50 -11.31 -35.74
CA PHE C 255 -13.16 -11.19 -37.15
C PHE C 255 -12.41 -9.90 -37.47
N ARG C 256 -12.00 -9.15 -36.44
CA ARG C 256 -11.10 -8.02 -36.65
C ARG C 256 -9.65 -8.37 -36.37
N CYS C 257 -9.39 -9.33 -35.49
CA CYS C 257 -8.02 -9.78 -35.24
C CYS C 257 -7.37 -10.40 -36.47
N PRO C 258 -8.02 -11.32 -37.18
CA PRO C 258 -7.41 -11.90 -38.39
C PRO C 258 -7.76 -11.18 -39.68
N GLU C 259 -8.49 -10.07 -39.63
CA GLU C 259 -8.76 -9.30 -40.84
C GLU C 259 -7.54 -8.51 -41.28
N ALA C 260 -6.57 -8.31 -40.38
CA ALA C 260 -5.35 -7.60 -40.73
C ALA C 260 -4.56 -8.34 -41.81
N LEU C 261 -4.73 -9.65 -41.91
CA LEU C 261 -4.03 -10.41 -42.95
C LEU C 261 -4.45 -9.99 -44.33
N PHE C 262 -5.69 -9.52 -44.49
CA PHE C 262 -6.18 -9.04 -45.77
C PHE C 262 -6.21 -7.52 -45.89
N GLN C 263 -6.29 -6.80 -44.77
CA GLN C 263 -6.27 -5.34 -44.77
C GLN C 263 -5.20 -4.90 -43.78
N PRO C 264 -3.93 -4.94 -44.17
CA PRO C 264 -2.85 -4.53 -43.25
C PRO C 264 -2.88 -3.06 -42.91
N SER C 265 -3.76 -2.27 -43.53
CA SER C 265 -3.92 -0.88 -43.14
C SER C 265 -4.35 -0.74 -41.69
N PHE C 266 -4.96 -1.78 -41.12
CA PHE C 266 -5.32 -1.75 -39.71
C PHE C 266 -4.07 -1.67 -38.83
N LEU C 267 -3.05 -2.48 -39.14
CA LEU C 267 -1.78 -2.39 -38.43
C LEU C 267 -0.88 -1.28 -38.98
N GLY C 268 -1.26 -0.65 -40.09
CA GLY C 268 -0.57 0.51 -40.57
C GLY C 268 0.49 0.25 -41.62
N MET C 269 0.91 -1.00 -41.80
CA MET C 269 1.90 -1.31 -42.82
C MET C 269 1.30 -1.08 -44.20
N GLU C 270 2.09 -0.48 -45.09
CA GLU C 270 1.62 -0.18 -46.43
C GLU C 270 1.53 -1.43 -47.30
N SER C 271 2.18 -2.52 -46.90
CA SER C 271 2.16 -3.73 -47.70
C SER C 271 0.73 -4.24 -47.87
N CYS C 272 0.46 -4.79 -49.04
CA CYS C 272 -0.86 -5.29 -49.34
C CYS C 272 -1.13 -6.59 -48.58
N GLY C 273 -2.39 -7.01 -48.60
CA GLY C 273 -2.82 -8.17 -47.83
C GLY C 273 -2.24 -9.47 -48.35
N ILE C 274 -2.56 -10.55 -47.62
CA ILE C 274 -2.05 -11.87 -47.98
C ILE C 274 -2.59 -12.30 -49.33
N HIS C 275 -3.88 -12.10 -49.58
CA HIS C 275 -4.46 -12.49 -50.85
C HIS C 275 -3.86 -11.68 -52.00
N GLU C 276 -3.65 -10.37 -51.79
CA GLU C 276 -3.07 -9.55 -52.83
C GLU C 276 -1.63 -9.96 -53.11
N THR C 277 -0.87 -10.30 -52.07
CA THR C 277 0.50 -10.78 -52.29
C THR C 277 0.51 -12.09 -53.05
N THR C 278 -0.41 -13.00 -52.71
CA THR C 278 -0.50 -14.26 -53.46
C THR C 278 -0.80 -14.00 -54.92
N PHE C 279 -1.76 -13.10 -55.19
CA PHE C 279 -2.10 -12.77 -56.56
C PHE C 279 -0.93 -12.13 -57.30
N ASN C 280 -0.20 -11.23 -56.64
CA ASN C 280 0.97 -10.61 -57.26
C ASN C 280 2.04 -11.65 -57.56
N SER C 281 2.27 -12.59 -56.64
CA SER C 281 3.23 -13.65 -56.90
C SER C 281 2.77 -14.52 -58.06
N ILE C 282 1.47 -14.71 -58.20
CA ILE C 282 0.94 -15.46 -59.35
C ILE C 282 1.26 -14.74 -60.66
N MET C 283 1.03 -13.43 -60.70
CA MET C 283 1.30 -12.70 -61.94
C MET C 283 2.80 -12.53 -62.19
N LYS C 284 3.63 -12.62 -61.15
CA LYS C 284 5.07 -12.48 -61.33
C LYS C 284 5.65 -13.61 -62.16
N CYS C 285 5.00 -14.77 -62.21
CA CYS C 285 5.55 -15.91 -62.91
C CYS C 285 5.29 -15.80 -64.41
N ASP C 286 5.59 -16.88 -65.13
CA ASP C 286 5.41 -16.90 -66.57
C ASP C 286 3.92 -16.90 -66.92
N VAL C 287 3.62 -16.40 -68.13
CA VAL C 287 2.24 -16.28 -68.57
C VAL C 287 1.60 -17.62 -68.86
N ASP C 288 2.38 -18.67 -69.09
CA ASP C 288 1.85 -19.99 -69.42
C ASP C 288 1.55 -20.85 -68.20
N ILE C 289 2.34 -20.73 -67.13
CA ILE C 289 2.18 -21.56 -65.95
C ILE C 289 1.28 -20.92 -64.91
N ARG C 290 0.54 -19.88 -65.28
CA ARG C 290 -0.30 -19.17 -64.31
C ARG C 290 -1.49 -20.03 -63.88
N LYS C 291 -2.12 -20.75 -64.82
CA LYS C 291 -3.35 -21.47 -64.49
C LYS C 291 -3.08 -22.63 -63.54
N ASP C 292 -1.97 -23.34 -63.73
CA ASP C 292 -1.66 -24.44 -62.83
C ASP C 292 -1.38 -23.94 -61.42
N LEU C 293 -0.73 -22.78 -61.30
CA LEU C 293 -0.54 -22.16 -60.00
C LEU C 293 -1.90 -21.78 -59.39
N TYR C 294 -2.79 -21.24 -60.22
CA TYR C 294 -4.11 -20.84 -59.72
C TYR C 294 -4.86 -22.06 -59.18
N ALA C 295 -4.80 -23.17 -59.89
CA ALA C 295 -5.56 -24.35 -59.51
C ALA C 295 -4.94 -25.13 -58.36
N ASN C 296 -3.75 -24.78 -57.91
CA ASN C 296 -3.05 -25.57 -56.90
C ASN C 296 -2.40 -24.67 -55.85
N THR C 297 -3.13 -23.65 -55.38
CA THR C 297 -2.63 -22.85 -54.27
C THR C 297 -2.73 -23.66 -52.98
N VAL C 298 -1.65 -23.66 -52.20
CA VAL C 298 -1.55 -24.46 -50.99
C VAL C 298 -1.29 -23.54 -49.81
N LEU C 299 -2.04 -23.73 -48.74
CA LEU C 299 -1.82 -22.99 -47.49
C LEU C 299 -1.12 -23.88 -46.47
N SER C 300 -0.44 -23.23 -45.54
CA SER C 300 0.28 -23.93 -44.49
C SER C 300 0.51 -22.97 -43.33
N GLY C 301 1.38 -23.35 -42.41
CA GLY C 301 1.73 -22.49 -41.29
C GLY C 301 0.76 -22.61 -40.13
N GLY C 302 1.04 -21.81 -39.10
CA GLY C 302 0.24 -21.82 -37.89
C GLY C 302 -0.76 -20.68 -37.82
N THR C 303 -0.73 -19.79 -38.81
CA THR C 303 -1.67 -18.67 -38.89
C THR C 303 -2.69 -18.86 -39.99
N THR C 304 -2.94 -20.12 -40.39
CA THR C 304 -3.92 -20.44 -41.41
C THR C 304 -5.08 -21.25 -40.87
N MET C 305 -4.95 -21.84 -39.68
CA MET C 305 -6.00 -22.69 -39.12
C MET C 305 -7.34 -21.97 -39.08
N TYR C 306 -7.38 -20.64 -39.06
CA TYR C 306 -8.58 -19.90 -38.74
C TYR C 306 -9.76 -20.40 -39.57
N PRO C 307 -10.97 -20.37 -39.03
CA PRO C 307 -12.14 -20.74 -39.82
C PRO C 307 -12.40 -19.73 -40.93
N GLY C 308 -12.91 -20.22 -42.05
CA GLY C 308 -13.28 -19.37 -43.16
C GLY C 308 -12.14 -18.77 -43.95
N ILE C 309 -10.90 -19.10 -43.59
CA ILE C 309 -9.75 -18.53 -44.29
C ILE C 309 -9.76 -18.97 -45.75
N ALA C 310 -10.05 -20.25 -46.01
CA ALA C 310 -10.06 -20.74 -47.38
C ALA C 310 -11.15 -20.06 -48.20
N ASP C 311 -12.34 -19.90 -47.62
CA ASP C 311 -13.43 -19.26 -48.34
C ASP C 311 -13.11 -17.81 -48.65
N ARG C 312 -12.58 -17.07 -47.67
CA ARG C 312 -12.25 -15.67 -47.91
C ARG C 312 -11.14 -15.53 -48.93
N MET C 313 -10.10 -16.38 -48.84
CA MET C 313 -9.03 -16.33 -49.82
C MET C 313 -9.54 -16.65 -51.21
N GLN C 314 -10.41 -17.66 -51.32
CA GLN C 314 -10.97 -18.01 -52.62
C GLN C 314 -11.76 -16.86 -53.21
N LYS C 315 -12.60 -16.22 -52.40
CA LYS C 315 -13.40 -15.10 -52.90
C LYS C 315 -12.52 -13.95 -53.35
N GLU C 316 -11.53 -13.59 -52.53
CA GLU C 316 -10.68 -12.44 -52.86
C GLU C 316 -9.82 -12.73 -54.10
N ILE C 317 -9.26 -13.93 -54.19
CA ILE C 317 -8.41 -14.26 -55.33
C ILE C 317 -9.25 -14.44 -56.58
N THR C 318 -10.53 -14.81 -56.44
CA THR C 318 -11.40 -14.85 -57.61
C THR C 318 -11.73 -13.44 -58.09
N ALA C 319 -11.98 -12.52 -57.15
CA ALA C 319 -12.23 -11.14 -57.54
C ALA C 319 -11.01 -10.53 -58.21
N LEU C 320 -9.82 -10.82 -57.69
CA LEU C 320 -8.60 -10.24 -58.26
C LEU C 320 -8.25 -10.87 -59.60
N ALA C 321 -8.33 -12.20 -59.68
CA ALA C 321 -7.92 -12.92 -60.88
C ALA C 321 -8.95 -12.77 -61.99
N PRO C 322 -8.54 -12.94 -63.24
CA PRO C 322 -9.51 -12.87 -64.34
C PRO C 322 -10.52 -13.99 -64.26
N SER C 323 -11.66 -13.76 -64.91
CA SER C 323 -12.75 -14.74 -64.93
C SER C 323 -12.36 -15.96 -65.77
N THR C 324 -13.28 -16.92 -65.88
CA THR C 324 -13.02 -18.19 -66.55
C THR C 324 -11.76 -18.84 -66.00
N MET C 325 -11.54 -18.70 -64.69
CA MET C 325 -10.36 -19.23 -64.04
C MET C 325 -10.77 -19.89 -62.73
N LYS C 326 -10.39 -21.15 -62.56
CA LYS C 326 -10.76 -21.93 -61.39
C LYS C 326 -9.61 -21.89 -60.39
N ILE C 327 -9.85 -21.26 -59.24
CA ILE C 327 -8.83 -21.16 -58.20
C ILE C 327 -9.24 -22.03 -57.01
N LYS C 328 -8.78 -23.28 -57.00
CA LYS C 328 -9.09 -24.18 -55.89
C LYS C 328 -8.12 -23.98 -54.75
N ILE C 329 -8.57 -23.35 -53.67
CA ILE C 329 -7.71 -23.09 -52.53
C ILE C 329 -7.52 -24.39 -51.76
N ILE C 330 -6.40 -25.07 -51.99
CA ILE C 330 -6.14 -26.35 -51.34
C ILE C 330 -5.72 -26.06 -49.90
N ALA C 331 -6.60 -26.36 -48.94
CA ALA C 331 -6.36 -26.13 -47.53
C ALA C 331 -6.63 -27.42 -46.78
N PRO C 332 -5.72 -28.40 -46.86
CA PRO C 332 -5.95 -29.67 -46.18
C PRO C 332 -5.84 -29.50 -44.68
N PRO C 333 -6.39 -30.43 -43.91
CA PRO C 333 -6.16 -30.42 -42.46
C PRO C 333 -4.69 -30.66 -42.14
N GLU C 334 -4.34 -30.40 -40.89
CA GLU C 334 -2.97 -30.49 -40.37
C GLU C 334 -2.03 -29.49 -41.06
N ARG C 335 -2.54 -28.32 -41.47
CA ARG C 335 -1.66 -27.29 -42.01
C ARG C 335 -0.64 -26.83 -40.98
N LYS C 336 -0.98 -26.97 -39.70
CA LYS C 336 -0.05 -26.57 -38.65
C LYS C 336 1.23 -27.37 -38.69
N TYR C 337 1.13 -28.68 -38.94
CA TYR C 337 2.28 -29.57 -38.99
C TYR C 337 2.65 -29.97 -40.40
N SER C 338 2.03 -29.36 -41.43
CA SER C 338 2.33 -29.74 -42.81
C SER C 338 3.79 -29.52 -43.15
N VAL C 339 4.38 -28.44 -42.61
CA VAL C 339 5.80 -28.18 -42.88
C VAL C 339 6.66 -29.32 -42.35
N TRP C 340 6.38 -29.78 -41.14
CA TRP C 340 7.15 -30.89 -40.57
C TRP C 340 6.90 -32.17 -41.34
N ILE C 341 5.65 -32.41 -41.78
CA ILE C 341 5.38 -33.61 -42.57
C ILE C 341 6.18 -33.60 -43.87
N GLY C 342 6.22 -32.44 -44.53
CA GLY C 342 7.02 -32.33 -45.74
C GLY C 342 8.50 -32.52 -45.48
N GLY C 343 9.00 -31.98 -44.37
CA GLY C 343 10.39 -32.21 -44.01
C GLY C 343 10.69 -33.68 -43.79
N SER C 344 9.79 -34.38 -43.10
CA SER C 344 9.95 -35.81 -42.89
C SER C 344 9.95 -36.57 -44.21
N ILE C 345 9.07 -36.20 -45.13
CA ILE C 345 9.03 -36.85 -46.44
C ILE C 345 10.35 -36.62 -47.18
N LEU C 346 10.83 -35.38 -47.16
CA LEU C 346 12.07 -35.06 -47.86
C LEU C 346 13.26 -35.83 -47.28
N ALA C 347 13.33 -35.92 -45.95
CA ALA C 347 14.42 -36.66 -45.34
C ALA C 347 14.31 -38.15 -45.60
N SER C 348 13.07 -38.68 -45.69
CA SER C 348 12.89 -40.10 -45.94
C SER C 348 13.20 -40.47 -47.39
N LEU C 349 13.01 -39.53 -48.32
CA LEU C 349 13.35 -39.81 -49.72
C LEU C 349 14.80 -40.20 -49.85
N SER C 350 15.05 -41.27 -50.62
CA SER C 350 16.39 -41.81 -50.75
C SER C 350 17.28 -40.98 -51.67
N THR C 351 16.70 -40.39 -52.73
CA THR C 351 17.48 -39.59 -53.65
C THR C 351 18.06 -38.36 -52.95
N PHE C 352 17.27 -37.74 -52.06
CA PHE C 352 17.73 -36.56 -51.36
C PHE C 352 18.82 -36.87 -50.33
N GLN C 353 18.99 -38.14 -49.96
CA GLN C 353 19.96 -38.52 -48.94
C GLN C 353 21.41 -38.24 -49.35
N GLN C 354 21.67 -38.02 -50.63
CA GLN C 354 23.03 -37.74 -51.07
C GLN C 354 23.35 -36.24 -51.12
N MET C 355 22.33 -35.38 -51.06
CA MET C 355 22.52 -33.94 -51.12
C MET C 355 22.67 -33.32 -49.74
N TRP C 356 23.21 -34.05 -48.77
CA TRP C 356 23.36 -33.54 -47.42
C TRP C 356 24.73 -32.92 -47.25
N ILE C 357 24.85 -32.03 -46.26
CA ILE C 357 26.11 -31.39 -45.93
C ILE C 357 26.78 -32.23 -44.85
N SER C 358 27.74 -33.05 -45.24
CA SER C 358 28.43 -33.92 -44.30
C SER C 358 29.40 -33.11 -43.44
N LYS C 359 29.80 -33.70 -42.31
CA LYS C 359 30.74 -33.04 -41.41
C LYS C 359 32.09 -32.83 -42.08
N GLN C 360 32.55 -33.81 -42.85
CA GLN C 360 33.81 -33.67 -43.56
C GLN C 360 33.76 -32.53 -44.56
N GLU C 361 32.66 -32.43 -45.31
CA GLU C 361 32.51 -31.34 -46.27
C GLU C 361 32.47 -29.99 -45.55
N TYR C 362 31.80 -29.93 -44.40
CA TYR C 362 31.79 -28.70 -43.63
C TYR C 362 33.19 -28.30 -43.21
N ASP C 363 33.92 -29.22 -42.56
CA ASP C 363 35.27 -28.92 -42.13
C ASP C 363 36.17 -28.54 -43.30
N GLU C 364 35.89 -29.09 -44.48
CA GLU C 364 36.70 -28.74 -45.65
C GLU C 364 36.42 -27.34 -46.16
N SER C 365 35.15 -26.94 -46.26
CA SER C 365 34.81 -25.68 -46.90
C SER C 365 34.14 -24.68 -45.97
N GLY C 366 33.06 -25.06 -45.33
CA GLY C 366 32.37 -24.16 -44.41
C GLY C 366 31.21 -23.37 -44.98
N PRO C 367 31.07 -22.10 -44.55
CA PRO C 367 29.98 -21.24 -45.04
C PRO C 367 29.65 -21.38 -46.51
N SER C 368 30.66 -21.57 -47.33
CA SER C 368 30.42 -21.72 -48.75
C SER C 368 29.67 -23.01 -49.00
N ILE C 369 30.17 -24.10 -48.45
CA ILE C 369 29.44 -25.35 -48.54
C ILE C 369 27.97 -25.18 -48.17
N VAL C 370 27.64 -24.26 -47.26
CA VAL C 370 26.24 -24.18 -46.82
C VAL C 370 25.33 -23.28 -47.66
N HIS C 371 25.89 -22.30 -48.35
CA HIS C 371 25.07 -21.47 -49.22
C HIS C 371 25.21 -22.00 -50.63
N ARG C 372 25.81 -23.18 -50.75
CA ARG C 372 25.96 -23.80 -52.05
C ARG C 372 25.08 -25.04 -52.15
N LYS C 373 24.51 -25.46 -51.03
CA LYS C 373 23.60 -26.59 -51.03
C LYS C 373 22.33 -26.17 -50.32
N CYS C 374 21.45 -25.46 -51.03
CA CYS C 374 20.21 -24.96 -50.45
C CYS C 374 19.17 -24.72 -51.53
N ILE D 5 -43.02 23.28 24.58
CA ILE D 5 -42.65 23.88 25.86
C ILE D 5 -41.13 23.92 25.99
N ALA D 6 -40.65 24.52 27.07
CA ALA D 6 -39.22 24.64 27.30
C ALA D 6 -38.65 23.33 27.80
N ALA D 7 -37.64 22.82 27.08
CA ALA D 7 -37.00 21.57 27.47
C ALA D 7 -36.15 21.75 28.71
N LEU D 8 -35.96 20.66 29.44
CA LEU D 8 -35.19 20.66 30.68
C LEU D 8 -33.87 19.94 30.45
N VAL D 9 -32.77 20.56 30.87
CA VAL D 9 -31.44 19.97 30.76
C VAL D 9 -30.93 19.68 32.16
N VAL D 10 -30.57 18.42 32.40
CA VAL D 10 -30.11 18.03 33.71
C VAL D 10 -28.77 17.32 33.62
N ASP D 11 -27.75 17.86 34.26
CA ASP D 11 -26.46 17.20 34.30
C ASP D 11 -26.19 16.64 35.68
N ASN D 12 -26.16 15.33 35.82
CA ASN D 12 -25.95 14.67 37.10
C ASN D 12 -24.48 14.37 37.37
N GLY D 13 -23.58 14.73 36.46
CA GLY D 13 -22.17 14.53 36.66
C GLY D 13 -21.55 15.63 37.52
N SER D 14 -20.22 15.64 37.54
CA SER D 14 -19.43 16.63 38.27
C SER D 14 -19.72 16.63 39.76
N GLY D 15 -20.33 15.55 40.25
CA GLY D 15 -20.60 15.41 41.67
C GLY D 15 -21.83 16.14 42.16
N MET D 16 -22.17 17.24 41.48
CA MET D 16 -23.32 18.06 41.85
C MET D 16 -24.31 18.09 40.70
N CYS D 17 -25.56 17.77 40.99
CA CYS D 17 -26.60 17.75 39.97
C CYS D 17 -27.00 19.18 39.62
N LYS D 18 -26.77 19.56 38.37
CA LYS D 18 -27.10 20.90 37.88
C LYS D 18 -28.19 20.76 36.83
N ALA D 19 -29.32 21.44 37.05
CA ALA D 19 -30.47 21.34 36.17
C ALA D 19 -31.12 22.69 36.01
N GLY D 20 -31.80 22.87 34.89
CA GLY D 20 -32.48 24.12 34.62
C GLY D 20 -33.08 24.10 33.22
N PHE D 21 -33.85 25.15 32.94
CA PHE D 21 -34.53 25.26 31.66
C PHE D 21 -33.53 25.51 30.54
N ALA D 22 -33.88 25.05 29.34
CA ALA D 22 -33.02 25.24 28.18
C ALA D 22 -33.07 26.67 27.69
N GLY D 23 -31.91 27.19 27.27
CA GLY D 23 -31.79 28.54 26.76
C GLY D 23 -31.06 29.49 27.69
N ASP D 24 -31.16 29.26 28.99
CA ASP D 24 -30.49 30.13 29.95
C ASP D 24 -28.99 29.95 29.91
N ASP D 25 -28.26 31.02 30.24
CA ASP D 25 -26.81 30.99 30.27
C ASP D 25 -26.25 30.37 31.54
N ALA D 26 -27.09 30.17 32.56
CA ALA D 26 -26.67 29.56 33.82
C ALA D 26 -27.77 28.60 34.27
N PRO D 27 -27.39 27.52 34.96
CA PRO D 27 -28.42 26.59 35.46
C PRO D 27 -29.27 27.24 36.54
N ARG D 28 -30.55 26.88 36.56
CA ARG D 28 -31.46 27.46 37.54
C ARG D 28 -31.21 26.89 38.93
N ALA D 29 -31.03 25.58 39.04
CA ALA D 29 -30.83 24.92 40.32
C ALA D 29 -29.55 24.10 40.27
N VAL D 30 -28.73 24.25 41.31
CA VAL D 30 -27.50 23.48 41.46
C VAL D 30 -27.37 23.06 42.92
N PHE D 31 -26.95 21.82 43.14
CA PHE D 31 -26.80 21.26 44.48
C PHE D 31 -26.01 19.96 44.36
N PRO D 32 -25.34 19.54 45.42
CA PRO D 32 -24.62 18.26 45.37
C PRO D 32 -25.58 17.10 45.14
N SER D 33 -25.14 16.15 44.32
CA SER D 33 -25.92 14.92 44.06
C SER D 33 -25.68 13.97 45.23
N ILE D 34 -26.35 14.26 46.34
CA ILE D 34 -26.09 13.61 47.61
C ILE D 34 -27.42 13.23 48.25
N VAL D 35 -27.45 12.06 48.88
CA VAL D 35 -28.62 11.56 49.58
C VAL D 35 -28.21 11.23 51.01
N GLY D 36 -28.96 11.74 51.97
CA GLY D 36 -28.64 11.55 53.38
C GLY D 36 -29.71 10.75 54.09
N ARG D 37 -29.27 9.89 55.02
CA ARG D 37 -30.17 9.10 55.84
C ARG D 37 -29.71 9.16 57.29
N PRO D 38 -30.64 9.14 58.25
CA PRO D 38 -30.26 9.29 59.66
C PRO D 38 -29.38 8.15 60.12
N ARG D 39 -28.45 8.47 61.02
CA ARG D 39 -27.55 7.48 61.59
C ARG D 39 -27.92 7.08 63.01
N HIS D 40 -28.73 7.87 63.70
CA HIS D 40 -29.14 7.58 65.07
C HIS D 40 -30.64 7.71 65.20
N GLN D 41 -31.24 6.87 66.04
CA GLN D 41 -32.66 6.96 66.29
C GLN D 41 -32.97 8.22 67.09
N GLY D 42 -33.97 8.98 66.63
CA GLY D 42 -34.28 10.24 67.25
C GLY D 42 -35.13 10.11 68.50
N VAL D 43 -35.07 11.14 69.33
CA VAL D 43 -35.88 11.24 70.54
C VAL D 43 -36.98 12.28 70.39
N MET D 44 -36.71 13.35 69.63
CA MET D 44 -37.74 14.33 69.31
C MET D 44 -38.91 13.65 68.61
N VAL D 45 -40.12 13.93 69.08
CA VAL D 45 -41.31 13.37 68.43
C VAL D 45 -42.12 14.48 67.75
N GLY D 46 -42.16 15.67 68.35
CA GLY D 46 -42.87 16.77 67.75
C GLY D 46 -42.22 17.26 66.47
N MET D 47 -40.88 17.31 66.46
CA MET D 47 -40.15 17.78 65.29
C MET D 47 -40.39 16.85 64.10
N GLY D 48 -40.65 17.46 62.95
CA GLY D 48 -40.88 16.67 61.73
C GLY D 48 -39.60 16.01 61.28
N GLN D 49 -39.55 14.68 61.34
CA GLN D 49 -38.39 13.91 60.93
C GLN D 49 -38.74 13.15 59.67
N LYS D 50 -37.98 13.39 58.60
CA LYS D 50 -38.17 12.69 57.35
C LYS D 50 -37.13 11.59 57.18
N ASP D 51 -37.54 10.51 56.53
CA ASP D 51 -36.69 9.31 56.44
C ASP D 51 -35.43 9.56 55.63
N SER D 52 -35.51 10.39 54.58
CA SER D 52 -34.38 10.63 53.70
C SER D 52 -34.21 12.12 53.45
N TYR D 53 -32.95 12.54 53.34
CA TYR D 53 -32.60 13.90 53.00
C TYR D 53 -31.82 13.90 51.69
N VAL D 54 -32.15 14.85 50.81
CA VAL D 54 -31.57 14.91 49.47
C VAL D 54 -31.08 16.31 49.20
N GLY D 55 -29.83 16.43 48.77
CA GLY D 55 -29.33 17.70 48.26
C GLY D 55 -29.02 18.68 49.37
N ASP D 56 -29.56 19.90 49.24
CA ASP D 56 -29.19 20.99 50.14
C ASP D 56 -29.60 20.69 51.58
N GLU D 57 -30.74 20.04 51.79
CA GLU D 57 -31.12 19.68 53.15
C GLU D 57 -30.12 18.72 53.77
N ALA D 58 -29.68 17.71 53.00
CA ALA D 58 -28.67 16.79 53.50
C ALA D 58 -27.36 17.51 53.77
N GLN D 59 -27.03 18.50 52.94
CA GLN D 59 -25.83 19.29 53.19
C GLN D 59 -25.95 20.08 54.49
N SER D 60 -27.14 20.63 54.75
CA SER D 60 -27.35 21.38 55.98
C SER D 60 -27.24 20.49 57.21
N LYS D 61 -27.82 19.29 57.14
CA LYS D 61 -27.75 18.33 58.25
C LYS D 61 -26.65 17.30 58.04
N ARG D 62 -25.53 17.74 57.46
CA ARG D 62 -24.47 16.83 57.07
C ARG D 62 -23.86 16.10 58.26
N GLY D 63 -23.84 16.72 59.44
CA GLY D 63 -23.14 16.16 60.57
C GLY D 63 -23.79 14.93 61.18
N ILE D 64 -25.10 14.76 60.99
CA ILE D 64 -25.82 13.67 61.63
C ILE D 64 -26.48 12.77 60.59
N LEU D 65 -25.93 12.73 59.39
CA LEU D 65 -26.46 11.91 58.32
C LEU D 65 -25.36 11.10 57.69
N THR D 66 -25.73 9.98 57.09
CA THR D 66 -24.84 9.22 56.23
C THR D 66 -25.07 9.61 54.79
N LEU D 67 -23.99 9.89 54.07
CA LEU D 67 -24.06 10.46 52.73
C LEU D 67 -23.55 9.44 51.72
N LYS D 68 -24.39 9.10 50.74
CA LYS D 68 -24.04 8.17 49.68
C LYS D 68 -24.28 8.84 48.35
N TYR D 69 -23.22 8.98 47.55
CA TYR D 69 -23.36 9.51 46.21
C TYR D 69 -23.95 8.46 45.30
N PRO D 70 -25.12 8.68 44.70
CA PRO D 70 -25.67 7.69 43.76
C PRO D 70 -24.77 7.44 42.57
N ILE D 71 -24.18 8.49 42.03
CA ILE D 71 -23.39 8.32 40.84
C ILE D 71 -21.98 8.03 41.30
N GLU D 72 -21.47 6.87 40.93
CA GLU D 72 -20.13 6.50 41.30
C GLU D 72 -19.35 6.40 40.01
N HIS D 73 -18.13 6.94 39.98
CA HIS D 73 -17.38 6.97 38.72
C HIS D 73 -18.30 7.58 37.75
N GLY D 74 -18.74 6.81 36.76
CA GLY D 74 -19.74 7.32 35.83
C GLY D 74 -20.93 6.40 35.76
N ILE D 75 -21.13 5.59 36.80
CA ILE D 75 -22.20 4.60 36.77
C ILE D 75 -23.06 4.80 38.00
N VAL D 76 -24.28 4.30 37.94
CA VAL D 76 -25.22 4.48 39.04
C VAL D 76 -25.06 3.33 40.02
N THR D 77 -24.91 3.66 41.30
CA THR D 77 -24.80 2.64 42.34
C THR D 77 -26.08 2.46 43.15
N ASN D 78 -27.04 3.38 43.02
CA ASN D 78 -28.31 3.26 43.74
C ASN D 78 -29.38 3.97 42.92
N TRP D 79 -30.13 3.18 42.14
CA TRP D 79 -31.17 3.77 41.29
C TRP D 79 -32.29 4.36 42.12
N ASP D 80 -32.57 3.80 43.31
CA ASP D 80 -33.56 4.42 44.19
C ASP D 80 -33.11 5.81 44.62
N ASP D 81 -31.84 5.94 45.01
CA ASP D 81 -31.33 7.24 45.42
C ASP D 81 -31.33 8.23 44.27
N MET D 82 -30.95 7.79 43.06
CA MET D 82 -30.97 8.71 41.94
C MET D 82 -32.40 9.09 41.55
N GLU D 83 -33.36 8.17 41.70
CA GLU D 83 -34.76 8.53 41.48
C GLU D 83 -35.20 9.57 42.51
N LYS D 84 -34.77 9.43 43.75
CA LYS D 84 -35.09 10.43 44.77
C LYS D 84 -34.50 11.78 44.41
N ILE D 85 -33.24 11.80 43.95
CA ILE D 85 -32.61 13.05 43.56
C ILE D 85 -33.33 13.69 42.38
N TRP D 86 -33.74 12.88 41.40
CA TRP D 86 -34.47 13.41 40.26
C TRP D 86 -35.83 13.96 40.67
N HIS D 87 -36.51 13.27 41.59
CA HIS D 87 -37.78 13.79 42.11
C HIS D 87 -37.57 15.12 42.81
N HIS D 88 -36.50 15.23 43.59
CA HIS D 88 -36.18 16.50 44.24
C HIS D 88 -35.93 17.59 43.21
N THR D 89 -35.17 17.28 42.17
CA THR D 89 -34.89 18.27 41.13
C THR D 89 -36.17 18.72 40.44
N PHE D 90 -37.05 17.78 40.11
CA PHE D 90 -38.24 18.09 39.34
C PHE D 90 -39.34 18.76 40.16
N TYR D 91 -39.42 18.51 41.47
CA TYR D 91 -40.54 19.03 42.24
C TYR D 91 -40.17 20.05 43.29
N ASN D 92 -38.96 20.01 43.85
CA ASN D 92 -38.58 20.91 44.93
C ASN D 92 -37.52 21.93 44.52
N GLU D 93 -36.91 21.78 43.35
CA GLU D 93 -35.89 22.72 42.89
C GLU D 93 -36.34 23.50 41.66
N LEU D 94 -36.72 22.81 40.59
CA LEU D 94 -37.17 23.50 39.39
C LEU D 94 -38.65 23.84 39.42
N ARG D 95 -39.44 23.15 40.26
CA ARG D 95 -40.86 23.41 40.42
C ARG D 95 -41.60 23.35 39.09
N VAL D 96 -41.44 22.22 38.41
CA VAL D 96 -42.09 22.00 37.11
C VAL D 96 -42.48 20.54 37.01
N ALA D 97 -43.72 20.28 36.63
CA ALA D 97 -44.18 18.92 36.46
C ALA D 97 -43.58 18.33 35.21
N PRO D 98 -42.83 17.22 35.29
CA PRO D 98 -42.23 16.64 34.07
C PRO D 98 -43.25 16.03 33.13
N GLU D 99 -44.52 15.97 33.50
CA GLU D 99 -45.55 15.38 32.65
C GLU D 99 -45.76 16.16 31.36
N GLU D 100 -45.27 17.40 31.27
CA GLU D 100 -45.45 18.19 30.05
C GLU D 100 -44.19 18.94 29.64
N HIS D 101 -43.01 18.47 30.04
CA HIS D 101 -41.76 19.14 29.71
C HIS D 101 -40.74 18.10 29.25
N PRO D 102 -40.25 18.20 28.02
CA PRO D 102 -39.21 17.27 27.56
C PRO D 102 -37.92 17.46 28.34
N VAL D 103 -37.18 16.36 28.51
CA VAL D 103 -36.01 16.33 29.38
C VAL D 103 -34.80 15.86 28.59
N LEU D 104 -33.65 16.45 28.90
CA LEU D 104 -32.37 16.08 28.32
C LEU D 104 -31.39 15.80 29.46
N LEU D 105 -30.59 14.75 29.30
CA LEU D 105 -29.65 14.32 30.32
C LEU D 105 -28.25 14.19 29.73
N THR D 106 -27.29 13.92 30.59
CA THR D 106 -25.89 13.76 30.21
C THR D 106 -25.36 12.45 30.76
N GLU D 107 -24.42 11.86 30.04
CA GLU D 107 -23.78 10.61 30.45
C GLU D 107 -22.37 10.57 29.89
N ALA D 108 -21.44 10.08 30.70
CA ALA D 108 -20.06 9.99 30.28
C ALA D 108 -19.90 8.94 29.18
N PRO D 109 -18.94 9.13 28.27
CA PRO D 109 -18.70 8.12 27.23
C PRO D 109 -18.13 6.84 27.82
N LEU D 110 -18.33 5.74 27.08
CA LEU D 110 -17.93 4.41 27.52
C LEU D 110 -18.58 4.06 28.85
N ASN D 111 -19.91 4.07 28.83
CA ASN D 111 -20.71 3.77 30.01
C ASN D 111 -21.68 2.64 29.70
N PRO D 112 -21.99 1.80 30.69
CA PRO D 112 -22.88 0.65 30.43
C PRO D 112 -24.24 1.03 29.89
N LYS D 113 -24.64 0.42 28.77
CA LYS D 113 -26.01 0.63 28.33
C LYS D 113 -27.01 -0.02 29.26
N ALA D 114 -26.56 -0.87 30.19
CA ALA D 114 -27.43 -1.25 31.29
C ALA D 114 -27.80 -0.02 32.11
N ASN D 115 -26.80 0.82 32.42
CA ASN D 115 -27.07 2.07 33.12
C ASN D 115 -27.94 2.99 32.28
N ARG D 116 -27.65 3.10 30.98
CA ARG D 116 -28.46 3.97 30.12
C ARG D 116 -29.91 3.48 30.05
N GLU D 117 -30.11 2.17 29.94
CA GLU D 117 -31.45 1.61 29.89
C GLU D 117 -32.20 1.83 31.19
N LYS D 118 -31.54 1.64 32.34
CA LYS D 118 -32.24 1.92 33.58
C LYS D 118 -32.57 3.41 33.71
N MET D 119 -31.68 4.28 33.24
CA MET D 119 -31.98 5.71 33.19
C MET D 119 -33.25 5.98 32.40
N THR D 120 -33.31 5.47 31.17
CA THR D 120 -34.46 5.73 30.31
C THR D 120 -35.73 5.13 30.90
N GLN D 121 -35.64 3.92 31.42
CA GLN D 121 -36.81 3.26 31.99
C GLN D 121 -37.35 4.03 33.19
N ILE D 122 -36.45 4.48 34.07
CA ILE D 122 -36.88 5.27 35.22
C ILE D 122 -37.58 6.55 34.75
N MET D 123 -36.95 7.28 33.83
CA MET D 123 -37.51 8.56 33.43
C MET D 123 -38.79 8.42 32.61
N PHE D 124 -39.03 7.26 31.98
CA PHE D 124 -40.21 7.08 31.17
C PHE D 124 -41.37 6.42 31.91
N GLU D 125 -41.08 5.59 32.91
CA GLU D 125 -42.15 4.92 33.66
C GLU D 125 -42.46 5.60 34.98
N THR D 126 -41.58 6.47 35.48
CA THR D 126 -41.82 7.18 36.72
C THR D 126 -42.28 8.61 36.49
N PHE D 127 -41.54 9.37 35.70
CA PHE D 127 -41.89 10.77 35.44
C PHE D 127 -42.70 10.95 34.17
N ASN D 128 -42.92 9.88 33.40
CA ASN D 128 -43.68 9.88 32.15
C ASN D 128 -43.47 11.14 31.32
N THR D 129 -42.20 11.50 31.10
CA THR D 129 -41.91 12.70 30.32
C THR D 129 -42.24 12.47 28.85
N PRO D 130 -42.92 13.41 28.19
CA PRO D 130 -43.24 13.26 26.77
C PRO D 130 -42.06 12.89 25.88
N ALA D 131 -40.86 13.40 26.16
CA ALA D 131 -39.71 13.11 25.32
C ALA D 131 -38.47 13.09 26.19
N MET D 132 -37.42 12.47 25.66
CA MET D 132 -36.17 12.32 26.42
C MET D 132 -35.02 12.13 25.44
N TYR D 133 -33.82 12.41 25.94
CA TYR D 133 -32.61 12.21 25.15
C TYR D 133 -31.42 12.14 26.10
N VAL D 134 -30.40 11.38 25.70
CA VAL D 134 -29.18 11.24 26.47
C VAL D 134 -28.00 11.62 25.57
N ALA D 135 -27.16 12.53 26.05
CA ALA D 135 -26.02 13.02 25.29
C ALA D 135 -24.74 12.87 26.10
N ILE D 136 -23.62 12.97 25.40
CA ILE D 136 -22.30 12.88 26.01
C ILE D 136 -21.95 14.22 26.64
N GLN D 137 -21.35 14.17 27.84
CA GLN D 137 -21.08 15.40 28.57
C GLN D 137 -20.07 16.28 27.84
N ALA D 138 -18.98 15.69 27.35
CA ALA D 138 -17.92 16.49 26.76
C ALA D 138 -18.33 17.05 25.40
N VAL D 139 -19.21 16.34 24.69
CA VAL D 139 -19.80 16.92 23.48
C VAL D 139 -20.60 18.17 23.83
N LEU D 140 -21.31 18.14 24.95
CA LEU D 140 -22.00 19.34 25.42
C LEU D 140 -21.00 20.43 25.78
N SER D 141 -19.87 20.06 26.37
CA SER D 141 -18.85 21.07 26.66
C SER D 141 -18.35 21.73 25.38
N LEU D 142 -18.12 20.93 24.34
CA LEU D 142 -17.72 21.49 23.06
C LEU D 142 -18.82 22.37 22.48
N TYR D 143 -20.08 22.00 22.71
CA TYR D 143 -21.19 22.87 22.31
C TYR D 143 -21.09 24.22 23.00
N ALA D 144 -20.82 24.22 24.31
CA ALA D 144 -20.74 25.44 25.06
C ALA D 144 -19.57 26.30 24.59
N SER D 145 -18.45 25.67 24.27
CA SER D 145 -17.29 26.42 23.77
C SER D 145 -17.53 27.02 22.40
N GLY D 146 -18.60 26.64 21.71
CA GLY D 146 -18.91 27.20 20.39
C GLY D 146 -18.21 26.58 19.22
N ARG D 147 -16.91 26.30 19.35
CA ARG D 147 -16.14 25.73 18.25
C ARG D 147 -16.65 24.34 17.89
N THR D 148 -16.68 24.04 16.59
CA THR D 148 -17.12 22.75 16.08
C THR D 148 -15.96 21.81 15.83
N THR D 149 -14.78 22.12 16.38
CA THR D 149 -13.60 21.27 16.23
C THR D 149 -12.65 21.46 17.40
N GLY D 150 -12.19 20.36 17.99
CA GLY D 150 -11.25 20.45 19.08
C GLY D 150 -11.52 19.44 20.18
N ILE D 151 -10.46 18.82 20.70
CA ILE D 151 -10.61 17.84 21.77
C ILE D 151 -11.12 18.53 23.02
N VAL D 152 -12.07 17.90 23.70
CA VAL D 152 -12.59 18.38 24.96
C VAL D 152 -12.19 17.39 26.04
N MET D 153 -11.41 17.84 27.02
CA MET D 153 -10.99 17.00 28.13
C MET D 153 -11.90 17.33 29.30
N ASP D 154 -12.93 16.50 29.45
CA ASP D 154 -13.86 16.65 30.57
C ASP D 154 -13.38 15.83 31.74
N SER D 155 -13.47 16.40 32.94
CA SER D 155 -13.07 15.69 34.15
C SER D 155 -14.00 16.14 35.28
N GLY D 156 -15.08 15.39 35.46
CA GLY D 156 -16.01 15.62 36.55
C GLY D 156 -15.56 14.95 37.83
N ASP D 157 -16.43 14.97 38.82
CA ASP D 157 -16.11 14.34 40.10
C ASP D 157 -16.07 12.82 39.98
N GLY D 158 -16.61 12.24 38.90
CA GLY D 158 -16.61 10.81 38.74
C GLY D 158 -15.79 10.28 37.59
N VAL D 159 -15.71 11.04 36.50
CA VAL D 159 -15.09 10.57 35.26
C VAL D 159 -14.08 11.60 34.77
N THR D 160 -13.12 11.14 33.98
CA THR D 160 -12.19 12.00 33.26
C THR D 160 -12.02 11.41 31.86
N HIS D 161 -12.61 12.08 30.86
CA HIS D 161 -12.65 11.54 29.51
C HIS D 161 -12.38 12.64 28.49
N THR D 162 -11.92 12.22 27.32
CA THR D 162 -11.66 13.11 26.19
C THR D 162 -12.31 12.52 24.94
N VAL D 163 -13.03 13.36 24.20
CA VAL D 163 -13.64 12.90 22.95
C VAL D 163 -13.26 13.87 21.82
N PRO D 164 -12.17 13.62 21.12
CA PRO D 164 -11.79 14.52 20.01
C PRO D 164 -12.87 14.57 18.95
N ILE D 165 -13.18 15.78 18.50
CA ILE D 165 -14.19 16.02 17.48
C ILE D 165 -13.60 16.96 16.44
N TYR D 166 -13.75 16.61 15.16
CA TYR D 166 -13.21 17.41 14.07
C TYR D 166 -14.29 17.71 13.04
N GLU D 167 -14.48 19.00 12.76
CA GLU D 167 -15.28 19.47 11.63
C GLU D 167 -16.66 18.82 11.59
N GLY D 168 -17.28 18.68 12.75
CA GLY D 168 -18.65 18.21 12.81
C GLY D 168 -18.82 16.72 13.05
N TYR D 169 -17.76 15.94 13.06
CA TYR D 169 -17.86 14.50 13.28
C TYR D 169 -16.97 14.10 14.43
N ALA D 170 -17.50 13.30 15.35
CA ALA D 170 -16.74 12.82 16.49
C ALA D 170 -15.79 11.69 16.05
N LEU D 171 -14.94 11.27 16.98
CA LEU D 171 -13.97 10.21 16.75
C LEU D 171 -14.16 9.15 17.82
N PRO D 172 -15.14 8.26 17.66
CA PRO D 172 -15.41 7.26 18.70
C PRO D 172 -14.26 6.30 18.94
N HIS D 173 -13.34 6.15 18.00
CA HIS D 173 -12.21 5.24 18.18
C HIS D 173 -11.06 5.85 18.96
N ALA D 174 -11.12 7.14 19.27
CA ALA D 174 -10.06 7.82 20.02
C ALA D 174 -10.55 8.30 21.38
N ILE D 175 -11.62 7.72 21.90
CA ILE D 175 -12.18 8.12 23.20
C ILE D 175 -11.40 7.40 24.29
N LEU D 176 -10.78 8.17 25.18
CA LEU D 176 -10.06 7.64 26.33
C LEU D 176 -10.76 8.09 27.60
N ARG D 177 -11.13 7.12 28.44
CA ARG D 177 -11.79 7.39 29.71
C ARG D 177 -10.85 7.03 30.84
N LEU D 178 -10.74 7.90 31.84
CA LEU D 178 -9.81 7.72 32.94
C LEU D 178 -10.55 7.89 34.26
N ASP D 179 -10.08 7.18 35.28
CA ASP D 179 -10.86 7.06 36.52
C ASP D 179 -10.55 8.17 37.51
N LEU D 180 -9.36 8.78 37.44
CA LEU D 180 -9.02 9.84 38.39
C LEU D 180 -9.98 11.01 38.23
N ALA D 181 -10.50 11.49 39.36
CA ALA D 181 -11.57 12.47 39.35
C ALA D 181 -11.62 13.15 40.71
N GLY D 182 -12.72 13.85 40.95
CA GLY D 182 -12.88 14.58 42.20
C GLY D 182 -12.88 13.67 43.42
N ARG D 183 -13.54 12.51 43.31
CA ARG D 183 -13.58 11.59 44.44
C ARG D 183 -12.20 11.05 44.77
N ASP D 184 -11.42 10.68 43.74
CA ASP D 184 -10.07 10.19 43.99
C ASP D 184 -9.17 11.27 44.55
N LEU D 185 -9.31 12.50 44.04
CA LEU D 185 -8.53 13.60 44.59
C LEU D 185 -8.89 13.87 46.04
N THR D 186 -10.18 13.79 46.38
CA THR D 186 -10.60 13.95 47.77
C THR D 186 -10.04 12.83 48.64
N ASP D 187 -10.01 11.61 48.13
CA ASP D 187 -9.43 10.51 48.91
C ASP D 187 -7.94 10.73 49.14
N TYR D 188 -7.22 11.18 48.12
CA TYR D 188 -5.81 11.48 48.30
C TYR D 188 -5.60 12.62 49.29
N LEU D 189 -6.49 13.62 49.26
CA LEU D 189 -6.41 14.69 50.24
C LEU D 189 -6.65 14.16 51.65
N MET D 190 -7.59 13.23 51.80
CA MET D 190 -7.77 12.55 53.09
C MET D 190 -6.48 11.90 53.55
N LYS D 191 -5.87 11.12 52.67
CA LYS D 191 -4.66 10.38 53.07
C LYS D 191 -3.53 11.33 53.44
N ILE D 192 -3.37 12.41 52.68
CA ILE D 192 -2.30 13.35 53.00
C ILE D 192 -2.62 14.19 54.23
N LEU D 193 -3.91 14.40 54.52
CA LEU D 193 -4.26 15.14 55.74
C LEU D 193 -4.00 14.29 56.97
N THR D 194 -4.36 13.00 56.94
CA THR D 194 -4.00 12.15 58.07
C THR D 194 -2.49 11.90 58.10
N GLU D 195 -1.82 12.10 56.96
CA GLU D 195 -0.36 12.13 56.96
C GLU D 195 0.15 13.31 57.77
N ARG D 196 -0.45 14.48 57.60
CA ARG D 196 -0.03 15.64 58.40
C ARG D 196 -0.43 15.49 59.86
N GLY D 197 -1.60 14.93 60.14
CA GLY D 197 -2.03 14.74 61.51
C GLY D 197 -3.52 14.93 61.72
N TYR D 198 -4.20 15.51 60.73
CA TYR D 198 -5.64 15.72 60.80
C TYR D 198 -6.33 14.51 60.17
N SER D 199 -6.86 13.63 61.01
CA SER D 199 -7.49 12.41 60.53
C SER D 199 -8.95 12.68 60.20
N PHE D 200 -9.36 12.34 58.98
CA PHE D 200 -10.73 12.46 58.53
C PHE D 200 -11.25 11.11 58.08
N THR D 201 -12.29 10.62 58.77
CA THR D 201 -12.96 9.39 58.33
C THR D 201 -14.44 9.45 58.67
N THR D 202 -15.23 9.97 57.73
CA THR D 202 -16.67 10.16 57.84
C THR D 202 -17.12 10.76 56.51
N THR D 203 -18.41 10.63 56.20
CA THR D 203 -18.93 11.31 55.02
C THR D 203 -18.92 12.83 55.21
N ALA D 204 -19.22 13.30 56.42
CA ALA D 204 -19.14 14.71 56.73
C ALA D 204 -17.70 15.20 56.60
N GLU D 205 -16.77 14.40 57.10
CA GLU D 205 -15.36 14.72 56.98
C GLU D 205 -14.95 14.75 55.50
N ARG D 206 -15.52 13.83 54.72
CA ARG D 206 -15.21 13.82 53.29
C ARG D 206 -15.70 15.07 52.61
N GLU D 207 -16.89 15.54 52.96
CA GLU D 207 -17.41 16.78 52.37
C GLU D 207 -16.57 17.98 52.79
N ILE D 208 -16.13 18.01 54.05
CA ILE D 208 -15.25 19.10 54.50
C ILE D 208 -13.93 19.06 53.73
N VAL D 209 -13.39 17.86 53.51
CA VAL D 209 -12.15 17.73 52.75
C VAL D 209 -12.36 18.17 51.31
N ARG D 210 -13.53 17.88 50.74
CA ARG D 210 -13.83 18.35 49.40
C ARG D 210 -13.88 19.87 49.33
N ASP D 211 -14.49 20.49 50.35
CA ASP D 211 -14.50 21.96 50.41
C ASP D 211 -13.09 22.52 50.51
N ILE D 212 -12.24 21.89 51.34
CA ILE D 212 -10.85 22.32 51.46
C ILE D 212 -10.14 22.18 50.11
N LYS D 213 -10.39 21.09 49.41
CA LYS D 213 -9.80 20.89 48.09
C LYS D 213 -10.23 21.98 47.14
N GLU D 214 -11.51 22.35 47.18
CA GLU D 214 -12.00 23.40 46.29
C GLU D 214 -11.35 24.74 46.60
N LYS D 215 -11.18 25.06 47.88
CA LYS D 215 -10.81 26.41 48.28
C LYS D 215 -9.32 26.59 48.58
N LEU D 216 -8.51 25.53 48.52
CA LEU D 216 -7.10 25.66 48.86
C LEU D 216 -6.13 25.01 47.89
N CYS D 217 -6.53 23.99 47.14
CA CYS D 217 -5.61 23.25 46.31
C CYS D 217 -5.34 23.96 44.99
N TYR D 218 -4.13 23.78 44.47
CA TYR D 218 -3.74 24.34 43.20
C TYR D 218 -2.65 23.48 42.58
N VAL D 219 -2.45 23.63 41.28
CA VAL D 219 -1.49 22.83 40.53
C VAL D 219 -0.28 23.69 40.21
N ALA D 220 0.91 23.18 40.51
CA ALA D 220 2.13 23.91 40.27
C ALA D 220 2.55 23.79 38.81
N LEU D 221 3.65 24.47 38.47
CA LEU D 221 4.24 24.37 37.14
C LEU D 221 5.43 23.42 37.08
N ASP D 222 6.12 23.21 38.20
CA ASP D 222 7.21 22.25 38.28
C ASP D 222 7.18 21.62 39.67
N PHE D 223 6.77 20.35 39.73
CA PHE D 223 6.45 19.72 41.00
C PHE D 223 7.66 19.65 41.93
N GLU D 224 8.83 19.29 41.39
CA GLU D 224 10.01 19.14 42.23
C GLU D 224 10.41 20.46 42.87
N GLN D 225 10.46 21.53 42.07
CA GLN D 225 10.84 22.83 42.59
C GLN D 225 9.79 23.36 43.56
N GLU D 226 8.51 23.12 43.28
CA GLU D 226 7.47 23.55 44.21
C GLU D 226 7.58 22.81 45.54
N MET D 227 7.84 21.50 45.50
CA MET D 227 8.01 20.74 46.73
C MET D 227 9.21 21.25 47.53
N ALA D 228 10.33 21.51 46.84
CA ALA D 228 11.50 22.02 47.53
C ALA D 228 11.22 23.38 48.16
N THR D 229 10.55 24.27 47.42
CA THR D 229 10.25 25.60 47.94
C THR D 229 9.33 25.50 49.16
N ALA D 230 8.30 24.66 49.09
CA ALA D 230 7.37 24.54 50.21
C ALA D 230 8.03 23.89 51.43
N ALA D 231 8.94 22.94 51.20
CA ALA D 231 9.62 22.29 52.33
C ALA D 231 10.73 23.15 52.92
N SER D 232 11.28 24.10 52.17
CA SER D 232 12.38 24.92 52.66
C SER D 232 11.92 26.29 53.16
N SER D 233 11.28 27.08 52.30
CA SER D 233 10.91 28.44 52.67
C SER D 233 9.71 28.47 53.60
N SER D 234 8.80 27.51 53.46
CA SER D 234 7.58 27.44 54.27
C SER D 234 6.75 28.73 54.15
N SER D 235 6.74 29.29 52.94
CA SER D 235 5.94 30.47 52.64
C SER D 235 4.63 30.15 51.93
N LEU D 236 4.46 28.93 51.46
CA LEU D 236 3.23 28.51 50.78
C LEU D 236 2.17 28.03 51.76
N GLU D 237 2.46 28.01 53.05
CA GLU D 237 1.51 27.50 54.03
C GLU D 237 0.27 28.38 54.09
N LYS D 238 -0.89 27.74 54.17
CA LYS D 238 -2.17 28.43 54.27
C LYS D 238 -3.01 27.76 55.35
N SER D 239 -3.93 28.53 55.92
CA SER D 239 -4.78 28.07 57.00
C SER D 239 -6.21 27.94 56.54
N TYR D 240 -6.96 27.07 57.22
CA TYR D 240 -8.37 26.87 56.94
C TYR D 240 -9.10 26.69 58.26
N GLU D 241 -10.37 27.09 58.29
CA GLU D 241 -11.19 27.04 59.49
C GLU D 241 -12.26 25.97 59.34
N LEU D 242 -12.18 24.93 60.17
CA LEU D 242 -13.20 23.90 60.19
C LEU D 242 -14.45 24.40 60.91
N PRO D 243 -15.61 23.79 60.65
CA PRO D 243 -16.81 24.17 61.39
C PRO D 243 -16.70 23.95 62.89
N ASP D 244 -15.83 23.04 63.34
CA ASP D 244 -15.63 22.82 64.77
C ASP D 244 -14.80 23.91 65.42
N GLY D 245 -14.10 24.73 64.65
CA GLY D 245 -13.31 25.82 65.19
C GLY D 245 -11.82 25.59 65.25
N GLN D 246 -11.33 24.43 64.84
CA GLN D 246 -9.91 24.12 64.86
C GLN D 246 -9.30 24.48 63.51
N VAL D 247 -8.24 25.28 63.52
CA VAL D 247 -7.59 25.69 62.28
C VAL D 247 -6.73 24.56 61.74
N ILE D 248 -6.59 24.53 60.42
CA ILE D 248 -5.77 23.54 59.73
C ILE D 248 -4.74 24.28 58.89
N THR D 249 -3.46 24.02 59.13
CA THR D 249 -2.38 24.58 58.34
C THR D 249 -1.95 23.55 57.29
N ILE D 250 -1.97 23.96 56.03
CA ILE D 250 -1.74 23.05 54.91
C ILE D 250 -0.54 23.55 54.12
N GLY D 251 0.43 22.67 53.89
CA GLY D 251 1.64 23.03 53.18
C GLY D 251 1.76 22.38 51.81
N ASN D 252 2.54 21.30 51.73
CA ASN D 252 2.73 20.60 50.47
C ASN D 252 1.43 20.04 49.93
N GLU D 253 0.45 19.81 50.81
CA GLU D 253 -0.80 19.21 50.39
C GLU D 253 -1.50 20.04 49.31
N ARG D 254 -1.30 21.36 49.32
CA ARG D 254 -1.95 22.24 48.36
C ARG D 254 -1.69 21.79 46.93
N PHE D 255 -0.43 21.51 46.60
CA PHE D 255 -0.07 21.08 45.25
C PHE D 255 0.26 19.60 45.17
N ARG D 256 0.03 18.85 46.24
CA ARG D 256 0.12 17.40 46.18
C ARG D 256 -1.24 16.74 45.99
N CYS D 257 -2.33 17.36 46.46
CA CYS D 257 -3.66 16.81 46.24
C CYS D 257 -4.03 16.77 44.76
N PRO D 258 -3.84 17.83 43.98
CA PRO D 258 -4.17 17.77 42.55
C PRO D 258 -3.02 17.36 41.64
N GLU D 259 -1.86 17.01 42.20
CA GLU D 259 -0.76 16.52 41.37
C GLU D 259 -1.02 15.08 40.90
N ALA D 260 -1.94 14.37 41.57
CA ALA D 260 -2.26 13.01 41.17
C ALA D 260 -2.86 12.96 39.78
N LEU D 261 -3.48 14.06 39.33
CA LEU D 261 -4.04 14.09 37.98
C LEU D 261 -2.97 13.94 36.92
N PHE D 262 -1.74 14.38 37.21
CA PHE D 262 -0.63 14.25 36.28
C PHE D 262 0.32 13.11 36.63
N GLN D 263 0.39 12.72 37.89
CA GLN D 263 1.23 11.60 38.34
C GLN D 263 0.35 10.65 39.14
N PRO D 264 -0.45 9.82 38.45
CA PRO D 264 -1.32 8.87 39.18
C PRO D 264 -0.56 7.80 39.93
N SER D 265 0.76 7.74 39.80
CA SER D 265 1.55 6.83 40.61
C SER D 265 1.39 7.12 42.10
N PHE D 266 1.01 8.34 42.46
CA PHE D 266 0.75 8.66 43.86
C PHE D 266 -0.42 7.85 44.41
N LEU D 267 -1.51 7.77 43.64
CA LEU D 267 -2.62 6.92 44.01
C LEU D 267 -2.42 5.47 43.63
N GLY D 268 -1.36 5.15 42.89
CA GLY D 268 -0.99 3.78 42.62
C GLY D 268 -1.53 3.21 41.32
N MET D 269 -2.50 3.87 40.69
CA MET D 269 -3.01 3.38 39.42
C MET D 269 -1.93 3.49 38.35
N GLU D 270 -1.82 2.45 37.52
CA GLU D 270 -0.80 2.43 36.48
C GLU D 270 -1.15 3.36 35.32
N SER D 271 -2.40 3.79 35.22
CA SER D 271 -2.81 4.65 34.12
C SER D 271 -2.02 5.96 34.15
N CYS D 272 -1.70 6.46 32.97
CA CYS D 272 -0.94 7.68 32.85
C CYS D 272 -1.79 8.89 33.22
N GLY D 273 -1.12 10.03 33.37
CA GLY D 273 -1.78 11.23 33.85
C GLY D 273 -2.76 11.80 32.84
N ILE D 274 -3.43 12.87 33.27
CA ILE D 274 -4.44 13.51 32.42
C ILE D 274 -3.81 14.08 31.16
N HIS D 275 -2.66 14.76 31.31
CA HIS D 275 -1.99 15.34 30.14
C HIS D 275 -1.53 14.24 29.18
N GLU D 276 -0.99 13.14 29.72
CA GLU D 276 -0.54 12.06 28.87
C GLU D 276 -1.72 11.40 28.15
N THR D 277 -2.86 11.25 28.83
CA THR D 277 -4.03 10.70 28.16
C THR D 277 -4.54 11.62 27.07
N THR D 278 -4.53 12.93 27.32
CA THR D 278 -4.92 13.87 26.28
C THR D 278 -4.00 13.76 25.08
N PHE D 279 -2.69 13.69 25.32
CA PHE D 279 -1.74 13.56 24.23
C PHE D 279 -1.93 12.26 23.46
N ASN D 280 -2.17 11.16 24.17
CA ASN D 280 -2.43 9.88 23.51
C ASN D 280 -3.69 9.94 22.66
N SER D 281 -4.75 10.57 23.18
CA SER D 281 -5.97 10.72 22.39
C SER D 281 -5.72 11.58 21.17
N ILE D 282 -4.84 12.57 21.29
CA ILE D 282 -4.48 13.39 20.13
C ILE D 282 -3.80 12.53 19.06
N MET D 283 -2.84 11.70 19.46
CA MET D 283 -2.14 10.87 18.46
C MET D 283 -3.04 9.75 17.94
N LYS D 284 -4.06 9.36 18.69
CA LYS D 284 -4.94 8.30 18.21
C LYS D 284 -5.73 8.70 16.98
N CYS D 285 -5.92 9.99 16.74
CA CYS D 285 -6.73 10.45 15.62
C CYS D 285 -5.92 10.42 14.32
N ASP D 286 -6.50 10.98 13.27
CA ASP D 286 -5.85 10.99 11.97
C ASP D 286 -4.64 11.94 11.99
N VAL D 287 -3.69 11.67 11.10
CA VAL D 287 -2.46 12.45 11.05
C VAL D 287 -2.67 13.87 10.53
N ASP D 288 -3.78 14.11 9.83
CA ASP D 288 -4.03 15.43 9.25
C ASP D 288 -4.78 16.37 10.19
N ILE D 289 -5.67 15.84 11.03
CA ILE D 289 -6.48 16.67 11.92
C ILE D 289 -5.85 16.84 13.28
N ARG D 290 -4.57 16.52 13.42
CA ARG D 290 -3.91 16.62 14.72
C ARG D 290 -3.71 18.07 15.15
N LYS D 291 -3.34 18.95 14.22
CA LYS D 291 -2.99 20.31 14.59
C LYS D 291 -4.22 21.10 15.06
N ASP D 292 -5.37 20.89 14.42
CA ASP D 292 -6.58 21.58 14.85
C ASP D 292 -7.00 21.13 16.23
N LEU D 293 -6.84 19.83 16.53
CA LEU D 293 -7.09 19.36 17.89
C LEU D 293 -6.12 19.99 18.87
N TYR D 294 -4.85 20.10 18.49
CA TYR D 294 -3.86 20.71 19.37
C TYR D 294 -4.23 22.16 19.68
N ALA D 295 -4.67 22.91 18.68
CA ALA D 295 -4.94 24.32 18.85
C ALA D 295 -6.27 24.59 19.55
N ASN D 296 -7.09 23.57 19.78
CA ASN D 296 -8.43 23.79 20.32
C ASN D 296 -8.76 22.78 21.41
N THR D 297 -7.82 22.52 22.31
CA THR D 297 -8.12 21.68 23.46
C THR D 297 -9.00 22.45 24.44
N VAL D 298 -10.08 21.81 24.90
CA VAL D 298 -11.06 22.44 25.77
C VAL D 298 -11.14 21.66 27.06
N LEU D 299 -11.12 22.38 28.18
CA LEU D 299 -11.31 21.78 29.49
C LEU D 299 -12.71 22.07 30.02
N SER D 300 -13.17 21.20 30.91
CA SER D 300 -14.49 21.34 31.51
C SER D 300 -14.52 20.55 32.81
N GLY D 301 -15.72 20.35 33.35
CA GLY D 301 -15.88 19.56 34.55
C GLY D 301 -15.68 20.37 35.82
N GLY D 302 -15.80 19.66 36.94
CA GLY D 302 -15.67 20.28 38.24
C GLY D 302 -14.31 20.08 38.88
N THR D 303 -13.44 19.31 38.23
CA THR D 303 -12.09 19.08 38.71
C THR D 303 -11.05 19.81 37.87
N THR D 304 -11.46 20.88 37.19
CA THR D 304 -10.57 21.68 36.38
C THR D 304 -10.40 23.11 36.92
N MET D 305 -11.29 23.55 37.81
CA MET D 305 -11.24 24.92 38.31
C MET D 305 -9.87 25.27 38.89
N TYR D 306 -9.07 24.29 39.31
CA TYR D 306 -7.88 24.53 40.11
C TYR D 306 -7.03 25.62 39.46
N PRO D 307 -6.35 26.43 40.27
CA PRO D 307 -5.41 27.41 39.70
C PRO D 307 -4.22 26.73 39.04
N GLY D 308 -3.73 27.35 37.98
CA GLY D 308 -2.55 26.87 37.29
C GLY D 308 -2.73 25.61 36.47
N ILE D 309 -3.95 25.07 36.40
CA ILE D 309 -4.18 23.84 35.66
C ILE D 309 -3.89 24.06 34.17
N ALA D 310 -4.33 25.19 33.63
CA ALA D 310 -4.11 25.47 32.22
C ALA D 310 -2.62 25.62 31.92
N ASP D 311 -1.88 26.31 32.78
CA ASP D 311 -0.45 26.48 32.56
C ASP D 311 0.29 25.15 32.62
N ARG D 312 -0.03 24.33 33.63
CA ARG D 312 0.64 23.04 33.76
C ARG D 312 0.31 22.13 32.58
N MET D 313 -0.96 22.11 32.17
CA MET D 313 -1.35 21.29 31.03
C MET D 313 -0.66 21.76 29.76
N GLN D 314 -0.57 23.08 29.56
CA GLN D 314 0.10 23.60 28.39
C GLN D 314 1.57 23.21 28.38
N LYS D 315 2.25 23.34 29.52
CA LYS D 315 3.67 22.98 29.57
C LYS D 315 3.87 21.50 29.29
N GLU D 316 3.06 20.64 29.94
CA GLU D 316 3.24 19.20 29.76
C GLU D 316 2.92 18.77 28.33
N ILE D 317 1.85 19.30 27.76
CA ILE D 317 1.47 18.90 26.40
C ILE D 317 2.43 19.48 25.39
N THR D 318 3.09 20.61 25.71
CA THR D 318 4.12 21.13 24.82
C THR D 318 5.37 20.24 24.88
N ALA D 319 5.74 19.79 26.08
CA ALA D 319 6.87 18.88 26.19
C ALA D 319 6.60 17.57 25.46
N LEU D 320 5.38 17.05 25.58
CA LEU D 320 5.04 15.77 24.94
C LEU D 320 4.92 15.92 23.43
N ALA D 321 4.23 16.96 22.97
CA ALA D 321 3.96 17.14 21.56
C ALA D 321 5.21 17.61 20.82
N PRO D 322 5.28 17.38 19.52
CA PRO D 322 6.42 17.87 18.74
C PRO D 322 6.47 19.40 18.72
N SER D 323 7.66 19.92 18.46
CA SER D 323 7.88 21.35 18.41
C SER D 323 7.20 21.96 17.18
N THR D 324 7.33 23.28 17.00
CA THR D 324 6.65 24.01 15.93
C THR D 324 5.16 23.73 15.95
N MET D 325 4.60 23.58 17.16
CA MET D 325 3.19 23.24 17.33
C MET D 325 2.62 24.11 18.43
N LYS D 326 1.55 24.84 18.13
CA LYS D 326 0.91 25.75 19.07
C LYS D 326 -0.26 25.04 19.73
N ILE D 327 -0.14 24.81 21.05
CA ILE D 327 -1.22 24.16 21.80
C ILE D 327 -1.87 25.17 22.72
N LYS D 328 -2.93 25.81 22.26
CA LYS D 328 -3.65 26.78 23.07
C LYS D 328 -4.66 26.07 23.96
N ILE D 329 -4.37 25.98 25.26
CA ILE D 329 -5.26 25.30 26.20
C ILE D 329 -6.44 26.22 26.47
N ILE D 330 -7.56 25.99 25.78
CA ILE D 330 -8.74 26.84 25.96
C ILE D 330 -9.40 26.45 27.27
N ALA D 331 -9.30 27.32 28.27
CA ALA D 331 -9.87 27.11 29.60
C ALA D 331 -10.72 28.31 29.97
N PRO D 332 -11.91 28.44 29.40
CA PRO D 332 -12.74 29.60 29.69
C PRO D 332 -13.28 29.52 31.10
N PRO D 333 -13.73 30.64 31.68
CA PRO D 333 -14.41 30.59 32.96
C PRO D 333 -15.73 29.83 32.84
N GLU D 334 -16.30 29.51 33.99
CA GLU D 334 -17.53 28.71 34.12
C GLU D 334 -17.37 27.31 33.56
N ARG D 335 -16.16 26.72 33.65
CA ARG D 335 -15.99 25.33 33.25
C ARG D 335 -16.83 24.40 34.10
N LYS D 336 -17.16 24.82 35.33
CA LYS D 336 -17.96 23.99 36.20
C LYS D 336 -19.35 23.76 35.61
N TYR D 337 -19.94 24.80 35.02
CA TYR D 337 -21.27 24.70 34.44
C TYR D 337 -21.26 24.66 32.92
N SER D 338 -20.08 24.52 32.30
CA SER D 338 -20.00 24.52 30.85
C SER D 338 -20.79 23.35 30.25
N VAL D 339 -20.79 22.20 30.92
CA VAL D 339 -21.55 21.06 30.43
C VAL D 339 -23.04 21.40 30.37
N TRP D 340 -23.55 22.02 31.43
CA TRP D 340 -24.96 22.40 31.44
C TRP D 340 -25.25 23.47 30.40
N ILE D 341 -24.34 24.42 30.21
CA ILE D 341 -24.55 25.45 29.19
C ILE D 341 -24.63 24.82 27.81
N GLY D 342 -23.74 23.86 27.53
CA GLY D 342 -23.80 23.17 26.26
C GLY D 342 -25.07 22.37 26.09
N GLY D 343 -25.53 21.72 27.16
CA GLY D 343 -26.80 21.01 27.09
C GLY D 343 -27.96 21.94 26.80
N SER D 344 -27.97 23.11 27.43
CA SER D 344 -29.01 24.09 27.17
C SER D 344 -28.97 24.56 25.72
N ILE D 345 -27.76 24.79 25.19
CA ILE D 345 -27.63 25.20 23.79
C ILE D 345 -28.17 24.12 22.86
N LEU D 346 -27.80 22.87 23.14
CA LEU D 346 -28.25 21.75 22.29
C LEU D 346 -29.76 21.61 22.33
N ALA D 347 -30.36 21.73 23.51
CA ALA D 347 -31.81 21.62 23.60
C ALA D 347 -32.50 22.81 22.93
N SER D 348 -31.90 24.00 22.99
CA SER D 348 -32.50 25.17 22.38
C SER D 348 -32.40 25.13 20.86
N LEU D 349 -31.37 24.48 20.31
CA LEU D 349 -31.25 24.37 18.87
C LEU D 349 -32.48 23.70 18.27
N SER D 350 -33.01 24.28 17.19
CA SER D 350 -34.24 23.80 16.60
C SER D 350 -34.03 22.53 15.77
N THR D 351 -32.88 22.39 15.12
CA THR D 351 -32.64 21.19 14.32
C THR D 351 -32.60 19.94 15.19
N PHE D 352 -32.00 20.06 16.38
CA PHE D 352 -31.90 18.92 17.29
C PHE D 352 -33.25 18.53 17.88
N GLN D 353 -34.25 19.40 17.80
CA GLN D 353 -35.54 19.12 18.41
C GLN D 353 -36.27 17.95 17.77
N GLN D 354 -35.86 17.49 16.59
CA GLN D 354 -36.51 16.37 15.93
C GLN D 354 -35.84 15.04 16.27
N MET D 355 -34.63 15.06 16.82
CA MET D 355 -33.89 13.84 17.15
C MET D 355 -34.16 13.37 18.57
N TRP D 356 -35.33 13.66 19.13
CA TRP D 356 -35.64 13.27 20.50
C TRP D 356 -36.33 11.92 20.52
N ILE D 357 -36.26 11.25 21.67
CA ILE D 357 -36.91 9.97 21.87
C ILE D 357 -38.29 10.25 22.46
N SER D 358 -39.32 10.21 21.62
CA SER D 358 -40.67 10.49 22.08
C SER D 358 -41.22 9.31 22.89
N LYS D 359 -42.28 9.59 23.65
CA LYS D 359 -42.89 8.54 24.47
C LYS D 359 -43.50 7.45 23.60
N GLN D 360 -44.12 7.83 22.49
CA GLN D 360 -44.68 6.84 21.58
C GLN D 360 -43.59 5.94 21.00
N GLU D 361 -42.47 6.53 20.59
CA GLU D 361 -41.37 5.73 20.07
C GLU D 361 -40.82 4.79 21.14
N TYR D 362 -40.72 5.28 22.38
CA TYR D 362 -40.28 4.41 23.47
C TYR D 362 -41.22 3.23 23.65
N ASP D 363 -42.51 3.50 23.79
CA ASP D 363 -43.48 2.42 23.98
C ASP D 363 -43.47 1.46 22.79
N GLU D 364 -43.14 1.96 21.60
CA GLU D 364 -43.08 1.09 20.42
C GLU D 364 -41.87 0.16 20.45
N SER D 365 -40.70 0.70 20.77
CA SER D 365 -39.47 -0.09 20.63
C SER D 365 -38.75 -0.33 21.95
N GLY D 366 -38.43 0.71 22.68
CA GLY D 366 -37.75 0.56 23.96
C GLY D 366 -36.23 0.67 23.94
N PRO D 367 -35.55 -0.16 24.75
CA PRO D 367 -34.08 -0.14 24.82
C PRO D 367 -33.38 0.08 23.50
N SER D 368 -33.91 -0.50 22.44
CA SER D 368 -33.30 -0.34 21.13
C SER D 368 -33.41 1.10 20.70
N ILE D 369 -34.63 1.63 20.76
CA ILE D 369 -34.80 3.06 20.48
C ILE D 369 -33.78 3.91 21.21
N VAL D 370 -33.35 3.51 22.41
CA VAL D 370 -32.45 4.39 23.16
C VAL D 370 -30.96 4.24 22.89
N HIS D 371 -30.53 3.08 22.40
CA HIS D 371 -29.13 2.93 22.03
C HIS D 371 -29.02 3.13 20.53
N ARG D 372 -30.09 3.62 19.93
CA ARG D 372 -30.08 3.89 18.50
C ARG D 372 -30.14 5.37 18.26
N LYS D 373 -30.39 6.15 19.30
CA LYS D 373 -30.40 7.60 19.18
C LYS D 373 -29.50 8.18 20.26
N CYS D 374 -28.19 8.16 20.02
CA CYS D 374 -27.22 8.64 20.99
C CYS D 374 -25.92 9.05 20.31
N ILE E 5 -20.71 31.29 -28.08
CA ILE E 5 -20.20 31.58 -26.75
C ILE E 5 -18.82 30.95 -26.56
N ALA E 6 -18.21 31.20 -25.42
CA ALA E 6 -16.88 30.68 -25.14
C ALA E 6 -16.97 29.22 -24.74
N ALA E 7 -16.23 28.38 -25.47
CA ALA E 7 -16.22 26.95 -25.18
C ALA E 7 -15.45 26.67 -23.89
N LEU E 8 -15.79 25.55 -23.26
CA LEU E 8 -15.18 25.14 -22.00
C LEU E 8 -14.29 23.93 -22.26
N VAL E 9 -13.06 23.97 -21.75
CA VAL E 9 -12.10 22.89 -21.88
C VAL E 9 -11.87 22.30 -20.49
N VAL E 10 -12.09 21.00 -20.35
CA VAL E 10 -11.94 20.36 -19.06
C VAL E 10 -11.04 19.15 -19.18
N ASP E 11 -9.92 19.16 -18.46
CA ASP E 11 -9.04 17.99 -18.44
C ASP E 11 -9.13 17.29 -17.11
N ASN E 12 -9.68 16.09 -17.08
CA ASN E 12 -9.86 15.31 -15.86
C ASN E 12 -8.69 14.39 -15.57
N GLY E 13 -7.66 14.39 -16.41
CA GLY E 13 -6.48 13.58 -16.19
C GLY E 13 -5.51 14.24 -15.22
N SER E 14 -4.31 13.66 -15.16
CA SER E 14 -3.22 14.17 -14.33
C SER E 14 -3.58 14.19 -12.85
N GLY E 15 -4.63 13.46 -12.46
CA GLY E 15 -5.03 13.35 -11.07
C GLY E 15 -5.84 14.52 -10.57
N MET E 16 -5.64 15.70 -11.15
CA MET E 16 -6.34 16.90 -10.74
C MET E 16 -7.15 17.44 -11.92
N CYS E 17 -8.43 17.68 -11.70
CA CYS E 17 -9.31 18.18 -12.75
C CYS E 17 -9.02 19.66 -12.99
N LYS E 18 -8.57 19.99 -14.19
CA LYS E 18 -8.26 21.36 -14.57
C LYS E 18 -9.25 21.78 -15.66
N ALA E 19 -9.98 22.87 -15.41
CA ALA E 19 -11.00 23.33 -16.34
C ALA E 19 -10.99 24.84 -16.40
N GLY E 20 -11.46 25.37 -17.52
CA GLY E 20 -11.52 26.81 -17.71
C GLY E 20 -11.97 27.14 -19.10
N PHE E 21 -12.20 28.43 -19.32
CA PHE E 21 -12.68 28.91 -20.61
C PHE E 21 -11.58 28.77 -21.67
N ALA E 22 -12.03 28.59 -22.91
CA ALA E 22 -11.10 28.46 -24.03
C ALA E 22 -10.50 29.81 -24.39
N GLY E 23 -9.21 29.80 -24.73
CA GLY E 23 -8.48 31.00 -25.12
C GLY E 23 -7.47 31.46 -24.08
N ASP E 24 -7.74 31.23 -22.81
CA ASP E 24 -6.83 31.66 -21.75
C ASP E 24 -5.55 30.84 -21.77
N ASP E 25 -4.46 31.46 -21.33
CA ASP E 25 -3.17 30.81 -21.26
C ASP E 25 -3.02 29.93 -20.02
N ALA E 26 -3.92 30.04 -19.06
CA ALA E 26 -3.89 29.23 -17.85
C ALA E 26 -5.31 28.82 -17.51
N PRO E 27 -5.50 27.63 -16.91
CA PRO E 27 -6.85 27.21 -16.52
C PRO E 27 -7.40 28.09 -15.41
N ARG E 28 -8.71 28.32 -15.47
CA ARG E 28 -9.35 29.16 -14.47
C ARG E 28 -9.46 28.46 -13.12
N ALA E 29 -9.87 27.20 -13.12
CA ALA E 29 -10.06 26.43 -11.91
C ALA E 29 -9.25 25.14 -11.98
N VAL E 30 -8.51 24.85 -10.91
CA VAL E 30 -7.75 23.61 -10.79
C VAL E 30 -7.91 23.09 -9.37
N PHE E 31 -8.08 21.79 -9.24
CA PHE E 31 -8.27 21.12 -7.95
C PHE E 31 -8.12 19.62 -8.17
N PRO E 32 -7.76 18.87 -7.12
CA PRO E 32 -7.66 17.42 -7.26
C PRO E 32 -9.00 16.82 -7.63
N SER E 33 -8.97 15.81 -8.51
CA SER E 33 -10.17 15.08 -8.90
C SER E 33 -10.45 14.04 -7.82
N ILE E 34 -10.99 14.52 -6.71
CA ILE E 34 -11.12 13.73 -5.49
C ILE E 34 -12.52 13.93 -4.91
N VAL E 35 -13.10 12.84 -4.41
CA VAL E 35 -14.42 12.85 -3.79
C VAL E 35 -14.28 12.29 -2.38
N GLY E 36 -14.80 13.01 -1.40
CA GLY E 36 -14.69 12.61 -0.01
C GLY E 36 -16.05 12.30 0.59
N ARG E 37 -16.08 11.29 1.47
CA ARG E 37 -17.27 10.92 2.19
C ARG E 37 -16.92 10.67 3.65
N PRO E 38 -17.84 10.99 4.57
CA PRO E 38 -17.52 10.87 6.00
C PRO E 38 -17.25 9.43 6.40
N ARG E 39 -16.33 9.27 7.35
CA ARG E 39 -15.98 7.94 7.85
C ARG E 39 -16.59 7.65 9.22
N HIS E 40 -17.02 8.66 9.95
CA HIS E 40 -17.60 8.48 11.27
C HIS E 40 -18.91 9.26 11.37
N GLN E 41 -19.86 8.70 12.11
CA GLN E 41 -21.13 9.38 12.33
C GLN E 41 -20.91 10.59 13.23
N GLY E 42 -21.46 11.74 12.80
CA GLY E 42 -21.23 12.97 13.52
C GLY E 42 -22.14 13.13 14.73
N VAL E 43 -21.68 13.98 15.65
CA VAL E 43 -22.46 14.34 16.83
C VAL E 43 -22.98 15.77 16.74
N MET E 44 -22.23 16.66 16.10
CA MET E 44 -22.72 18.01 15.83
C MET E 44 -24.02 17.95 15.04
N VAL E 45 -25.02 18.68 15.49
CA VAL E 45 -26.28 18.76 14.77
C VAL E 45 -26.50 20.14 14.17
N GLY E 46 -26.06 21.18 14.87
CA GLY E 46 -26.19 22.53 14.32
C GLY E 46 -25.30 22.76 13.12
N MET E 47 -24.08 22.24 13.15
CA MET E 47 -23.14 22.42 12.05
C MET E 47 -23.68 21.77 10.79
N GLY E 48 -23.58 22.49 9.68
CA GLY E 48 -24.04 21.98 8.40
C GLY E 48 -23.15 20.85 7.92
N GLN E 49 -23.68 19.63 7.88
CA GLN E 49 -22.94 18.46 7.43
C GLN E 49 -23.50 18.01 6.09
N LYS E 50 -22.64 17.97 5.07
CA LYS E 50 -23.04 17.51 3.75
C LYS E 50 -22.56 16.07 3.54
N ASP E 51 -23.35 15.32 2.77
CA ASP E 51 -23.09 13.90 2.61
C ASP E 51 -21.80 13.62 1.85
N SER E 52 -21.45 14.47 0.89
CA SER E 52 -20.27 14.24 0.06
C SER E 52 -19.46 15.53 -0.06
N TYR E 53 -18.14 15.37 -0.08
CA TYR E 53 -17.21 16.47 -0.30
C TYR E 53 -16.43 16.21 -1.57
N VAL E 54 -16.25 17.27 -2.37
CA VAL E 54 -15.62 17.15 -3.69
C VAL E 54 -14.55 18.22 -3.82
N GLY E 55 -13.35 17.81 -4.20
CA GLY E 55 -12.33 18.77 -4.58
C GLY E 55 -11.69 19.45 -3.38
N ASP E 56 -11.66 20.78 -3.42
CA ASP E 56 -10.92 21.54 -2.42
C ASP E 56 -11.49 21.37 -1.02
N GLU E 57 -12.81 21.26 -0.90
CA GLU E 57 -13.41 21.01 0.41
C GLU E 57 -12.95 19.67 0.97
N ALA E 58 -12.95 18.62 0.14
CA ALA E 58 -12.47 17.32 0.57
C ALA E 58 -11.00 17.39 0.95
N GLN E 59 -10.22 18.18 0.22
CA GLN E 59 -8.81 18.36 0.57
C GLN E 59 -8.67 19.03 1.93
N SER E 60 -9.51 20.02 2.20
CA SER E 60 -9.47 20.72 3.48
C SER E 60 -9.83 19.79 4.64
N LYS E 61 -10.86 18.95 4.45
CA LYS E 61 -11.28 18.00 5.46
C LYS E 61 -10.72 16.61 5.20
N ARG E 62 -9.48 16.55 4.70
CA ARG E 62 -8.90 15.30 4.26
C ARG E 62 -8.74 14.30 5.41
N GLY E 63 -8.54 14.78 6.63
CA GLY E 63 -8.22 13.89 7.73
C GLY E 63 -9.37 13.03 8.21
N ILE E 64 -10.61 13.45 7.97
CA ILE E 64 -11.77 12.74 8.48
C ILE E 64 -12.69 12.29 7.36
N LEU E 65 -12.12 12.10 6.17
CA LEU E 65 -12.90 11.67 5.02
C LEU E 65 -12.19 10.49 4.34
N THR E 66 -12.98 9.69 3.64
CA THR E 66 -12.45 8.68 2.75
C THR E 66 -12.40 9.23 1.33
N LEU E 67 -11.25 9.07 0.68
CA LEU E 67 -10.99 9.69 -0.60
C LEU E 67 -10.91 8.61 -1.69
N LYS E 68 -11.74 8.74 -2.71
CA LYS E 68 -11.76 7.82 -3.84
C LYS E 68 -11.59 8.62 -5.12
N TYR E 69 -10.53 8.32 -5.86
CA TYR E 69 -10.33 8.96 -7.15
C TYR E 69 -11.27 8.32 -8.18
N PRO E 70 -12.18 9.08 -8.78
CA PRO E 70 -13.04 8.48 -9.82
C PRO E 70 -12.26 7.95 -11.01
N ILE E 71 -11.24 8.67 -11.43
CA ILE E 71 -10.52 8.25 -12.61
C ILE E 71 -9.41 7.36 -12.14
N GLU E 72 -9.43 6.11 -12.59
CA GLU E 72 -8.40 5.17 -12.22
C GLU E 72 -7.66 4.82 -13.48
N HIS E 73 -6.34 4.79 -13.42
CA HIS E 73 -5.55 4.57 -14.65
C HIS E 73 -6.06 5.59 -15.61
N GLY E 74 -6.72 5.15 -16.66
CA GLY E 74 -7.34 6.10 -17.58
C GLY E 74 -8.81 5.79 -17.76
N ILE E 75 -9.39 5.08 -16.80
CA ILE E 75 -10.79 4.66 -16.95
C ILE E 75 -11.56 5.14 -15.73
N VAL E 76 -12.87 5.23 -15.88
CA VAL E 76 -13.72 5.71 -14.79
C VAL E 76 -14.12 4.54 -13.91
N THR E 77 -13.94 4.69 -12.61
CA THR E 77 -14.33 3.66 -11.66
C THR E 77 -15.62 4.01 -10.91
N ASN E 78 -16.07 5.26 -10.99
CA ASN E 78 -17.32 5.65 -10.31
C ASN E 78 -17.93 6.80 -11.10
N TRP E 79 -18.88 6.48 -11.97
CA TRP E 79 -19.51 7.51 -12.79
C TRP E 79 -20.32 8.47 -11.95
N ASP E 80 -20.90 8.02 -10.83
CA ASP E 80 -21.58 8.94 -9.93
C ASP E 80 -20.60 9.97 -9.35
N ASP E 81 -19.43 9.51 -8.92
CA ASP E 81 -18.44 10.44 -8.38
C ASP E 81 -17.93 11.39 -9.45
N MET E 82 -17.71 10.91 -10.68
CA MET E 82 -17.26 11.83 -11.72
C MET E 82 -18.36 12.81 -12.11
N GLU E 83 -19.62 12.39 -12.07
CA GLU E 83 -20.71 13.33 -12.29
C GLU E 83 -20.74 14.39 -11.21
N LYS E 84 -20.49 13.99 -9.95
CA LYS E 84 -20.41 14.96 -8.87
C LYS E 84 -19.27 15.95 -9.09
N ILE E 85 -18.11 15.45 -9.51
CA ILE E 85 -16.97 16.33 -9.77
C ILE E 85 -17.28 17.30 -10.91
N TRP E 86 -17.93 16.80 -11.96
CA TRP E 86 -18.28 17.67 -13.08
C TRP E 86 -19.30 18.73 -12.66
N HIS E 87 -20.26 18.35 -11.83
CA HIS E 87 -21.21 19.33 -11.31
C HIS E 87 -20.50 20.39 -10.49
N HIS E 88 -19.54 19.97 -9.66
CA HIS E 88 -18.75 20.93 -8.90
C HIS E 88 -17.99 21.88 -9.82
N THR E 89 -17.37 21.33 -10.86
CA THR E 89 -16.63 22.16 -11.80
C THR E 89 -17.54 23.17 -12.49
N PHE E 90 -18.72 22.73 -12.92
CA PHE E 90 -19.60 23.58 -13.70
C PHE E 90 -20.35 24.61 -12.86
N TYR E 91 -20.62 24.33 -11.58
CA TYR E 91 -21.47 25.22 -10.80
C TYR E 91 -20.75 25.91 -9.65
N ASN E 92 -19.72 25.32 -9.07
CA ASN E 92 -19.06 25.89 -7.90
C ASN E 92 -17.65 26.37 -8.18
N GLU E 93 -17.08 26.05 -9.34
CA GLU E 93 -15.72 26.48 -9.69
C GLU E 93 -15.71 27.45 -10.85
N LEU E 94 -16.28 27.08 -12.00
CA LEU E 94 -16.31 27.97 -13.14
C LEU E 94 -17.50 28.92 -13.13
N ARG E 95 -18.56 28.58 -12.38
CA ARG E 95 -19.75 29.42 -12.23
C ARG E 95 -20.34 29.79 -13.60
N VAL E 96 -20.64 28.75 -14.37
CA VAL E 96 -21.24 28.91 -15.69
C VAL E 96 -22.21 27.76 -15.93
N ALA E 97 -23.42 28.10 -16.37
CA ALA E 97 -24.41 27.08 -16.67
C ALA E 97 -24.03 26.37 -17.97
N PRO E 98 -23.85 25.05 -17.95
CA PRO E 98 -23.48 24.36 -19.19
C PRO E 98 -24.59 24.30 -20.22
N GLU E 99 -25.78 24.79 -19.89
CA GLU E 99 -26.90 24.75 -20.82
C GLU E 99 -26.69 25.64 -22.05
N GLU E 100 -25.70 26.54 -22.01
CA GLU E 100 -25.45 27.40 -23.16
C GLU E 100 -23.96 27.56 -23.46
N HIS E 101 -23.13 26.59 -23.07
CA HIS E 101 -21.69 26.67 -23.30
C HIS E 101 -21.18 25.33 -23.82
N PRO E 102 -20.63 25.30 -25.02
CA PRO E 102 -20.06 24.04 -25.53
C PRO E 102 -18.87 23.59 -24.69
N VAL E 103 -18.69 22.28 -24.60
CA VAL E 103 -17.70 21.68 -23.70
C VAL E 103 -16.76 20.79 -24.49
N LEU E 104 -15.49 20.81 -24.09
CA LEU E 104 -14.46 19.94 -24.66
C LEU E 104 -13.77 19.19 -23.53
N LEU E 105 -13.49 17.91 -23.76
CA LEU E 105 -12.89 17.06 -22.75
C LEU E 105 -11.66 16.37 -23.31
N THR E 106 -10.95 15.66 -22.43
CA THR E 106 -9.75 14.93 -22.79
C THR E 106 -9.86 13.48 -22.34
N GLU E 107 -9.22 12.59 -23.09
CA GLU E 107 -9.22 11.17 -22.77
C GLU E 107 -7.94 10.56 -23.28
N ALA E 108 -7.36 9.66 -22.49
CA ALA E 108 -6.12 9.00 -22.89
C ALA E 108 -6.35 8.07 -24.06
N PRO E 109 -5.36 7.87 -24.92
CA PRO E 109 -5.50 6.94 -26.03
C PRO E 109 -5.57 5.50 -25.55
N LEU E 110 -6.18 4.66 -26.38
CA LEU E 110 -6.42 3.25 -26.05
C LEU E 110 -7.26 3.13 -24.78
N ASN E 111 -8.45 3.71 -24.83
CA ASN E 111 -9.37 3.72 -23.71
C ASN E 111 -10.71 3.15 -24.15
N PRO E 112 -11.41 2.46 -23.25
CA PRO E 112 -12.68 1.83 -23.63
C PRO E 112 -13.72 2.80 -24.18
N LYS E 113 -14.27 2.50 -25.36
CA LYS E 113 -15.38 3.31 -25.82
C LYS E 113 -16.61 3.09 -24.97
N ALA E 114 -16.64 2.06 -24.12
CA ALA E 114 -17.65 2.03 -23.08
C ALA E 114 -17.51 3.25 -22.16
N ASN E 115 -16.28 3.55 -21.76
CA ASN E 115 -16.02 4.74 -20.95
C ASN E 115 -16.36 6.00 -21.74
N ARG E 116 -15.97 6.06 -23.01
CA ARG E 116 -16.27 7.25 -23.82
C ARG E 116 -17.77 7.44 -23.98
N GLU E 117 -18.52 6.36 -24.21
CA GLU E 117 -19.96 6.44 -24.34
C GLU E 117 -20.63 6.89 -23.06
N LYS E 118 -20.19 6.36 -21.91
CA LYS E 118 -20.77 6.82 -20.66
C LYS E 118 -20.44 8.29 -20.42
N MET E 119 -19.23 8.73 -20.78
CA MET E 119 -18.88 10.14 -20.71
C MET E 119 -19.86 10.99 -21.51
N THR E 120 -20.06 10.63 -22.79
CA THR E 120 -20.92 11.43 -23.65
C THR E 120 -22.37 11.40 -23.16
N GLN E 121 -22.84 10.23 -22.75
CA GLN E 121 -24.22 10.11 -22.27
C GLN E 121 -24.44 10.95 -21.02
N ILE E 122 -23.49 10.92 -20.08
CA ILE E 122 -23.62 11.74 -18.89
C ILE E 122 -23.67 13.22 -19.26
N MET E 123 -22.73 13.66 -20.08
CA MET E 123 -22.66 15.08 -20.40
C MET E 123 -23.82 15.56 -21.27
N PHE E 124 -24.49 14.67 -21.99
CA PHE E 124 -25.58 15.08 -22.86
C PHE E 124 -26.95 14.93 -22.22
N GLU E 125 -27.12 14.00 -21.28
CA GLU E 125 -28.41 13.81 -20.63
C GLU E 125 -28.49 14.46 -19.26
N THR E 126 -27.35 14.84 -18.67
CA THR E 126 -27.35 15.50 -17.37
C THR E 126 -27.14 17.00 -17.48
N PHE E 127 -26.08 17.42 -18.18
CA PHE E 127 -25.78 18.84 -18.33
C PHE E 127 -26.36 19.44 -19.61
N ASN E 128 -26.97 18.61 -20.47
CA ASN E 128 -27.57 19.03 -21.75
C ASN E 128 -26.77 20.12 -22.45
N THR E 129 -25.47 19.92 -22.61
CA THR E 129 -24.63 20.91 -23.26
C THR E 129 -24.93 20.95 -24.76
N PRO E 130 -25.10 22.14 -25.35
CA PRO E 130 -25.37 22.23 -26.79
C PRO E 130 -24.39 21.45 -27.67
N ALA E 131 -23.12 21.36 -27.31
CA ALA E 131 -22.15 20.67 -28.15
C ALA E 131 -21.10 20.05 -27.24
N MET E 132 -20.39 19.06 -27.77
CA MET E 132 -19.38 18.35 -27.01
C MET E 132 -18.36 17.75 -27.95
N TYR E 133 -17.18 17.44 -27.41
CA TYR E 133 -16.13 16.78 -28.17
C TYR E 133 -15.16 16.15 -27.20
N VAL E 134 -14.54 15.04 -27.63
CA VAL E 134 -13.54 14.33 -26.85
C VAL E 134 -12.26 14.23 -27.67
N ALA E 135 -11.14 14.65 -27.09
CA ALA E 135 -9.86 14.65 -27.76
C ALA E 135 -8.82 13.90 -26.93
N ILE E 136 -7.72 13.55 -27.58
CA ILE E 136 -6.61 12.86 -26.95
C ILE E 136 -5.76 13.87 -26.19
N GLN E 137 -5.33 13.49 -24.99
CA GLN E 137 -4.60 14.43 -24.13
C GLN E 137 -3.27 14.83 -24.76
N ALA E 138 -2.51 13.85 -25.26
CA ALA E 138 -1.17 14.15 -25.75
C ALA E 138 -1.21 14.92 -27.07
N VAL E 139 -2.26 14.71 -27.87
CA VAL E 139 -2.46 15.56 -29.04
C VAL E 139 -2.66 17.01 -28.60
N LEU E 140 -3.40 17.22 -27.51
CA LEU E 140 -3.54 18.57 -26.96
C LEU E 140 -2.19 19.10 -26.47
N SER E 141 -1.36 18.24 -25.89
CA SER E 141 -0.03 18.67 -25.47
C SER E 141 0.78 19.14 -26.68
N LEU E 142 0.71 18.39 -27.77
CA LEU E 142 1.40 18.80 -28.99
C LEU E 142 0.83 20.11 -29.53
N TYR E 143 -0.48 20.32 -29.36
CA TYR E 143 -1.08 21.59 -29.72
C TYR E 143 -0.47 22.73 -28.91
N ALA E 144 -0.30 22.51 -27.61
CA ALA E 144 0.25 23.53 -26.74
C ALA E 144 1.70 23.82 -27.09
N SER E 145 2.46 22.79 -27.44
CA SER E 145 3.86 23.00 -27.83
C SER E 145 3.99 23.73 -29.16
N GLY E 146 2.91 23.89 -29.91
CA GLY E 146 2.95 24.62 -31.18
C GLY E 146 3.39 23.84 -32.38
N ARG E 147 4.43 23.01 -32.24
CA ARG E 147 4.96 22.25 -33.36
C ARG E 147 3.92 21.24 -33.85
N THR E 148 3.86 21.07 -35.17
CA THR E 148 2.93 20.13 -35.80
C THR E 148 3.60 18.80 -36.11
N THR E 149 4.76 18.53 -35.49
CA THR E 149 5.45 17.26 -35.68
C THR E 149 6.32 16.94 -34.47
N GLY E 150 6.23 15.73 -33.97
CA GLY E 150 7.03 15.31 -32.84
C GLY E 150 6.28 14.45 -31.85
N ILE E 151 6.95 13.41 -31.35
CA ILE E 151 6.32 12.52 -30.38
C ILE E 151 6.08 13.29 -29.08
N VAL E 152 4.91 13.09 -28.50
CA VAL E 152 4.56 13.66 -27.20
C VAL E 152 4.42 12.52 -26.21
N MET E 153 5.25 12.53 -25.17
CA MET E 153 5.20 11.50 -24.13
C MET E 153 4.43 12.12 -22.97
N ASP E 154 3.15 11.82 -22.91
CA ASP E 154 2.31 12.29 -21.82
C ASP E 154 2.31 11.26 -20.70
N SER E 155 2.39 11.74 -19.46
CA SER E 155 2.36 10.84 -18.31
C SER E 155 1.65 11.57 -17.17
N GLY E 156 0.34 11.36 -17.09
CA GLY E 156 -0.46 11.90 -16.01
C GLY E 156 -0.43 11.01 -14.79
N ASP E 157 -1.27 11.34 -13.83
CA ASP E 157 -1.34 10.55 -12.61
C ASP E 157 -1.95 9.18 -12.85
N GLY E 158 -2.60 8.97 -13.99
CA GLY E 158 -3.22 7.69 -14.27
C GLY E 158 -2.62 6.93 -15.45
N VAL E 159 -2.15 7.66 -16.47
CA VAL E 159 -1.72 7.04 -17.71
C VAL E 159 -0.34 7.56 -18.07
N THR E 160 0.38 6.79 -18.88
CA THR E 160 1.63 7.21 -19.50
C THR E 160 1.62 6.70 -20.94
N HIS E 161 1.44 7.61 -21.89
CA HIS E 161 1.26 7.24 -23.29
C HIS E 161 2.05 8.18 -24.19
N THR E 162 2.37 7.67 -25.39
CA THR E 162 3.04 8.44 -26.42
C THR E 162 2.29 8.27 -27.73
N VAL E 163 2.05 9.39 -28.43
CA VAL E 163 1.39 9.33 -29.73
C VAL E 163 2.22 10.10 -30.75
N PRO E 164 3.15 9.45 -31.45
CA PRO E 164 3.94 10.16 -32.45
C PRO E 164 3.06 10.75 -33.55
N ILE E 165 3.34 12.00 -33.89
CA ILE E 165 2.59 12.73 -34.92
C ILE E 165 3.59 13.38 -35.86
N TYR E 166 3.40 13.21 -37.16
CA TYR E 166 4.30 13.77 -38.17
C TYR E 166 3.52 14.57 -39.19
N GLU E 167 3.92 15.83 -39.36
CA GLU E 167 3.48 16.68 -40.47
C GLU E 167 1.95 16.70 -40.62
N GLY E 168 1.26 16.76 -39.49
CA GLY E 168 -0.18 16.92 -39.51
C GLY E 168 -0.99 15.66 -39.40
N TYR E 169 -0.37 14.49 -39.44
CA TYR E 169 -1.10 13.23 -39.35
C TYR E 169 -0.53 12.40 -38.19
N ALA E 170 -1.42 11.86 -37.37
CA ALA E 170 -1.01 11.01 -36.27
C ALA E 170 -0.62 9.62 -36.76
N LEU E 171 -0.10 8.81 -35.85
CA LEU E 171 0.35 7.45 -36.15
C LEU E 171 -0.36 6.52 -35.17
N PRO E 172 -1.61 6.15 -35.45
CA PRO E 172 -2.35 5.30 -34.50
C PRO E 172 -1.74 3.93 -34.31
N HIS E 173 -0.92 3.45 -35.24
CA HIS E 173 -0.31 2.14 -35.12
C HIS E 173 0.94 2.13 -34.24
N ALA E 174 1.42 3.29 -33.81
CA ALA E 174 2.61 3.39 -32.98
C ALA E 174 2.30 3.95 -31.59
N ILE E 175 1.05 3.86 -31.16
CA ILE E 175 0.64 4.37 -29.86
C ILE E 175 0.95 3.31 -28.81
N LEU E 176 1.79 3.68 -27.83
CA LEU E 176 2.13 2.81 -26.71
C LEU E 176 1.61 3.44 -25.43
N ARG E 177 0.80 2.67 -24.69
CA ARG E 177 0.25 3.12 -23.43
C ARG E 177 0.86 2.31 -22.31
N LEU E 178 1.26 2.98 -21.23
CA LEU E 178 1.96 2.34 -20.12
C LEU E 178 1.28 2.73 -18.81
N ASP E 179 1.33 1.82 -17.84
CA ASP E 179 0.50 1.98 -16.65
C ASP E 179 1.19 2.77 -15.54
N LEU E 180 2.52 2.80 -15.52
CA LEU E 180 3.22 3.55 -14.49
C LEU E 180 2.87 5.03 -14.56
N ALA E 181 2.54 5.60 -13.42
CA ALA E 181 2.01 6.95 -13.38
C ALA E 181 2.15 7.50 -11.96
N GLY E 182 1.45 8.60 -11.69
CA GLY E 182 1.54 9.23 -10.38
C GLY E 182 1.07 8.34 -9.25
N ARG E 183 -0.01 7.59 -9.49
CA ARG E 183 -0.53 6.70 -8.44
C ARG E 183 0.48 5.59 -8.13
N ASP E 184 1.08 5.00 -9.15
CA ASP E 184 2.06 3.94 -8.91
C ASP E 184 3.30 4.50 -8.24
N LEU E 185 3.74 5.70 -8.63
CA LEU E 185 4.89 6.31 -7.97
C LEU E 185 4.58 6.61 -6.50
N THR E 186 3.36 7.07 -6.22
CA THR E 186 2.96 7.31 -4.84
C THR E 186 2.92 6.01 -4.04
N ASP E 187 2.46 4.93 -4.65
CA ASP E 187 2.46 3.64 -3.97
C ASP E 187 3.88 3.17 -3.66
N TYR E 188 4.80 3.34 -4.62
CA TYR E 188 6.18 2.97 -4.37
C TYR E 188 6.79 3.85 -3.28
N LEU E 189 6.42 5.13 -3.24
CA LEU E 189 6.90 6.00 -2.17
C LEU E 189 6.35 5.54 -0.83
N MET E 190 5.09 5.09 -0.79
CA MET E 190 4.55 4.48 0.42
C MET E 190 5.40 3.31 0.88
N LYS E 191 5.69 2.39 -0.05
CA LYS E 191 6.43 1.18 0.30
C LYS E 191 7.83 1.52 0.80
N ILE E 192 8.49 2.47 0.14
CA ILE E 192 9.84 2.83 0.57
C ILE E 192 9.82 3.64 1.86
N LEU E 193 8.74 4.37 2.13
CA LEU E 193 8.66 5.09 3.40
C LEU E 193 8.45 4.15 4.57
N THR E 194 7.57 3.15 4.41
CA THR E 194 7.46 2.15 5.47
C THR E 194 8.70 1.28 5.52
N GLU E 195 9.47 1.23 4.43
CA GLU E 195 10.79 0.63 4.48
C GLU E 195 11.72 1.41 5.40
N ARG E 196 11.69 2.74 5.32
CA ARG E 196 12.51 3.54 6.22
C ARG E 196 12.00 3.49 7.65
N GLY E 197 10.68 3.47 7.84
CA GLY E 197 10.12 3.41 9.18
C GLY E 197 8.85 4.20 9.35
N TYR E 198 8.55 5.08 8.41
CA TYR E 198 7.34 5.89 8.46
C TYR E 198 6.24 5.15 7.70
N SER E 199 5.33 4.52 8.44
CA SER E 199 4.26 3.74 7.84
C SER E 199 3.09 4.64 7.48
N PHE E 200 2.66 4.58 6.22
CA PHE E 200 1.50 5.32 5.76
C PHE E 200 0.48 4.37 5.17
N THR E 201 -0.71 4.33 5.77
CA THR E 201 -1.81 3.54 5.22
C THR E 201 -3.15 4.23 5.51
N THR E 202 -3.58 5.08 4.59
CA THR E 202 -4.80 5.87 4.69
C THR E 202 -4.85 6.70 3.40
N THR E 203 -6.06 7.15 3.03
CA THR E 203 -6.15 8.08 1.91
C THR E 203 -5.50 9.42 2.24
N ALA E 204 -5.65 9.89 3.47
CA ALA E 204 -4.99 11.11 3.91
C ALA E 204 -3.48 10.94 3.85
N GLU E 205 -3.01 9.78 4.32
CA GLU E 205 -1.59 9.45 4.26
C GLU E 205 -1.13 9.41 2.81
N ARG E 206 -1.97 8.89 1.92
CA ARG E 206 -1.62 8.82 0.51
C ARG E 206 -1.47 10.22 -0.08
N GLU E 207 -2.37 11.13 0.30
CA GLU E 207 -2.26 12.50 -0.20
C GLU E 207 -1.01 13.18 0.34
N ILE E 208 -0.68 12.95 1.61
CA ILE E 208 0.54 13.50 2.18
C ILE E 208 1.76 12.95 1.46
N VAL E 209 1.76 11.66 1.15
CA VAL E 209 2.86 11.04 0.41
C VAL E 209 2.96 11.63 -0.98
N ARG E 210 1.82 11.92 -1.62
CA ARG E 210 1.83 12.56 -2.92
C ARG E 210 2.44 13.95 -2.85
N ASP E 211 2.11 14.71 -1.80
CA ASP E 211 2.72 16.02 -1.62
C ASP E 211 4.22 15.91 -1.43
N ILE E 212 4.66 14.93 -0.64
CA ILE E 212 6.09 14.70 -0.44
C ILE E 212 6.76 14.36 -1.76
N LYS E 213 6.11 13.52 -2.57
CA LYS E 213 6.65 13.18 -3.88
C LYS E 213 6.79 14.41 -4.75
N GLU E 214 5.79 15.29 -4.71
CA GLU E 214 5.86 16.51 -5.52
C GLU E 214 7.00 17.41 -5.07
N LYS E 215 7.20 17.54 -3.76
CA LYS E 215 8.10 18.57 -3.23
C LYS E 215 9.49 18.06 -2.88
N LEU E 216 9.77 16.76 -3.00
CA LEU E 216 11.08 16.23 -2.61
C LEU E 216 11.73 15.29 -3.60
N CYS E 217 10.98 14.62 -4.46
CA CYS E 217 11.54 13.60 -5.32
C CYS E 217 12.19 14.21 -6.56
N TYR E 218 13.22 13.55 -7.06
CA TYR E 218 13.91 13.97 -8.27
C TYR E 218 14.55 12.76 -8.91
N VAL E 219 14.88 12.89 -10.19
CA VAL E 219 15.45 11.82 -10.98
C VAL E 219 16.94 12.08 -11.19
N ALA E 220 17.77 11.09 -10.90
CA ALA E 220 19.20 11.24 -11.03
C ALA E 220 19.63 11.03 -12.49
N LEU E 221 20.92 11.19 -12.74
CA LEU E 221 21.49 10.94 -14.06
C LEU E 221 22.16 9.58 -14.15
N ASP E 222 22.62 9.01 -13.04
CA ASP E 222 23.18 7.66 -13.01
C ASP E 222 22.79 7.03 -11.69
N PHE E 223 21.88 6.05 -11.75
CA PHE E 223 21.23 5.55 -10.54
C PHE E 223 22.23 4.89 -9.60
N GLU E 224 23.16 4.09 -10.13
CA GLU E 224 24.11 3.39 -9.27
C GLU E 224 24.99 4.38 -8.51
N GLN E 225 25.56 5.36 -9.21
CA GLN E 225 26.43 6.33 -8.56
C GLN E 225 25.64 7.19 -7.58
N GLU E 226 24.40 7.56 -7.92
CA GLU E 226 23.59 8.33 -6.99
C GLU E 226 23.29 7.53 -5.73
N MET E 227 22.97 6.26 -5.88
CA MET E 227 22.70 5.41 -4.71
C MET E 227 23.94 5.29 -3.84
N ALA E 228 25.11 5.08 -4.46
CA ALA E 228 26.35 4.99 -3.69
C ALA E 228 26.65 6.29 -2.95
N THR E 229 26.46 7.42 -3.63
CA THR E 229 26.72 8.71 -3.00
C THR E 229 25.78 8.96 -1.83
N ALA E 230 24.50 8.65 -2.01
CA ALA E 230 23.54 8.86 -0.92
C ALA E 230 23.78 7.92 0.25
N ALA E 231 24.20 6.69 -0.03
CA ALA E 231 24.46 5.74 1.05
C ALA E 231 25.78 5.98 1.75
N SER E 232 26.74 6.65 1.10
CA SER E 232 28.05 6.87 1.70
C SER E 232 28.18 8.27 2.30
N SER E 233 28.02 9.32 1.48
CA SER E 233 28.24 10.68 1.96
C SER E 233 27.11 11.16 2.86
N SER E 234 25.88 10.70 2.61
CA SER E 234 24.71 11.13 3.38
C SER E 234 24.53 12.64 3.33
N SER E 235 24.83 13.24 2.19
CA SER E 235 24.64 14.67 1.97
C SER E 235 23.37 14.99 1.20
N LEU E 236 22.72 13.99 0.60
CA LEU E 236 21.48 14.20 -0.13
C LEU E 236 20.25 14.16 0.75
N GLU E 237 20.41 13.93 2.05
CA GLU E 237 19.28 13.82 2.96
C GLU E 237 18.54 15.15 3.05
N LYS E 238 17.21 15.07 3.04
CA LYS E 238 16.35 16.24 3.17
C LYS E 238 15.24 15.93 4.15
N SER E 239 14.71 16.98 4.76
CA SER E 239 13.67 16.86 5.78
C SER E 239 12.34 17.40 5.26
N TYR E 240 11.26 16.90 5.84
CA TYR E 240 9.92 17.35 5.50
C TYR E 240 9.10 17.42 6.78
N GLU E 241 8.13 18.33 6.80
CA GLU E 241 7.29 18.56 7.96
C GLU E 241 5.87 18.06 7.69
N LEU E 242 5.45 17.05 8.43
CA LEU E 242 4.08 16.56 8.33
C LEU E 242 3.14 17.50 9.06
N PRO E 243 1.84 17.47 8.71
CA PRO E 243 0.87 18.29 9.44
C PRO E 243 0.78 17.94 10.92
N ASP E 244 1.14 16.73 11.31
CA ASP E 244 1.14 16.34 12.72
C ASP E 244 2.31 16.92 13.49
N GLY E 245 3.35 17.40 12.81
CA GLY E 245 4.48 18.01 13.47
C GLY E 245 5.73 17.15 13.55
N GLN E 246 5.69 15.92 13.06
CA GLN E 246 6.85 15.03 13.10
C GLN E 246 7.63 15.16 11.80
N VAL E 247 8.94 15.43 11.92
CA VAL E 247 9.77 15.61 10.74
C VAL E 247 10.09 14.24 10.13
N ILE E 248 10.30 14.24 8.82
CA ILE E 248 10.66 13.04 8.06
C ILE E 248 11.95 13.33 7.32
N THR E 249 12.97 12.51 7.58
CA THR E 249 14.24 12.60 6.87
C THR E 249 14.26 11.56 5.75
N ILE E 250 14.49 12.02 4.53
CA ILE E 250 14.38 11.18 3.35
C ILE E 250 15.73 11.16 2.64
N GLY E 251 16.24 9.96 2.36
CA GLY E 251 17.53 9.80 1.72
C GLY E 251 17.44 9.25 0.30
N ASN E 252 17.70 7.95 0.16
CA ASN E 252 17.65 7.33 -1.16
C ASN E 252 16.27 7.42 -1.79
N GLU E 253 15.24 7.59 -0.96
CA GLU E 253 13.87 7.63 -1.47
C GLU E 253 13.68 8.73 -2.49
N ARG E 254 14.42 9.83 -2.35
CA ARG E 254 14.27 10.97 -3.25
C ARG E 254 14.41 10.55 -4.71
N PHE E 255 15.44 9.76 -5.02
CA PHE E 255 15.67 9.32 -6.40
C PHE E 255 15.33 7.85 -6.60
N ARG E 256 14.74 7.21 -5.59
CA ARG E 256 14.19 5.87 -5.79
C ARG E 256 12.70 5.87 -6.07
N CYS E 257 11.96 6.86 -5.59
CA CYS E 257 10.54 6.97 -5.90
C CYS E 257 10.28 7.19 -7.39
N PRO E 258 10.97 8.11 -8.06
CA PRO E 258 10.74 8.30 -9.50
C PRO E 258 11.66 7.50 -10.41
N GLU E 259 12.51 6.64 -9.85
CA GLU E 259 13.33 5.76 -10.68
C GLU E 259 12.52 4.63 -11.27
N ALA E 260 11.35 4.34 -10.70
CA ALA E 260 10.50 3.29 -11.23
C ALA E 260 10.02 3.59 -12.65
N LEU E 261 9.97 4.87 -13.01
CA LEU E 261 9.56 5.24 -14.36
C LEU E 261 10.54 4.70 -15.41
N PHE E 262 11.81 4.55 -15.04
CA PHE E 262 12.81 4.01 -15.94
C PHE E 262 13.16 2.55 -15.67
N GLN E 263 12.97 2.09 -14.44
CA GLN E 263 13.22 0.69 -14.07
C GLN E 263 11.96 0.16 -13.39
N PRO E 264 10.93 -0.19 -14.16
CA PRO E 264 9.69 -0.71 -13.56
C PRO E 264 9.86 -2.05 -12.87
N SER E 265 11.04 -2.67 -12.97
CA SER E 265 11.30 -3.89 -12.21
C SER E 265 11.19 -3.66 -10.70
N PHE E 266 11.35 -2.41 -10.25
CA PHE E 266 11.16 -2.11 -8.84
C PHE E 266 9.73 -2.37 -8.41
N LEU E 267 8.76 -1.91 -9.21
CA LEU E 267 7.36 -2.21 -8.94
C LEU E 267 6.95 -3.58 -9.45
N GLY E 268 7.81 -4.28 -10.19
CA GLY E 268 7.57 -5.65 -10.56
C GLY E 268 6.93 -5.85 -11.92
N MET E 269 6.38 -4.80 -12.51
CA MET E 269 5.79 -4.94 -13.84
C MET E 269 6.87 -5.23 -14.87
N GLU E 270 6.58 -6.16 -15.78
CA GLU E 270 7.56 -6.55 -16.79
C GLU E 270 7.73 -5.48 -17.87
N SER E 271 6.79 -4.56 -17.97
CA SER E 271 6.87 -3.53 -19.00
C SER E 271 8.14 -2.70 -18.83
N CYS E 272 8.71 -2.31 -19.96
CA CYS E 272 9.94 -1.53 -19.95
C CYS E 272 9.67 -0.10 -19.49
N GLY E 273 10.75 0.63 -19.22
CA GLY E 273 10.65 1.96 -18.67
C GLY E 273 10.07 2.96 -19.65
N ILE E 274 9.90 4.19 -19.15
CA ILE E 274 9.31 5.25 -19.97
C ILE E 274 10.21 5.57 -21.15
N HIS E 275 11.53 5.68 -20.91
CA HIS E 275 12.45 5.98 -22.00
C HIS E 275 12.46 4.86 -23.03
N GLU E 276 12.44 3.60 -22.58
CA GLU E 276 12.44 2.49 -23.52
C GLU E 276 11.14 2.46 -24.33
N THR E 277 10.01 2.77 -23.70
CA THR E 277 8.76 2.82 -24.44
C THR E 277 8.77 3.94 -25.47
N THR E 278 9.32 5.10 -25.10
CA THR E 278 9.44 6.19 -26.07
C THR E 278 10.30 5.78 -27.25
N PHE E 279 11.43 5.13 -26.97
CA PHE E 279 12.31 4.67 -28.04
C PHE E 279 11.62 3.63 -28.93
N ASN E 280 10.88 2.70 -28.32
CA ASN E 280 10.15 1.71 -29.09
C ASN E 280 9.09 2.36 -29.97
N SER E 281 8.37 3.35 -29.43
CA SER E 281 7.40 4.07 -30.23
C SER E 281 8.07 4.81 -31.38
N ILE E 282 9.28 5.32 -31.15
CA ILE E 282 10.03 5.96 -32.22
C ILE E 282 10.35 4.98 -33.33
N MET E 283 10.83 3.78 -32.98
CA MET E 283 11.17 2.81 -34.02
C MET E 283 9.91 2.22 -34.68
N LYS E 284 8.77 2.26 -33.99
CA LYS E 284 7.55 1.72 -34.59
C LYS E 284 7.09 2.51 -35.81
N CYS E 285 7.49 3.77 -35.93
CA CYS E 285 7.03 4.60 -37.03
C CYS E 285 7.83 4.30 -38.29
N ASP E 286 7.63 5.13 -39.31
CA ASP E 286 8.31 4.95 -40.58
C ASP E 286 9.79 5.27 -40.44
N VAL E 287 10.59 4.68 -41.33
CA VAL E 287 12.04 4.85 -41.27
C VAL E 287 12.49 6.24 -41.68
N ASP E 288 11.65 7.00 -42.39
CA ASP E 288 12.03 8.32 -42.85
C ASP E 288 11.69 9.43 -41.86
N ILE E 289 10.60 9.29 -41.10
CA ILE E 289 10.17 10.33 -40.17
C ILE E 289 10.73 10.12 -38.77
N ARG E 290 11.74 9.27 -38.63
CA ARG E 290 12.29 8.98 -37.30
C ARG E 290 13.06 10.18 -36.75
N LYS E 291 13.84 10.85 -37.58
CA LYS E 291 14.71 11.91 -37.08
C LYS E 291 13.92 13.11 -36.58
N ASP E 292 12.83 13.48 -37.27
CA ASP E 292 12.01 14.59 -36.82
C ASP E 292 11.34 14.27 -35.49
N LEU E 293 10.91 13.02 -35.31
CA LEU E 293 10.39 12.61 -34.01
C LEU E 293 11.48 12.69 -32.94
N TYR E 294 12.70 12.27 -33.28
CA TYR E 294 13.80 12.34 -32.32
C TYR E 294 14.06 13.76 -31.88
N ALA E 295 14.05 14.70 -32.84
CA ALA E 295 14.39 16.08 -32.54
C ALA E 295 13.27 16.85 -31.88
N ASN E 296 12.08 16.28 -31.75
CA ASN E 296 10.93 17.02 -31.23
C ASN E 296 10.13 16.18 -30.25
N THR E 297 10.81 15.49 -29.35
CA THR E 297 10.10 14.78 -28.28
C THR E 297 9.57 15.79 -27.27
N VAL E 298 8.30 15.65 -26.90
CA VAL E 298 7.63 16.59 -26.01
C VAL E 298 7.13 15.83 -24.79
N LEU E 299 7.39 16.40 -23.61
CA LEU E 299 6.89 15.85 -22.36
C LEU E 299 5.71 16.69 -21.86
N SER E 300 4.87 16.05 -21.06
CA SER E 300 3.69 16.72 -20.50
C SER E 300 3.25 15.93 -19.27
N GLY E 301 2.04 16.23 -18.78
CA GLY E 301 1.49 15.51 -17.66
C GLY E 301 1.92 16.06 -16.32
N GLY E 302 1.45 15.41 -15.27
CA GLY E 302 1.74 15.82 -13.92
C GLY E 302 2.83 15.02 -13.26
N THR E 303 3.33 13.99 -13.94
CA THR E 303 4.42 13.16 -13.45
C THR E 303 5.72 13.43 -14.19
N THR E 304 5.86 14.62 -14.79
CA THR E 304 7.06 15.00 -15.49
C THR E 304 7.78 16.17 -14.83
N MET E 305 7.12 16.89 -13.93
CA MET E 305 7.72 18.07 -13.30
C MET E 305 9.06 17.75 -12.66
N TYR E 306 9.33 16.49 -12.30
CA TYR E 306 10.46 16.14 -11.45
C TYR E 306 11.74 16.79 -11.97
N PRO E 307 12.64 17.17 -11.08
CA PRO E 307 13.95 17.69 -11.53
C PRO E 307 14.76 16.60 -12.21
N GLY E 308 15.55 17.02 -13.21
CA GLY E 308 16.45 16.11 -13.90
C GLY E 308 15.80 15.12 -14.82
N ILE E 309 14.47 15.17 -14.97
CA ILE E 309 13.79 14.21 -15.83
C ILE E 309 14.23 14.38 -17.28
N ALA E 310 14.36 15.63 -17.73
CA ALA E 310 14.77 15.87 -19.10
C ALA E 310 16.19 15.37 -19.35
N ASP E 311 17.10 15.62 -18.41
CA ASP E 311 18.48 15.17 -18.58
C ASP E 311 18.56 13.65 -18.60
N ARG E 312 17.87 12.99 -17.68
CA ARG E 312 17.90 11.52 -17.64
C ARG E 312 17.28 10.93 -18.91
N MET E 313 16.16 11.49 -19.35
CA MET E 313 15.54 10.99 -20.57
C MET E 313 16.45 11.20 -21.77
N GLN E 314 17.10 12.36 -21.86
CA GLN E 314 18.00 12.62 -22.96
C GLN E 314 19.16 11.63 -22.96
N LYS E 315 19.76 11.38 -21.79
CA LYS E 315 20.87 10.44 -21.73
C LYS E 315 20.44 9.03 -22.13
N GLU E 316 19.30 8.57 -21.58
CA GLU E 316 18.86 7.21 -21.88
C GLU E 316 18.48 7.06 -23.34
N ILE E 317 17.77 8.04 -23.92
CA ILE E 317 17.35 7.93 -25.30
C ILE E 317 18.54 8.10 -26.24
N THR E 318 19.58 8.81 -25.80
CA THR E 318 20.79 8.88 -26.60
C THR E 318 21.53 7.55 -26.59
N ALA E 319 21.59 6.90 -25.43
CA ALA E 319 22.21 5.58 -25.36
C ALA E 319 21.45 4.57 -26.20
N LEU E 320 20.12 4.63 -26.17
CA LEU E 320 19.32 3.66 -26.92
C LEU E 320 19.38 3.95 -28.43
N ALA E 321 19.23 5.21 -28.81
CA ALA E 321 19.15 5.59 -30.21
C ALA E 321 20.53 5.52 -30.86
N PRO E 322 20.58 5.37 -32.18
CA PRO E 322 21.86 5.36 -32.88
C PRO E 322 22.57 6.71 -32.76
N SER E 323 23.88 6.68 -32.94
CA SER E 323 24.70 7.89 -32.87
C SER E 323 24.43 8.80 -34.05
N THR E 324 25.12 9.94 -34.10
CA THR E 324 24.89 10.96 -35.13
C THR E 324 23.43 11.35 -35.17
N MET E 325 22.78 11.38 -34.02
CA MET E 325 21.36 11.68 -33.92
C MET E 325 21.15 12.64 -32.75
N LYS E 326 20.51 13.77 -33.03
CA LYS E 326 20.26 14.80 -32.02
C LYS E 326 18.86 14.64 -31.46
N ILE E 327 18.79 14.30 -30.18
CA ILE E 327 17.50 14.12 -29.51
C ILE E 327 17.28 15.24 -28.52
N LYS E 328 16.63 16.32 -28.96
CA LYS E 328 16.35 17.45 -28.08
C LYS E 328 15.08 17.19 -27.29
N ILE E 329 15.21 16.90 -26.00
CA ILE E 329 14.05 16.62 -25.15
C ILE E 329 13.37 17.94 -24.84
N ILE E 330 12.31 18.26 -25.57
CA ILE E 330 11.61 19.51 -25.37
C ILE E 330 10.75 19.38 -24.11
N ALA E 331 11.16 20.06 -23.03
CA ALA E 331 10.46 20.00 -21.75
C ALA E 331 10.19 21.44 -21.31
N PRO E 332 9.21 22.10 -21.89
CA PRO E 332 8.94 23.49 -21.52
C PRO E 332 8.32 23.57 -20.14
N PRO E 333 8.37 24.72 -19.49
CA PRO E 333 7.64 24.89 -18.23
C PRO E 333 6.14 24.79 -18.47
N GLU E 334 5.41 24.67 -17.36
CA GLU E 334 3.96 24.48 -17.34
C GLU E 334 3.54 23.18 -18.01
N ARG E 335 4.36 22.13 -17.94
CA ARG E 335 3.95 20.83 -18.46
C ARG E 335 2.73 20.30 -17.71
N LYS E 336 2.55 20.74 -16.47
CA LYS E 336 1.40 20.29 -15.69
C LYS E 336 0.09 20.72 -16.34
N TYR E 337 0.04 21.95 -16.86
CA TYR E 337 -1.16 22.48 -17.48
C TYR E 337 -1.06 22.53 -19.00
N SER E 338 -0.02 21.94 -19.59
CA SER E 338 0.14 22.00 -21.04
C SER E 338 -1.03 21.33 -21.76
N VAL E 339 -1.57 20.26 -21.19
CA VAL E 339 -2.71 19.60 -21.80
C VAL E 339 -3.91 20.54 -21.88
N TRP E 340 -4.17 21.26 -20.79
CA TRP E 340 -5.27 22.21 -20.79
C TRP E 340 -5.01 23.37 -21.74
N ILE E 341 -3.76 23.84 -21.81
CA ILE E 341 -3.45 24.92 -22.74
C ILE E 341 -3.71 24.47 -24.18
N GLY E 342 -3.29 23.25 -24.52
CA GLY E 342 -3.56 22.73 -25.84
C GLY E 342 -5.05 22.58 -26.12
N GLY E 343 -5.80 22.12 -25.13
CA GLY E 343 -7.24 22.04 -25.29
C GLY E 343 -7.88 23.39 -25.54
N SER E 344 -7.41 24.41 -24.80
CA SER E 344 -7.92 25.77 -25.01
C SER E 344 -7.58 26.27 -26.42
N ILE E 345 -6.37 25.99 -26.88
CA ILE E 345 -5.98 26.39 -28.24
C ILE E 345 -6.86 25.70 -29.27
N LEU E 346 -7.09 24.40 -29.10
CA LEU E 346 -7.91 23.66 -30.05
C LEU E 346 -9.34 24.18 -30.08
N ALA E 347 -9.91 24.47 -28.90
CA ALA E 347 -11.27 25.00 -28.87
C ALA E 347 -11.34 26.40 -29.44
N SER E 348 -10.28 27.21 -29.27
CA SER E 348 -10.29 28.56 -29.80
C SER E 348 -10.11 28.59 -31.31
N LEU E 349 -9.43 27.60 -31.87
CA LEU E 349 -9.27 27.53 -33.33
C LEU E 349 -10.63 27.51 -34.01
N SER E 350 -10.78 28.32 -35.05
CA SER E 350 -12.07 28.47 -35.73
C SER E 350 -12.37 27.29 -36.64
N THR E 351 -11.35 26.72 -37.28
CA THR E 351 -11.60 25.58 -38.17
C THR E 351 -12.15 24.38 -37.41
N PHE E 352 -11.64 24.15 -36.20
CA PHE E 352 -12.09 23.02 -35.39
C PHE E 352 -13.51 23.22 -34.88
N GLN E 353 -14.04 24.44 -34.91
CA GLN E 353 -15.36 24.72 -34.37
C GLN E 353 -16.48 24.01 -35.13
N GLN E 354 -16.23 23.51 -36.33
CA GLN E 354 -17.26 22.82 -37.09
C GLN E 354 -17.25 21.31 -36.85
N MET E 355 -16.19 20.77 -36.28
CA MET E 355 -16.06 19.33 -36.02
C MET E 355 -16.60 18.94 -34.66
N TRP E 356 -17.57 19.67 -34.12
CA TRP E 356 -18.10 19.37 -32.81
C TRP E 356 -19.32 18.45 -32.92
N ILE E 357 -19.60 17.73 -31.83
CA ILE E 357 -20.76 16.85 -31.77
C ILE E 357 -21.91 17.66 -31.18
N SER E 358 -22.80 18.13 -32.06
CA SER E 358 -23.93 18.93 -31.62
C SER E 358 -24.98 18.06 -30.94
N LYS E 359 -25.87 18.72 -30.18
CA LYS E 359 -26.92 17.99 -29.48
C LYS E 359 -27.89 17.33 -30.46
N GLN E 360 -28.20 18.01 -31.56
CA GLN E 360 -29.08 17.43 -32.57
C GLN E 360 -28.45 16.19 -33.19
N GLU E 361 -27.15 16.26 -33.51
CA GLU E 361 -26.48 15.09 -34.06
C GLU E 361 -26.44 13.94 -33.06
N TYR E 362 -26.24 14.26 -31.78
CA TYR E 362 -26.28 13.21 -30.77
C TYR E 362 -27.64 12.55 -30.71
N ASP E 363 -28.71 13.34 -30.58
CA ASP E 363 -30.05 12.77 -30.53
C ASP E 363 -30.38 11.99 -31.79
N GLU E 364 -29.80 12.37 -32.93
CA GLU E 364 -30.04 11.65 -34.17
C GLU E 364 -29.35 10.29 -34.19
N SER E 365 -28.07 10.23 -33.79
CA SER E 365 -27.30 9.00 -33.96
C SER E 365 -26.85 8.38 -32.65
N GLY E 366 -26.15 9.14 -31.81
CA GLY E 366 -25.70 8.62 -30.53
C GLY E 366 -24.28 8.07 -30.49
N PRO E 367 -24.07 6.98 -29.75
CA PRO E 367 -22.75 6.35 -29.63
C PRO E 367 -21.93 6.32 -30.91
N SER E 368 -22.60 6.10 -32.03
CA SER E 368 -21.89 6.07 -33.29
C SER E 368 -21.34 7.44 -33.60
N ILE E 369 -22.21 8.44 -33.53
CA ILE E 369 -21.74 9.81 -33.69
C ILE E 369 -20.50 10.09 -32.85
N VAL E 370 -20.36 9.46 -31.68
CA VAL E 370 -19.22 9.82 -30.83
C VAL E 370 -17.92 9.06 -31.08
N HIS E 371 -18.01 7.86 -31.65
CA HIS E 371 -16.78 7.15 -31.98
C HIS E 371 -16.51 7.37 -33.45
N ARG E 372 -17.22 8.32 -34.04
CA ARG E 372 -17.00 8.64 -35.45
C ARG E 372 -16.40 10.03 -35.56
N LYS E 373 -16.37 10.77 -34.46
CA LYS E 373 -15.73 12.08 -34.46
C LYS E 373 -14.74 12.13 -33.31
N CYS E 374 -13.57 11.55 -33.50
CA CYS E 374 -12.55 11.50 -32.45
C CYS E 374 -11.16 11.36 -33.06
N ILE F 5 6.27 32.29 -79.16
CA ILE F 5 6.77 32.25 -77.78
C ILE F 5 7.72 31.07 -77.62
N ALA F 6 8.31 30.96 -76.44
CA ALA F 6 9.26 29.89 -76.16
C ALA F 6 8.53 28.59 -75.90
N ALA F 7 8.87 27.55 -76.67
CA ALA F 7 8.25 26.26 -76.51
C ALA F 7 8.74 25.58 -75.22
N LEU F 8 7.91 24.69 -74.70
CA LEU F 8 8.19 23.96 -73.48
C LEU F 8 8.49 22.51 -73.80
N VAL F 9 9.58 21.99 -73.26
CA VAL F 9 9.98 20.60 -73.46
C VAL F 9 9.87 19.88 -72.12
N VAL F 10 9.09 18.80 -72.10
CA VAL F 10 8.86 18.07 -70.86
C VAL F 10 9.16 16.61 -71.06
N ASP F 11 10.12 16.08 -70.31
CA ASP F 11 10.41 14.65 -70.37
C ASP F 11 9.94 13.96 -69.10
N ASN F 12 8.93 13.12 -69.20
CA ASN F 12 8.35 12.43 -68.06
C ASN F 12 9.00 11.06 -67.82
N GLY F 13 9.97 10.67 -68.62
CA GLY F 13 10.67 9.42 -68.44
C GLY F 13 11.76 9.53 -67.39
N SER F 14 12.60 8.49 -67.34
CA SER F 14 13.74 8.42 -66.43
C SER F 14 13.33 8.49 -64.97
N GLY F 15 12.04 8.26 -64.68
CA GLY F 15 11.55 8.24 -63.32
C GLY F 15 11.28 9.62 -62.74
N MET F 16 12.01 10.63 -63.20
CA MET F 16 11.87 11.99 -62.72
C MET F 16 11.46 12.90 -63.87
N CYS F 17 10.39 13.65 -63.66
CA CYS F 17 9.88 14.55 -64.69
C CYS F 17 10.78 15.78 -64.79
N LYS F 18 11.42 15.95 -65.94
CA LYS F 18 12.31 17.08 -66.20
C LYS F 18 11.68 17.96 -67.27
N ALA F 19 11.48 19.23 -66.95
CA ALA F 19 10.81 20.14 -67.86
C ALA F 19 11.48 21.52 -67.79
N GLY F 20 11.35 22.27 -68.88
CA GLY F 20 11.93 23.59 -68.93
C GLY F 20 11.76 24.18 -70.32
N PHE F 21 12.12 25.46 -70.43
CA PHE F 21 11.98 26.17 -71.67
C PHE F 21 12.97 25.65 -72.72
N ALA F 22 12.59 25.76 -73.98
CA ALA F 22 13.44 25.31 -75.07
C ALA F 22 14.58 26.29 -75.30
N GLY F 23 15.77 25.74 -75.60
CA GLY F 23 16.95 26.52 -75.86
C GLY F 23 17.99 26.43 -74.76
N ASP F 24 17.57 26.25 -73.51
CA ASP F 24 18.50 26.19 -72.40
C ASP F 24 19.31 24.89 -72.45
N ASP F 25 20.53 24.95 -71.92
CA ASP F 25 21.40 23.78 -71.87
C ASP F 25 21.08 22.85 -70.71
N ALA F 26 20.26 23.29 -69.76
CA ALA F 26 19.85 22.46 -68.64
C ALA F 26 18.36 22.67 -68.38
N PRO F 27 17.66 21.66 -67.89
CA PRO F 27 16.23 21.84 -67.58
C PRO F 27 16.03 22.80 -66.42
N ARG F 28 14.96 23.58 -66.49
CA ARG F 28 14.69 24.56 -65.44
C ARG F 28 14.20 23.88 -64.17
N ALA F 29 13.28 22.92 -64.30
CA ALA F 29 12.71 22.23 -63.15
C ALA F 29 12.89 20.73 -63.31
N VAL F 30 13.35 20.09 -62.24
CA VAL F 30 13.49 18.63 -62.21
C VAL F 30 13.04 18.13 -60.85
N PHE F 31 12.31 17.02 -60.85
CA PHE F 31 11.78 16.43 -59.63
C PHE F 31 11.27 15.03 -59.97
N PRO F 32 11.21 14.14 -58.98
CA PRO F 32 10.68 12.79 -59.25
C PRO F 32 9.23 12.86 -59.71
N SER F 33 8.89 12.00 -60.67
CA SER F 33 7.52 11.89 -61.16
C SER F 33 6.76 11.00 -60.18
N ILE F 34 6.39 11.60 -59.05
CA ILE F 34 5.86 10.87 -57.91
C ILE F 34 4.65 11.61 -57.36
N VAL F 35 3.63 10.85 -56.97
CA VAL F 35 2.41 11.40 -56.39
C VAL F 35 2.19 10.74 -55.04
N GLY F 36 1.97 11.55 -54.01
CA GLY F 36 1.81 11.05 -52.66
C GLY F 36 0.42 11.32 -52.13
N ARG F 37 -0.10 10.37 -51.35
CA ARG F 37 -1.40 10.50 -50.70
C ARG F 37 -1.29 10.04 -49.26
N PRO F 38 -2.02 10.66 -48.34
CA PRO F 38 -1.88 10.32 -46.92
C PRO F 38 -2.29 8.88 -46.64
N ARG F 39 -1.59 8.26 -45.69
CA ARG F 39 -1.88 6.89 -45.28
C ARG F 39 -2.65 6.80 -43.97
N HIS F 40 -2.64 7.85 -43.17
CA HIS F 40 -3.32 7.86 -41.88
C HIS F 40 -4.17 9.11 -41.75
N GLN F 41 -5.32 8.97 -41.09
CA GLN F 41 -6.18 10.12 -40.85
C GLN F 41 -5.53 11.07 -39.85
N GLY F 42 -5.50 12.35 -40.19
CA GLY F 42 -4.81 13.31 -39.36
C GLY F 42 -5.63 13.78 -38.16
N VAL F 43 -4.93 14.28 -37.16
CA VAL F 43 -5.54 14.86 -35.98
C VAL F 43 -5.40 16.38 -35.96
N MET F 44 -4.30 16.90 -36.49
CA MET F 44 -4.13 18.34 -36.65
C MET F 44 -5.28 18.90 -37.49
N VAL F 45 -5.89 19.97 -37.01
CA VAL F 45 -6.95 20.63 -37.77
C VAL F 45 -6.52 22.01 -38.25
N GLY F 46 -5.71 22.71 -37.45
CA GLY F 46 -5.22 24.01 -37.86
C GLY F 46 -4.24 23.92 -39.02
N MET F 47 -3.37 22.90 -38.99
CA MET F 47 -2.37 22.74 -40.05
C MET F 47 -3.06 22.47 -41.38
N GLY F 48 -2.58 23.15 -42.43
CA GLY F 48 -3.13 22.97 -43.75
C GLY F 48 -2.79 21.60 -44.30
N GLN F 49 -3.78 20.74 -44.47
CA GLN F 49 -3.59 19.40 -44.99
C GLN F 49 -4.20 19.33 -46.38
N LYS F 50 -3.38 18.98 -47.37
CA LYS F 50 -3.84 18.83 -48.74
C LYS F 50 -4.01 17.35 -49.07
N ASP F 51 -5.00 17.06 -49.92
CA ASP F 51 -5.38 15.68 -50.19
C ASP F 51 -4.28 14.92 -50.94
N SER F 52 -3.54 15.60 -51.81
CA SER F 52 -2.52 14.94 -52.61
C SER F 52 -1.23 15.75 -52.60
N TYR F 53 -0.11 15.03 -52.60
CA TYR F 53 1.21 15.63 -52.69
C TYR F 53 1.90 15.14 -53.95
N VAL F 54 2.55 16.06 -54.66
CA VAL F 54 3.16 15.77 -55.95
C VAL F 54 4.59 16.28 -55.96
N GLY F 55 5.53 15.41 -56.34
CA GLY F 55 6.89 15.86 -56.60
C GLY F 55 7.67 16.10 -55.33
N ASP F 56 8.28 17.29 -55.25
CA ASP F 56 9.21 17.59 -54.16
C ASP F 56 8.52 17.58 -52.81
N GLU F 57 7.27 18.05 -52.73
CA GLU F 57 6.55 18.01 -51.47
C GLU F 57 6.34 16.57 -51.01
N ALA F 58 5.96 15.68 -51.94
CA ALA F 58 5.80 14.28 -51.60
C ALA F 58 7.12 13.66 -51.18
N GLN F 59 8.22 14.09 -51.81
CA GLN F 59 9.53 13.62 -51.40
C GLN F 59 9.85 14.07 -49.98
N SER F 60 9.52 15.31 -49.65
CA SER F 60 9.78 15.83 -48.31
C SER F 60 8.97 15.07 -47.26
N LYS F 61 7.70 14.79 -47.55
CA LYS F 61 6.83 14.05 -46.63
C LYS F 61 6.76 12.57 -47.00
N ARG F 62 7.89 12.01 -47.47
CA ARG F 62 7.90 10.66 -48.00
C ARG F 62 7.53 9.62 -46.94
N GLY F 63 7.85 9.89 -45.68
CA GLY F 63 7.68 8.88 -44.64
C GLY F 63 6.24 8.58 -44.29
N ILE F 64 5.32 9.50 -44.52
CA ILE F 64 3.94 9.34 -44.11
C ILE F 64 2.99 9.41 -45.30
N LEU F 65 3.49 9.06 -46.48
CA LEU F 65 2.69 9.09 -47.68
C LEU F 65 2.86 7.77 -48.44
N THR F 66 1.85 7.44 -49.24
CA THR F 66 1.95 6.36 -50.19
C THR F 66 2.33 6.93 -51.55
N LEU F 67 3.32 6.32 -52.18
CA LEU F 67 3.92 6.85 -53.40
C LEU F 67 3.60 5.93 -54.56
N LYS F 68 2.97 6.47 -55.60
CA LYS F 68 2.64 5.72 -56.80
C LYS F 68 3.21 6.45 -58.01
N TYR F 69 4.09 5.78 -58.74
CA TYR F 69 4.62 6.35 -59.96
C TYR F 69 3.58 6.25 -61.07
N PRO F 70 3.12 7.37 -61.63
CA PRO F 70 2.16 7.27 -62.74
C PRO F 70 2.71 6.53 -63.95
N ILE F 71 3.96 6.77 -64.28
CA ILE F 71 4.50 6.15 -65.47
C ILE F 71 5.09 4.84 -65.05
N GLU F 72 4.57 3.76 -65.60
CA GLU F 72 5.07 2.44 -65.27
C GLU F 72 5.66 1.89 -66.55
N HIS F 73 6.84 1.27 -66.45
CA HIS F 73 7.53 0.82 -67.67
C HIS F 73 7.57 2.01 -68.55
N GLY F 74 6.85 1.99 -69.66
CA GLY F 74 6.77 3.17 -70.50
C GLY F 74 5.33 3.54 -70.75
N ILE F 75 4.43 3.10 -69.89
CA ILE F 75 3.01 3.33 -70.11
C ILE F 75 2.44 4.01 -68.88
N VAL F 76 1.30 4.67 -69.06
CA VAL F 76 0.68 5.41 -67.96
C VAL F 76 -0.25 4.47 -67.20
N THR F 77 -0.10 4.43 -65.88
CA THR F 77 -0.97 3.62 -65.03
C THR F 77 -2.02 4.44 -64.30
N ASN F 78 -1.89 5.77 -64.28
CA ASN F 78 -2.88 6.61 -63.61
C ASN F 78 -2.88 7.97 -64.31
N TRP F 79 -3.83 8.16 -65.24
CA TRP F 79 -3.90 9.40 -65.98
C TRP F 79 -4.27 10.57 -65.08
N ASP F 80 -5.04 10.33 -64.03
CA ASP F 80 -5.33 11.40 -63.07
C ASP F 80 -4.05 11.85 -62.38
N ASP F 81 -3.21 10.91 -61.95
CA ASP F 81 -1.96 11.27 -61.31
C ASP F 81 -1.01 11.98 -62.27
N MET F 82 -0.95 11.54 -63.52
CA MET F 82 -0.08 12.24 -64.47
C MET F 82 -0.62 13.62 -64.80
N GLU F 83 -1.94 13.79 -64.84
CA GLU F 83 -2.50 15.12 -65.01
C GLU F 83 -2.14 16.01 -63.83
N LYS F 84 -2.17 15.46 -62.61
CA LYS F 84 -1.75 16.24 -61.45
C LYS F 84 -0.29 16.64 -61.55
N ILE F 85 0.57 15.71 -61.98
CA ILE F 85 2.00 16.02 -62.13
C ILE F 85 2.21 17.10 -63.18
N TRP F 86 1.48 17.01 -64.29
CA TRP F 86 1.61 18.02 -65.34
C TRP F 86 1.13 19.37 -64.86
N HIS F 87 0.04 19.41 -64.10
CA HIS F 87 -0.43 20.65 -63.52
C HIS F 87 0.61 21.24 -62.58
N HIS F 88 1.24 20.40 -61.78
CA HIS F 88 2.31 20.88 -60.90
C HIS F 88 3.47 21.45 -61.72
N THR F 89 3.86 20.75 -62.79
CA THR F 89 4.95 21.25 -63.62
C THR F 89 4.61 22.60 -64.24
N PHE F 90 3.38 22.74 -64.75
CA PHE F 90 3.00 23.94 -65.48
C PHE F 90 2.72 25.13 -64.57
N TYR F 91 2.27 24.91 -63.34
CA TYR F 91 1.84 26.02 -62.50
C TYR F 91 2.71 26.27 -61.27
N ASN F 92 3.34 25.25 -60.71
CA ASN F 92 4.11 25.40 -59.49
C ASN F 92 5.61 25.24 -59.68
N GLU F 93 6.06 24.78 -60.85
CA GLU F 93 7.48 24.60 -61.10
C GLU F 93 7.99 25.54 -62.18
N LEU F 94 7.38 25.53 -63.37
CA LEU F 94 7.82 26.41 -64.44
C LEU F 94 7.15 27.78 -64.38
N ARG F 95 6.01 27.89 -63.69
CA ARG F 95 5.30 29.15 -63.51
C ARG F 95 5.00 29.83 -64.85
N VAL F 96 4.33 29.07 -65.72
CA VAL F 96 3.96 29.57 -67.05
C VAL F 96 2.61 28.98 -67.42
N ALA F 97 1.70 29.83 -67.85
CA ALA F 97 0.38 29.37 -68.27
C ALA F 97 0.50 28.66 -69.61
N PRO F 98 0.10 27.38 -69.71
CA PRO F 98 0.21 26.67 -70.99
C PRO F 98 -0.75 27.18 -72.06
N GLU F 99 -1.64 28.12 -71.72
CA GLU F 99 -2.59 28.63 -72.68
C GLU F 99 -1.94 29.41 -73.82
N GLU F 100 -0.67 29.79 -73.68
CA GLU F 100 0.01 30.54 -74.74
C GLU F 100 1.43 30.05 -74.97
N HIS F 101 1.75 28.79 -74.65
CA HIS F 101 3.08 28.26 -74.83
C HIS F 101 2.99 26.87 -75.45
N PRO F 102 3.56 26.67 -76.64
CA PRO F 102 3.57 25.33 -77.23
C PRO F 102 4.39 24.35 -76.41
N VAL F 103 3.98 23.09 -76.42
CA VAL F 103 4.55 22.07 -75.54
C VAL F 103 5.07 20.91 -76.38
N LEU F 104 6.19 20.35 -75.95
CA LEU F 104 6.78 19.17 -76.56
C LEU F 104 7.01 18.11 -75.48
N LEU F 105 6.72 16.85 -75.80
CA LEU F 105 6.83 15.76 -74.86
C LEU F 105 7.67 14.65 -75.44
N THR F 106 7.95 13.65 -74.61
CA THR F 106 8.75 12.49 -75.00
C THR F 106 7.99 11.21 -74.68
N GLU F 107 8.23 10.18 -75.48
CA GLU F 107 7.60 8.88 -75.28
C GLU F 107 8.53 7.80 -75.81
N ALA F 108 8.61 6.68 -75.09
CA ALA F 108 9.47 5.59 -75.49
C ALA F 108 8.92 4.93 -76.76
N PRO F 109 9.81 4.38 -77.60
CA PRO F 109 9.34 3.68 -78.79
C PRO F 109 8.62 2.39 -78.44
N LEU F 110 7.77 1.94 -79.36
CA LEU F 110 6.92 0.77 -79.17
C LEU F 110 6.04 0.94 -77.93
N ASN F 111 5.23 1.98 -77.97
CA ASN F 111 4.32 2.31 -76.88
C ASN F 111 2.90 2.41 -77.41
N PRO F 112 1.91 2.04 -76.60
CA PRO F 112 0.52 2.05 -77.07
C PRO F 112 0.04 3.40 -77.56
N LYS F 113 -0.51 3.45 -78.78
CA LYS F 113 -1.12 4.69 -79.20
C LYS F 113 -2.39 4.98 -78.42
N ALA F 114 -2.90 4.01 -77.65
CA ALA F 114 -3.90 4.36 -76.65
C ALA F 114 -3.32 5.33 -75.64
N ASN F 115 -2.10 5.04 -75.16
CA ASN F 115 -1.41 5.95 -74.25
C ASN F 115 -1.12 7.28 -74.93
N ARG F 116 -0.66 7.24 -76.18
CA ARG F 116 -0.37 8.48 -76.89
C ARG F 116 -1.62 9.33 -77.07
N GLU F 117 -2.75 8.69 -77.42
CA GLU F 117 -3.99 9.40 -77.60
C GLU F 117 -4.49 10.01 -76.29
N LYS F 118 -4.40 9.27 -75.18
CA LYS F 118 -4.81 9.85 -73.92
C LYS F 118 -3.90 11.02 -73.54
N MET F 119 -2.60 10.90 -73.83
CA MET F 119 -1.68 12.01 -73.62
C MET F 119 -2.14 13.26 -74.37
N THR F 120 -2.38 13.11 -75.68
CA THR F 120 -2.76 14.25 -76.49
C THR F 120 -4.11 14.83 -76.05
N GLN F 121 -5.07 13.96 -75.76
CA GLN F 121 -6.39 14.41 -75.33
C GLN F 121 -6.30 15.18 -74.02
N ILE F 122 -5.53 14.68 -73.06
CA ILE F 122 -5.36 15.39 -71.80
C ILE F 122 -4.76 16.76 -72.05
N MET F 123 -3.66 16.81 -72.80
CA MET F 123 -2.96 18.08 -72.99
C MET F 123 -3.75 19.07 -73.84
N PHE F 124 -4.68 18.60 -74.66
CA PHE F 124 -5.44 19.50 -75.53
C PHE F 124 -6.78 19.92 -74.94
N GLU F 125 -7.39 19.09 -74.10
CA GLU F 125 -8.67 19.45 -73.51
C GLU F 125 -8.55 19.97 -72.08
N THR F 126 -7.42 19.78 -71.43
CA THR F 126 -7.21 20.28 -70.08
C THR F 126 -6.37 21.55 -70.06
N PHE F 127 -5.19 21.51 -70.68
CA PHE F 127 -4.29 22.67 -70.70
C PHE F 127 -4.48 23.54 -71.93
N ASN F 128 -5.32 23.12 -72.88
CA ASN F 128 -5.60 23.84 -74.13
C ASN F 128 -4.37 24.52 -74.72
N THR F 129 -3.27 23.79 -74.84
CA THR F 129 -2.05 24.36 -75.38
C THR F 129 -2.20 24.62 -76.88
N PRO F 130 -1.81 25.80 -77.37
CA PRO F 130 -1.91 26.10 -78.80
C PRO F 130 -1.32 25.03 -79.72
N ALA F 131 -0.23 24.38 -79.33
CA ALA F 131 0.40 23.38 -80.19
C ALA F 131 1.02 22.30 -79.32
N MET F 132 1.28 21.16 -79.92
CA MET F 132 1.82 20.02 -79.17
C MET F 132 2.55 19.10 -80.15
N TYR F 133 3.43 18.28 -79.59
CA TYR F 133 4.14 17.28 -80.38
C TYR F 133 4.69 16.22 -79.44
N VAL F 134 4.80 14.99 -79.94
CA VAL F 134 5.34 13.87 -79.19
C VAL F 134 6.50 13.28 -79.98
N ALA F 135 7.64 13.12 -79.33
CA ALA F 135 8.85 12.62 -79.97
C ALA F 135 9.41 11.44 -79.18
N ILE F 136 10.29 10.69 -79.83
CA ILE F 136 10.94 9.54 -79.21
C ILE F 136 12.09 10.03 -78.35
N GLN F 137 12.25 9.42 -77.17
CA GLN F 137 13.25 9.88 -76.21
C GLN F 137 14.66 9.71 -76.76
N ALA F 138 14.96 8.54 -77.32
CA ALA F 138 16.33 8.26 -77.74
C ALA F 138 16.70 9.05 -78.99
N VAL F 139 15.73 9.38 -79.83
CA VAL F 139 15.98 10.31 -80.93
C VAL F 139 16.40 11.66 -80.37
N LEU F 140 15.75 12.09 -79.29
CA LEU F 140 16.18 13.33 -78.64
C LEU F 140 17.59 13.19 -78.06
N SER F 141 17.92 12.01 -77.53
CA SER F 141 19.28 11.81 -77.04
C SER F 141 20.29 11.94 -78.17
N LEU F 142 19.98 11.37 -79.34
CA LEU F 142 20.85 11.54 -80.49
C LEU F 142 20.93 12.99 -80.92
N TYR F 143 19.83 13.73 -80.78
CA TYR F 143 19.87 15.17 -81.04
C TYR F 143 20.86 15.86 -80.12
N ALA F 144 20.83 15.51 -78.83
CA ALA F 144 21.71 16.13 -77.86
C ALA F 144 23.17 15.79 -78.14
N SER F 145 23.44 14.55 -78.56
CA SER F 145 24.80 14.16 -78.89
C SER F 145 25.32 14.85 -80.15
N GLY F 146 24.46 15.50 -80.91
CA GLY F 146 24.90 16.22 -82.10
C GLY F 146 25.05 15.41 -83.36
N ARG F 147 25.61 14.21 -83.25
CA ARG F 147 25.82 13.37 -84.42
C ARG F 147 24.48 12.95 -85.04
N THR F 148 24.45 12.91 -86.37
CA THR F 148 23.26 12.51 -87.11
C THR F 148 23.30 11.04 -87.51
N THR F 149 24.18 10.26 -86.88
CA THR F 149 24.28 8.83 -87.16
C THR F 149 24.84 8.09 -85.95
N GLY F 150 24.20 7.00 -85.57
CA GLY F 150 24.68 6.21 -84.45
C GLY F 150 23.56 5.70 -83.56
N ILE F 151 23.67 4.43 -83.14
CA ILE F 151 22.67 3.85 -82.27
C ILE F 151 22.70 4.54 -80.92
N VAL F 152 21.52 4.84 -80.39
CA VAL F 152 21.37 5.42 -79.07
C VAL F 152 20.68 4.39 -78.18
N MET F 153 21.37 3.97 -77.12
CA MET F 153 20.81 3.01 -76.17
C MET F 153 20.31 3.81 -74.98
N ASP F 154 19.02 4.10 -74.99
CA ASP F 154 18.40 4.81 -73.89
C ASP F 154 17.88 3.81 -72.87
N SER F 155 18.08 4.13 -71.59
CA SER F 155 17.60 3.26 -70.52
C SER F 155 17.19 4.15 -69.35
N GLY F 156 15.91 4.51 -69.32
CA GLY F 156 15.36 5.28 -68.24
C GLY F 156 14.92 4.39 -67.09
N ASP F 157 14.25 4.99 -66.12
CA ASP F 157 13.76 4.22 -64.98
C ASP F 157 12.64 3.27 -65.36
N GLY F 158 12.03 3.45 -66.53
CA GLY F 158 10.94 2.58 -66.95
C GLY F 158 11.23 1.72 -68.17
N VAL F 159 12.03 2.23 -69.11
CA VAL F 159 12.24 1.58 -70.39
C VAL F 159 13.74 1.47 -70.66
N THR F 160 14.10 0.51 -71.51
CA THR F 160 15.45 0.39 -72.05
C THR F 160 15.32 0.03 -73.53
N HIS F 161 15.61 0.99 -74.40
CA HIS F 161 15.38 0.82 -75.82
C HIS F 161 16.54 1.38 -76.63
N THR F 162 16.69 0.87 -77.85
CA THR F 162 17.71 1.34 -78.78
C THR F 162 17.05 1.60 -80.13
N VAL F 163 17.34 2.76 -80.73
CA VAL F 163 16.81 3.07 -82.06
C VAL F 163 17.96 3.48 -82.98
N PRO F 164 18.56 2.53 -83.70
CA PRO F 164 19.65 2.89 -84.61
C PRO F 164 19.18 3.87 -85.68
N ILE F 165 19.99 4.91 -85.90
CA ILE F 165 19.70 5.94 -86.89
C ILE F 165 20.95 6.17 -87.73
N TYR F 166 20.78 6.19 -89.05
CA TYR F 166 21.89 6.35 -89.97
C TYR F 166 21.60 7.49 -90.95
N GLU F 167 22.52 8.46 -90.99
CA GLU F 167 22.55 9.48 -92.05
C GLU F 167 21.21 10.17 -92.23
N GLY F 168 20.54 10.46 -91.12
CA GLY F 168 19.31 11.23 -91.18
C GLY F 168 18.03 10.44 -91.20
N TYR F 169 18.09 9.11 -91.32
CA TYR F 169 16.89 8.29 -91.36
C TYR F 169 16.96 7.23 -90.28
N ALA F 170 15.87 7.07 -89.53
CA ALA F 170 15.80 6.06 -88.49
C ALA F 170 15.58 4.68 -89.09
N LEU F 171 15.66 3.66 -88.24
CA LEU F 171 15.49 2.27 -88.64
C LEU F 171 14.39 1.66 -87.77
N PRO F 172 13.12 1.90 -88.12
CA PRO F 172 12.03 1.40 -87.27
C PRO F 172 11.97 -0.12 -87.19
N HIS F 173 12.56 -0.84 -88.13
CA HIS F 173 12.54 -2.29 -88.09
C HIS F 173 13.60 -2.90 -87.19
N ALA F 174 14.51 -2.09 -86.65
CA ALA F 174 15.57 -2.57 -85.77
C ALA F 174 15.44 -2.03 -84.36
N ILE F 175 14.24 -1.60 -83.97
CA ILE F 175 14.00 -1.05 -82.64
C ILE F 175 13.77 -2.20 -81.67
N LEU F 176 14.61 -2.29 -80.65
CA LEU F 176 14.48 -3.30 -79.60
C LEU F 176 14.19 -2.60 -78.28
N ARG F 177 13.09 -2.98 -77.64
CA ARG F 177 12.71 -2.42 -76.36
C ARG F 177 12.83 -3.49 -75.29
N LEU F 178 13.41 -3.14 -74.15
CA LEU F 178 13.69 -4.07 -73.08
C LEU F 178 13.16 -3.53 -71.76
N ASP F 179 12.75 -4.43 -70.88
CA ASP F 179 11.99 -4.01 -69.70
C ASP F 179 12.88 -3.66 -68.52
N LEU F 180 14.09 -4.22 -68.45
CA LEU F 180 14.98 -3.93 -67.33
C LEU F 180 15.31 -2.44 -67.29
N ALA F 181 15.18 -1.85 -66.11
CA ALA F 181 15.27 -0.40 -65.96
C ALA F 181 15.55 -0.08 -64.49
N GLY F 182 15.37 1.20 -64.15
CA GLY F 182 15.64 1.64 -62.80
C GLY F 182 14.75 0.97 -61.77
N ARG F 183 13.47 0.78 -62.09
CA ARG F 183 12.56 0.14 -61.15
C ARG F 183 12.96 -1.31 -60.89
N ASP F 184 13.31 -2.04 -61.96
CA ASP F 184 13.73 -3.43 -61.78
C ASP F 184 15.05 -3.51 -61.01
N LEU F 185 15.98 -2.60 -61.29
CA LEU F 185 17.23 -2.60 -60.55
C LEU F 185 16.99 -2.29 -59.07
N THR F 186 16.07 -1.37 -58.79
CA THR F 186 15.72 -1.06 -57.40
C THR F 186 15.08 -2.28 -56.72
N ASP F 187 14.24 -3.01 -57.44
CA ASP F 187 13.63 -4.21 -56.88
C ASP F 187 14.69 -5.26 -56.57
N TYR F 188 15.65 -5.44 -57.47
CA TYR F 188 16.73 -6.39 -57.22
C TYR F 188 17.58 -5.94 -56.04
N LEU F 189 17.80 -4.63 -55.90
CA LEU F 189 18.53 -4.13 -54.74
C LEU F 189 17.75 -4.40 -53.46
N MET F 190 16.43 -4.25 -53.50
CA MET F 190 15.60 -4.65 -52.36
C MET F 190 15.83 -6.11 -51.99
N LYS F 191 15.75 -6.99 -52.99
CA LYS F 191 15.88 -8.42 -52.71
C LYS F 191 17.25 -8.75 -52.15
N ILE F 192 18.30 -8.14 -52.69
CA ILE F 192 19.64 -8.44 -52.20
C ILE F 192 19.88 -7.79 -50.84
N LEU F 193 19.20 -6.68 -50.54
CA LEU F 193 19.37 -6.08 -49.23
C LEU F 193 18.69 -6.91 -48.15
N THR F 194 17.48 -7.42 -48.42
CA THR F 194 16.88 -8.33 -47.46
C THR F 194 17.62 -9.67 -47.44
N GLU F 195 18.36 -9.97 -48.51
CA GLU F 195 19.30 -11.09 -48.48
C GLU F 195 20.41 -10.85 -47.46
N ARG F 196 20.95 -9.63 -47.43
CA ARG F 196 21.98 -9.32 -46.44
C ARG F 196 21.40 -9.24 -45.03
N GLY F 197 20.19 -8.71 -44.87
CA GLY F 197 19.57 -8.61 -43.57
C GLY F 197 18.75 -7.35 -43.36
N TYR F 198 18.93 -6.36 -44.24
CA TYR F 198 18.19 -5.11 -44.16
C TYR F 198 16.93 -5.26 -45.01
N SER F 199 15.80 -5.47 -44.35
CA SER F 199 14.54 -5.68 -45.06
C SER F 199 13.89 -4.34 -45.36
N PHE F 200 13.56 -4.11 -46.63
CA PHE F 200 12.86 -2.91 -47.07
C PHE F 200 11.57 -3.29 -47.77
N THR F 201 10.45 -2.84 -47.20
CA THR F 201 9.15 -3.03 -47.86
C THR F 201 8.23 -1.87 -47.56
N THR F 202 8.27 -0.84 -48.40
CA THR F 202 7.50 0.39 -48.28
C THR F 202 7.89 1.24 -49.49
N THR F 203 7.04 2.19 -49.84
CA THR F 203 7.42 3.15 -50.89
C THR F 203 8.56 4.03 -50.43
N ALA F 204 8.54 4.46 -49.16
CA ALA F 204 9.64 5.23 -48.60
C ALA F 204 10.92 4.42 -48.63
N GLU F 205 10.82 3.15 -48.25
CA GLU F 205 11.96 2.24 -48.29
C GLU F 205 12.45 2.08 -49.72
N ARG F 206 11.53 2.04 -50.68
CA ARG F 206 11.91 1.93 -52.08
C ARG F 206 12.69 3.16 -52.54
N GLU F 207 12.24 4.34 -52.11
CA GLU F 207 12.96 5.55 -52.49
C GLU F 207 14.34 5.60 -51.85
N ILE F 208 14.46 5.15 -50.59
CA ILE F 208 15.76 5.09 -49.94
C ILE F 208 16.67 4.11 -50.67
N VAL F 209 16.12 2.97 -51.10
CA VAL F 209 16.90 1.99 -51.85
C VAL F 209 17.34 2.57 -53.18
N ARG F 210 16.47 3.36 -53.82
CA ARG F 210 16.84 4.02 -55.07
C ARG F 210 17.99 4.99 -54.86
N ASP F 211 17.94 5.75 -53.76
CA ASP F 211 19.05 6.65 -53.43
C ASP F 211 20.34 5.88 -53.21
N ILE F 212 20.26 4.77 -52.50
CA ILE F 212 21.43 3.92 -52.27
C ILE F 212 21.98 3.42 -53.60
N LYS F 213 21.09 2.99 -54.49
CA LYS F 213 21.51 2.54 -55.82
C LYS F 213 22.23 3.64 -56.57
N GLU F 214 21.71 4.86 -56.49
CA GLU F 214 22.35 5.98 -57.18
C GLU F 214 23.73 6.27 -56.62
N LYS F 215 23.88 6.22 -55.30
CA LYS F 215 25.09 6.71 -54.66
C LYS F 215 26.11 5.62 -54.30
N LEU F 216 25.81 4.35 -54.53
CA LEU F 216 26.73 3.28 -54.15
C LEU F 216 26.97 2.21 -55.19
N CYS F 217 26.07 1.99 -56.14
CA CYS F 217 26.19 0.89 -57.07
C CYS F 217 27.12 1.24 -58.23
N TYR F 218 27.80 0.22 -58.75
CA TYR F 218 28.68 0.39 -59.89
C TYR F 218 28.78 -0.94 -60.62
N VAL F 219 29.22 -0.87 -61.88
CA VAL F 219 29.32 -2.04 -62.74
C VAL F 219 30.78 -2.43 -62.88
N ALA F 220 31.08 -3.70 -62.64
CA ALA F 220 32.44 -4.19 -62.73
C ALA F 220 32.83 -4.46 -64.19
N LEU F 221 34.09 -4.86 -64.38
CA LEU F 221 34.58 -5.25 -65.70
C LEU F 221 34.60 -6.76 -65.90
N ASP F 222 34.70 -7.53 -64.82
CA ASP F 222 34.62 -8.99 -64.90
C ASP F 222 33.90 -9.48 -63.64
N PHE F 223 32.67 -9.96 -63.82
CA PHE F 223 31.79 -10.22 -62.68
C PHE F 223 32.35 -11.29 -61.77
N GLU F 224 32.88 -12.38 -62.34
CA GLU F 224 33.37 -13.48 -61.51
C GLU F 224 34.54 -13.03 -60.64
N GLN F 225 35.52 -12.34 -61.24
CA GLN F 225 36.67 -11.88 -60.47
C GLN F 225 36.27 -10.84 -59.44
N GLU F 226 35.33 -9.95 -59.80
CA GLU F 226 34.88 -8.96 -58.83
C GLU F 226 34.19 -9.63 -57.65
N MET F 227 33.35 -10.64 -57.91
CA MET F 227 32.68 -11.35 -56.84
C MET F 227 33.69 -12.06 -55.95
N ALA F 228 34.68 -12.71 -56.55
CA ALA F 228 35.71 -13.38 -55.76
C ALA F 228 36.48 -12.40 -54.90
N THR F 229 36.86 -11.25 -55.48
CA THR F 229 37.61 -10.25 -54.72
C THR F 229 36.79 -9.69 -53.57
N ALA F 230 35.50 -9.41 -53.80
CA ALA F 230 34.67 -8.87 -52.74
C ALA F 230 34.40 -9.90 -51.66
N ALA F 231 34.27 -11.18 -52.02
CA ALA F 231 34.02 -12.21 -51.03
C ALA F 231 35.27 -12.61 -50.26
N SER F 232 36.46 -12.38 -50.83
CA SER F 232 37.70 -12.79 -50.17
C SER F 232 38.39 -11.63 -49.44
N SER F 233 38.73 -10.57 -50.16
CA SER F 233 39.49 -9.48 -49.56
C SER F 233 38.62 -8.61 -48.65
N SER F 234 37.33 -8.47 -48.98
CA SER F 234 36.41 -7.63 -48.22
C SER F 234 36.91 -6.18 -48.13
N SER F 235 37.51 -5.70 -49.22
CA SER F 235 37.96 -4.32 -49.32
C SER F 235 37.01 -3.43 -50.10
N LEU F 236 36.03 -4.00 -50.79
CA LEU F 236 35.06 -3.23 -51.55
C LEU F 236 33.87 -2.79 -50.71
N GLU F 237 33.84 -3.16 -49.43
CA GLU F 237 32.71 -2.82 -48.57
C GLU F 237 32.61 -1.31 -48.38
N LYS F 238 31.38 -0.81 -48.44
CA LYS F 238 31.10 0.61 -48.24
C LYS F 238 29.90 0.76 -47.32
N SER F 239 29.84 1.89 -46.63
CA SER F 239 28.78 2.16 -45.67
C SER F 239 27.86 3.25 -46.18
N TYR F 240 26.63 3.24 -45.67
CA TYR F 240 25.65 4.25 -46.01
C TYR F 240 24.85 4.58 -44.76
N GLU F 241 24.37 5.82 -44.68
CA GLU F 241 23.63 6.32 -43.53
C GLU F 241 22.17 6.50 -43.90
N LEU F 242 21.29 5.73 -43.26
CA LEU F 242 19.86 5.89 -43.44
C LEU F 242 19.36 7.10 -42.67
N PRO F 243 18.21 7.65 -43.06
CA PRO F 243 17.63 8.76 -42.28
C PRO F 243 17.30 8.39 -40.85
N ASP F 244 17.09 7.11 -40.55
CA ASP F 244 16.83 6.68 -39.18
C ASP F 244 18.08 6.64 -38.33
N GLY F 245 19.27 6.67 -38.93
CA GLY F 245 20.51 6.67 -38.18
C GLY F 245 21.26 5.36 -38.14
N GLN F 246 20.72 4.30 -38.74
CA GLN F 246 21.37 3.00 -38.75
C GLN F 246 22.22 2.86 -40.00
N VAL F 247 23.50 2.53 -39.82
CA VAL F 247 24.41 2.40 -40.96
C VAL F 247 24.16 1.08 -41.67
N ILE F 248 24.42 1.08 -42.98
CA ILE F 248 24.28 -0.11 -43.81
C ILE F 248 25.61 -0.38 -44.49
N THR F 249 26.16 -1.56 -44.27
CA THR F 249 27.40 -1.99 -44.93
C THR F 249 27.03 -2.85 -46.14
N ILE F 250 27.52 -2.46 -47.31
CA ILE F 250 27.14 -3.09 -48.57
C ILE F 250 28.39 -3.65 -49.23
N GLY F 251 28.35 -4.93 -49.60
CA GLY F 251 29.49 -5.58 -50.21
C GLY F 251 29.26 -5.95 -51.66
N ASN F 252 28.95 -7.23 -51.92
CA ASN F 252 28.72 -7.68 -53.29
C ASN F 252 27.56 -6.95 -53.94
N GLU F 253 26.65 -6.40 -53.14
CA GLU F 253 25.46 -5.75 -53.68
C GLU F 253 25.84 -4.60 -54.61
N ARG F 254 26.98 -3.94 -54.36
CA ARG F 254 27.39 -2.79 -55.16
C ARG F 254 27.42 -3.14 -56.65
N PHE F 255 28.04 -4.27 -56.99
CA PHE F 255 28.14 -4.68 -58.39
C PHE F 255 27.21 -5.84 -58.72
N ARG F 256 26.33 -6.23 -57.81
CA ARG F 256 25.29 -7.18 -58.13
C ARG F 256 23.96 -6.51 -58.46
N CYS F 257 23.69 -5.33 -57.92
CA CYS F 257 22.47 -4.59 -58.26
C CYS F 257 22.44 -4.18 -59.73
N PRO F 258 23.49 -3.60 -60.30
CA PRO F 258 23.45 -3.24 -61.72
C PRO F 258 24.00 -4.31 -62.67
N GLU F 259 24.36 -5.49 -62.16
CA GLU F 259 24.78 -6.57 -63.04
C GLU F 259 23.60 -7.21 -63.76
N ALA F 260 22.39 -6.99 -63.25
CA ALA F 260 21.20 -7.53 -63.89
C ALA F 260 20.99 -6.95 -65.28
N LEU F 261 21.53 -5.76 -65.54
CA LEU F 261 21.41 -5.17 -66.87
C LEU F 261 22.12 -6.00 -67.92
N PHE F 262 23.18 -6.71 -67.53
CA PHE F 262 23.91 -7.58 -68.45
C PHE F 262 23.57 -9.05 -68.29
N GLN F 263 23.12 -9.48 -67.12
CA GLN F 263 22.71 -10.85 -66.86
C GLN F 263 21.31 -10.84 -66.27
N PRO F 264 20.29 -10.65 -67.10
CA PRO F 264 18.91 -10.62 -66.58
C PRO F 264 18.44 -11.94 -66.00
N SER F 265 19.23 -13.01 -66.12
CA SER F 265 18.89 -14.26 -65.47
C SER F 265 18.80 -14.11 -63.96
N PHE F 266 19.45 -13.09 -63.40
CA PHE F 266 19.32 -12.83 -61.97
C PHE F 266 17.89 -12.46 -61.60
N LEU F 267 17.27 -11.58 -62.39
CA LEU F 267 15.86 -11.26 -62.20
C LEU F 267 14.93 -12.28 -62.82
N GLY F 268 15.45 -13.23 -63.59
CA GLY F 268 14.67 -14.34 -64.10
C GLY F 268 14.09 -14.14 -65.48
N MET F 269 14.10 -12.92 -66.01
CA MET F 269 13.59 -12.70 -67.36
C MET F 269 14.51 -13.37 -68.36
N GLU F 270 13.90 -14.02 -69.36
CA GLU F 270 14.68 -14.72 -70.37
C GLU F 270 15.36 -13.77 -71.35
N SER F 271 14.93 -12.52 -71.40
CA SER F 271 15.51 -11.56 -72.33
C SER F 271 17.00 -11.38 -72.06
N CYS F 272 17.76 -11.20 -73.12
CA CYS F 272 19.20 -11.05 -73.01
C CYS F 272 19.54 -9.67 -72.44
N GLY F 273 20.81 -9.50 -72.07
CA GLY F 273 21.25 -8.30 -71.40
C GLY F 273 21.23 -7.08 -72.32
N ILE F 274 21.57 -5.93 -71.72
CA ILE F 274 21.55 -4.68 -72.45
C ILE F 274 22.58 -4.70 -73.58
N HIS F 275 23.78 -5.19 -73.29
CA HIS F 275 24.82 -5.25 -74.32
C HIS F 275 24.42 -6.19 -75.44
N GLU F 276 23.83 -7.34 -75.10
CA GLU F 276 23.40 -8.27 -76.14
C GLU F 276 22.28 -7.69 -76.99
N THR F 277 21.36 -6.96 -76.36
CA THR F 277 20.30 -6.32 -77.14
C THR F 277 20.86 -5.25 -78.06
N THR F 278 21.83 -4.47 -77.58
CA THR F 278 22.47 -3.48 -78.43
C THR F 278 23.14 -4.15 -79.63
N PHE F 279 23.86 -5.24 -79.38
CA PHE F 279 24.53 -5.97 -80.44
C PHE F 279 23.52 -6.54 -81.45
N ASN F 280 22.41 -7.09 -80.94
CA ASN F 280 21.38 -7.62 -81.83
C ASN F 280 20.77 -6.51 -82.67
N SER F 281 20.51 -5.35 -82.07
CA SER F 281 19.99 -4.22 -82.84
C SER F 281 20.99 -3.77 -83.89
N ILE F 282 22.28 -3.87 -83.58
CA ILE F 282 23.31 -3.54 -84.57
C ILE F 282 23.24 -4.48 -85.75
N MET F 283 23.13 -5.79 -85.48
CA MET F 283 23.09 -6.74 -86.60
C MET F 283 21.75 -6.69 -87.34
N LYS F 284 20.69 -6.20 -86.69
CA LYS F 284 19.40 -6.11 -87.37
C LYS F 284 19.41 -5.13 -88.52
N CYS F 285 20.33 -4.16 -88.53
CA CYS F 285 20.34 -3.14 -89.57
C CYS F 285 21.01 -3.67 -90.83
N ASP F 286 21.24 -2.77 -91.78
CA ASP F 286 21.87 -3.15 -93.03
C ASP F 286 23.33 -3.52 -92.82
N VAL F 287 23.86 -4.33 -93.73
CA VAL F 287 25.23 -4.81 -93.62
C VAL F 287 26.26 -3.73 -93.89
N ASP F 288 25.88 -2.64 -94.55
CA ASP F 288 26.82 -1.58 -94.89
C ASP F 288 26.93 -0.50 -93.81
N ILE F 289 25.84 -0.21 -93.10
CA ILE F 289 25.84 0.84 -92.09
C ILE F 289 26.15 0.32 -90.70
N ARG F 290 26.69 -0.90 -90.60
CA ARG F 290 26.97 -1.47 -89.29
C ARG F 290 28.14 -0.77 -88.61
N LYS F 291 29.19 -0.44 -89.36
CA LYS F 291 30.40 0.09 -88.74
C LYS F 291 30.17 1.49 -88.16
N ASP F 292 29.39 2.33 -88.85
CA ASP F 292 29.10 3.65 -88.34
C ASP F 292 28.28 3.57 -87.05
N LEU F 293 27.34 2.62 -86.99
CA LEU F 293 26.61 2.39 -85.75
C LEU F 293 27.55 1.93 -84.65
N TYR F 294 28.49 1.04 -84.99
CA TYR F 294 29.44 0.56 -83.99
C TYR F 294 30.27 1.70 -83.42
N ALA F 295 30.73 2.60 -84.29
CA ALA F 295 31.61 3.67 -83.86
C ALA F 295 30.89 4.81 -83.17
N ASN F 296 29.56 4.81 -83.13
CA ASN F 296 28.81 5.93 -82.58
C ASN F 296 27.66 5.47 -81.70
N THR F 297 27.91 4.49 -80.84
CA THR F 297 26.91 4.09 -79.87
C THR F 297 26.80 5.16 -78.79
N VAL F 298 25.56 5.56 -78.47
CA VAL F 298 25.31 6.64 -77.52
C VAL F 298 24.47 6.10 -76.39
N LEU F 299 24.86 6.41 -75.15
CA LEU F 299 24.09 6.06 -73.98
C LEU F 299 23.35 7.29 -73.45
N SER F 300 22.27 7.04 -72.72
CA SER F 300 21.46 8.10 -72.14
C SER F 300 20.64 7.51 -71.00
N GLY F 301 19.65 8.26 -70.53
CA GLY F 301 18.77 7.79 -69.49
C GLY F 301 19.32 8.02 -68.10
N GLY F 302 18.54 7.55 -67.12
CA GLY F 302 18.89 7.71 -65.73
C GLY F 302 19.48 6.47 -65.11
N THR F 303 19.53 5.38 -65.87
CA THR F 303 20.13 4.13 -65.42
C THR F 303 21.46 3.85 -66.09
N THR F 304 22.13 4.90 -66.57
CA THR F 304 23.42 4.77 -67.21
C THR F 304 24.53 5.46 -66.42
N MET F 305 24.19 6.34 -65.48
CA MET F 305 25.19 7.10 -64.74
C MET F 305 26.22 6.18 -64.08
N TYR F 306 25.90 4.91 -63.83
CA TYR F 306 26.71 4.05 -62.97
C TYR F 306 28.17 4.11 -63.40
N PRO F 307 29.10 4.00 -62.45
CA PRO F 307 30.53 3.93 -62.82
C PRO F 307 30.84 2.64 -63.56
N GLY F 308 31.79 2.74 -64.50
CA GLY F 308 32.26 1.59 -65.22
C GLY F 308 31.30 1.03 -66.26
N ILE F 309 30.14 1.67 -66.45
CA ILE F 309 29.16 1.16 -67.41
C ILE F 309 29.73 1.21 -68.82
N ALA F 310 30.42 2.31 -69.16
CA ALA F 310 30.99 2.43 -70.49
C ALA F 310 32.05 1.39 -70.74
N ASP F 311 32.92 1.16 -69.75
CA ASP F 311 33.98 0.17 -69.92
C ASP F 311 33.41 -1.24 -70.07
N ARG F 312 32.42 -1.59 -69.24
CA ARG F 312 31.84 -2.92 -69.33
C ARG F 312 31.10 -3.11 -70.65
N MET F 313 30.35 -2.09 -71.08
CA MET F 313 29.66 -2.18 -72.36
C MET F 313 30.65 -2.31 -73.51
N GLN F 314 31.74 -1.54 -73.46
CA GLN F 314 32.75 -1.64 -74.52
C GLN F 314 33.36 -3.02 -74.57
N LYS F 315 33.71 -3.59 -73.42
CA LYS F 315 34.31 -4.92 -73.40
C LYS F 315 33.34 -5.96 -73.93
N GLU F 316 32.08 -5.92 -73.47
CA GLU F 316 31.12 -6.93 -73.90
C GLU F 316 30.80 -6.81 -75.38
N ILE F 317 30.62 -5.59 -75.87
CA ILE F 317 30.28 -5.41 -77.28
C ILE F 317 31.49 -5.70 -78.17
N THR F 318 32.71 -5.56 -77.64
CA THR F 318 33.88 -5.96 -78.39
C THR F 318 33.97 -7.48 -78.48
N ALA F 319 33.67 -8.17 -77.37
CA ALA F 319 33.66 -9.62 -77.39
C ALA F 319 32.59 -10.15 -78.36
N LEU F 320 31.41 -9.52 -78.36
CA LEU F 320 30.34 -9.98 -79.22
C LEU F 320 30.60 -9.65 -80.69
N ALA F 321 31.04 -8.43 -80.96
CA ALA F 321 31.22 -7.97 -82.32
C ALA F 321 32.48 -8.58 -82.93
N PRO F 322 32.54 -8.65 -84.26
CA PRO F 322 33.74 -9.17 -84.92
C PRO F 322 34.95 -8.28 -84.66
N SER F 323 36.12 -8.86 -84.81
CA SER F 323 37.37 -8.15 -84.59
C SER F 323 37.61 -7.12 -85.70
N THR F 324 38.73 -6.40 -85.63
CA THR F 324 39.03 -5.32 -86.57
C THR F 324 37.88 -4.32 -86.63
N MET F 325 37.24 -4.09 -85.48
CA MET F 325 36.07 -3.22 -85.40
C MET F 325 36.23 -2.34 -84.17
N LYS F 326 36.16 -1.02 -84.37
CA LYS F 326 36.31 -0.06 -83.28
C LYS F 326 34.95 0.37 -82.78
N ILE F 327 34.64 0.01 -81.54
CA ILE F 327 33.36 0.37 -80.94
C ILE F 327 33.59 1.41 -79.84
N LYS F 328 33.49 2.68 -80.21
CA LYS F 328 33.66 3.76 -79.25
C LYS F 328 32.35 4.03 -78.52
N ILE F 329 32.27 3.62 -77.25
CA ILE F 329 31.06 3.81 -76.47
C ILE F 329 30.99 5.28 -76.06
N ILE F 330 30.21 6.08 -76.80
CA ILE F 330 30.10 7.50 -76.50
C ILE F 330 29.19 7.66 -75.29
N ALA F 331 29.78 8.02 -74.15
CA ALA F 331 29.05 8.20 -72.90
C ALA F 331 29.40 9.57 -72.33
N PRO F 332 28.84 10.64 -72.90
CA PRO F 332 29.17 11.97 -72.42
C PRO F 332 28.56 12.21 -71.05
N PRO F 333 29.06 13.19 -70.29
CA PRO F 333 28.39 13.58 -69.05
C PRO F 333 27.01 14.16 -69.33
N GLU F 334 26.23 14.30 -68.27
CA GLU F 334 24.84 14.75 -68.30
C GLU F 334 23.95 13.81 -69.11
N ARG F 335 24.23 12.50 -69.10
CA ARG F 335 23.34 11.55 -69.74
C ARG F 335 21.96 11.56 -69.09
N LYS F 336 21.89 11.95 -67.82
CA LYS F 336 20.62 11.99 -67.11
C LYS F 336 19.67 12.99 -67.76
N TYR F 337 20.18 14.15 -68.17
CA TYR F 337 19.38 15.19 -68.78
C TYR F 337 19.59 15.29 -70.29
N SER F 338 20.31 14.35 -70.89
CA SER F 338 20.58 14.42 -72.33
C SER F 338 19.28 14.38 -73.14
N VAL F 339 18.30 13.61 -72.68
CA VAL F 339 17.02 13.55 -73.39
C VAL F 339 16.36 14.93 -73.42
N TRP F 340 16.36 15.62 -72.27
CA TRP F 340 15.77 16.95 -72.22
C TRP F 340 16.57 17.93 -73.06
N ILE F 341 17.90 17.82 -73.05
CA ILE F 341 18.71 18.72 -73.88
C ILE F 341 18.38 18.52 -75.34
N GLY F 342 18.25 17.27 -75.78
CA GLY F 342 17.88 17.01 -77.16
C GLY F 342 16.49 17.54 -77.49
N GLY F 343 15.55 17.39 -76.56
CA GLY F 343 14.23 17.95 -76.78
C GLY F 343 14.26 19.46 -76.92
N SER F 344 15.06 20.13 -76.09
CA SER F 344 15.20 21.57 -76.20
C SER F 344 15.81 21.96 -77.53
N ILE F 345 16.82 21.21 -77.99
CA ILE F 345 17.43 21.50 -79.29
C ILE F 345 16.41 21.34 -80.40
N LEU F 346 15.63 20.26 -80.36
CA LEU F 346 14.63 20.02 -81.39
C LEU F 346 13.58 21.10 -81.41
N ALA F 347 13.11 21.53 -80.24
CA ALA F 347 12.12 22.59 -80.19
C ALA F 347 12.69 23.93 -80.65
N SER F 348 13.97 24.18 -80.38
CA SER F 348 14.59 25.44 -80.78
C SER F 348 14.86 25.48 -82.28
N LEU F 349 15.08 24.33 -82.91
CA LEU F 349 15.29 24.29 -84.35
C LEU F 349 14.09 24.91 -85.09
N SER F 350 14.38 25.79 -86.05
CA SER F 350 13.34 26.51 -86.76
C SER F 350 12.61 25.64 -87.78
N THR F 351 13.32 24.73 -88.43
CA THR F 351 12.67 23.87 -89.42
C THR F 351 11.61 22.99 -88.78
N PHE F 352 11.89 22.48 -87.59
CA PHE F 352 10.94 21.61 -86.90
C PHE F 352 9.71 22.36 -86.41
N GLN F 353 9.77 23.69 -86.36
CA GLN F 353 8.66 24.48 -85.82
C GLN F 353 7.40 24.39 -86.67
N GLN F 354 7.49 23.90 -87.91
CA GLN F 354 6.32 23.78 -88.77
C GLN F 354 5.66 22.40 -88.66
N MET F 355 6.35 21.42 -88.10
CA MET F 355 5.82 20.06 -87.98
C MET F 355 5.08 19.84 -86.67
N TRP F 356 4.48 20.89 -86.09
CA TRP F 356 3.79 20.76 -84.82
C TRP F 356 2.32 20.47 -85.06
N ILE F 357 1.67 19.89 -84.04
CA ILE F 357 0.25 19.59 -84.09
C ILE F 357 -0.49 20.78 -83.48
N SER F 358 -1.03 21.65 -84.34
CA SER F 358 -1.72 22.82 -83.86
C SER F 358 -3.09 22.45 -83.28
N LYS F 359 -3.65 23.38 -82.51
CA LYS F 359 -4.96 23.14 -81.91
C LYS F 359 -6.04 23.03 -82.97
N GLN F 360 -5.97 23.85 -84.01
CA GLN F 360 -6.94 23.78 -85.09
C GLN F 360 -6.87 22.43 -85.80
N GLU F 361 -5.65 21.95 -86.08
CA GLU F 361 -5.50 20.64 -86.70
C GLU F 361 -6.05 19.54 -85.81
N TYR F 362 -5.80 19.64 -84.50
CA TYR F 362 -6.36 18.65 -83.58
C TYR F 362 -7.88 18.64 -83.64
N ASP F 363 -8.50 19.81 -83.46
CA ASP F 363 -9.95 19.88 -83.50
C ASP F 363 -10.51 19.41 -84.84
N GLU F 364 -9.73 19.56 -85.92
CA GLU F 364 -10.20 19.11 -87.22
C GLU F 364 -10.15 17.59 -87.34
N SER F 365 -9.06 16.95 -86.91
CA SER F 365 -8.88 15.53 -87.16
C SER F 365 -8.82 14.68 -85.90
N GLY F 366 -7.92 15.01 -84.98
CA GLY F 366 -7.82 14.26 -83.73
C GLY F 366 -6.78 13.15 -83.70
N PRO F 367 -7.12 12.02 -83.05
CA PRO F 367 -6.20 10.88 -82.95
C PRO F 367 -5.40 10.59 -84.20
N SER F 368 -6.02 10.74 -85.35
CA SER F 368 -5.31 10.50 -86.59
C SER F 368 -4.21 11.52 -86.76
N ILE F 369 -4.56 12.78 -86.63
CA ILE F 369 -3.54 13.82 -86.66
C ILE F 369 -2.36 13.47 -85.76
N VAL F 370 -2.58 12.77 -84.66
CA VAL F 370 -1.46 12.54 -83.73
C VAL F 370 -0.60 11.31 -84.01
N HIS F 371 -1.15 10.31 -84.68
CA HIS F 371 -0.34 9.15 -85.04
C HIS F 371 0.10 9.34 -86.47
N ARG F 372 -0.09 10.54 -87.00
CA ARG F 372 0.34 10.83 -88.36
C ARG F 372 1.48 11.82 -88.33
N LYS F 373 1.77 12.39 -87.17
CA LYS F 373 2.90 13.30 -87.04
C LYS F 373 3.73 12.84 -85.86
N CYS F 374 4.56 11.83 -86.07
CA CYS F 374 5.38 11.27 -85.00
C CYS F 374 6.62 10.58 -85.57
#